data_1UHP
#
_entry.id   1UHP
#
_cell.length_a   1.000
_cell.length_b   1.000
_cell.length_c   1.000
_cell.angle_alpha   90.00
_cell.angle_beta   90.00
_cell.angle_gamma   90.00
#
_symmetry.space_group_name_H-M   'P 1'
#
_entity_poly.entity_id   1
_entity_poly.type   'polypeptide(L)'
_entity_poly.pdbx_seq_one_letter_code
;GSSGSSGKSLTLVLHRDSGSLGFNIIGGRPSVDNHDGSSSEGIFVSKIVDSGPAAKEGGLQIHDRIIEVNGRDLSRATHD
QAVEAFKTAKEPIVVQVLRRTSGPSSG
;
_entity_poly.pdbx_strand_id   A
#
# COMPACT_ATOMS: atom_id res chain seq x y z
N GLY A 1 -24.02 9.77 -14.24
CA GLY A 1 -23.12 8.74 -13.75
C GLY A 1 -22.36 9.23 -12.51
N SER A 2 -21.60 8.29 -11.93
CA SER A 2 -20.82 8.61 -10.74
C SER A 2 -19.72 7.57 -10.56
N SER A 3 -18.50 8.00 -10.87
CA SER A 3 -17.34 7.12 -10.74
C SER A 3 -16.07 7.96 -10.58
N GLY A 4 -15.57 7.99 -9.36
CA GLY A 4 -14.36 8.74 -9.06
C GLY A 4 -14.67 9.95 -8.18
N SER A 5 -13.61 10.65 -7.80
CA SER A 5 -13.76 11.82 -6.96
C SER A 5 -12.49 12.67 -7.03
N SER A 6 -11.39 12.08 -6.61
CA SER A 6 -10.11 12.78 -6.62
C SER A 6 -8.97 11.76 -6.77
N GLY A 7 -7.78 12.30 -6.99
CA GLY A 7 -6.60 11.46 -7.15
C GLY A 7 -6.85 10.37 -8.19
N LYS A 8 -5.82 9.55 -8.41
CA LYS A 8 -5.91 8.46 -9.37
C LYS A 8 -5.50 7.15 -8.69
N SER A 9 -6.01 6.07 -9.24
CA SER A 9 -5.71 4.75 -8.70
C SER A 9 -4.98 3.91 -9.75
N LEU A 10 -3.83 3.39 -9.34
CA LEU A 10 -3.03 2.57 -10.24
C LEU A 10 -2.86 1.18 -9.63
N THR A 11 -2.59 0.21 -10.51
CA THR A 11 -2.42 -1.16 -10.07
C THR A 11 -0.95 -1.56 -10.19
N LEU A 12 -0.50 -2.33 -9.20
CA LEU A 12 0.88 -2.79 -9.18
C LEU A 12 0.92 -4.26 -8.74
N VAL A 13 1.72 -5.03 -9.46
CA VAL A 13 1.85 -6.45 -9.17
C VAL A 13 3.12 -6.68 -8.34
N LEU A 14 2.93 -7.16 -7.13
CA LEU A 14 4.04 -7.43 -6.24
C LEU A 14 4.23 -8.95 -6.11
N HIS A 15 5.46 -9.33 -5.79
CA HIS A 15 5.79 -10.72 -5.63
C HIS A 15 6.60 -10.92 -4.35
N ARG A 16 6.96 -12.18 -4.10
CA ARG A 16 7.73 -12.52 -2.91
C ARG A 16 9.02 -13.22 -3.31
N ASP A 17 10.13 -12.50 -3.15
CA ASP A 17 11.43 -13.05 -3.48
C ASP A 17 11.81 -14.12 -2.45
N SER A 18 11.43 -13.85 -1.20
CA SER A 18 11.73 -14.78 -0.12
C SER A 18 11.36 -14.15 1.22
N GLY A 19 10.09 -14.27 1.57
CA GLY A 19 9.59 -13.72 2.82
C GLY A 19 9.96 -12.24 2.94
N SER A 20 9.93 -11.56 1.80
CA SER A 20 10.26 -10.14 1.78
C SER A 20 9.66 -9.50 0.52
N LEU A 21 8.50 -8.89 0.70
CA LEU A 21 7.82 -8.23 -0.41
C LEU A 21 8.80 -7.32 -1.13
N GLY A 22 9.70 -6.73 -0.36
CA GLY A 22 10.71 -5.83 -0.92
C GLY A 22 10.37 -4.37 -0.60
N PHE A 23 9.74 -4.18 0.55
CA PHE A 23 9.36 -2.84 0.98
C PHE A 23 8.82 -2.86 2.40
N ASN A 24 8.46 -1.67 2.88
CA ASN A 24 7.92 -1.54 4.22
C ASN A 24 6.68 -0.64 4.18
N ILE A 25 5.85 -0.79 5.20
CA ILE A 25 4.64 0.00 5.29
C ILE A 25 4.60 0.73 6.63
N ILE A 26 3.79 1.76 6.68
CA ILE A 26 3.66 2.56 7.89
C ILE A 26 2.17 2.77 8.21
N GLY A 27 1.92 3.20 9.43
CA GLY A 27 0.55 3.44 9.87
C GLY A 27 0.07 2.33 10.80
N GLY A 28 -1.18 2.45 11.22
CA GLY A 28 -1.77 1.48 12.12
C GLY A 28 -1.16 1.56 13.51
N ARG A 29 -1.79 2.36 14.35
CA ARG A 29 -1.31 2.54 15.71
C ARG A 29 -2.25 1.83 16.70
N PRO A 30 -1.61 1.13 17.68
CA PRO A 30 -2.38 0.41 18.70
C PRO A 30 -2.99 1.37 19.71
N SER A 31 -3.87 2.23 19.22
CA SER A 31 -4.53 3.19 20.08
C SER A 31 -5.95 3.46 19.57
N VAL A 32 -6.93 3.02 20.35
CA VAL A 32 -8.32 3.20 20.00
C VAL A 32 -8.93 4.27 20.91
N ASP A 33 -8.43 5.48 20.77
CA ASP A 33 -8.91 6.59 21.58
C ASP A 33 -10.33 6.95 21.13
N ASN A 34 -11.15 7.33 22.10
CA ASN A 34 -12.52 7.69 21.83
C ASN A 34 -12.57 8.58 20.57
N HIS A 35 -13.65 8.43 19.82
CA HIS A 35 -13.82 9.20 18.60
C HIS A 35 -13.97 10.68 18.96
N ASP A 36 -13.11 11.49 18.35
CA ASP A 36 -13.14 12.92 18.59
C ASP A 36 -12.25 13.62 17.57
N GLY A 37 -11.01 13.16 17.50
CA GLY A 37 -10.05 13.73 16.57
C GLY A 37 -9.55 12.67 15.59
N SER A 38 -8.25 12.72 15.33
CA SER A 38 -7.63 11.78 14.42
C SER A 38 -8.17 10.37 14.68
N SER A 39 -8.77 9.80 13.64
CA SER A 39 -9.33 8.46 13.74
C SER A 39 -9.00 7.66 12.49
N SER A 40 -9.28 6.37 12.55
CA SER A 40 -9.02 5.48 11.43
C SER A 40 -7.52 5.43 11.15
N GLU A 41 -7.09 4.32 10.58
CA GLU A 41 -5.69 4.13 10.25
C GLU A 41 -5.50 4.03 8.74
N GLY A 42 -4.25 4.11 8.32
CA GLY A 42 -3.93 4.03 6.90
C GLY A 42 -2.61 3.29 6.68
N ILE A 43 -2.49 2.70 5.50
CA ILE A 43 -1.29 1.96 5.15
C ILE A 43 -0.55 2.69 4.02
N PHE A 44 0.68 3.08 4.32
CA PHE A 44 1.50 3.77 3.34
C PHE A 44 2.90 3.16 3.25
N VAL A 45 3.58 3.49 2.17
CA VAL A 45 4.93 2.97 1.94
C VAL A 45 5.94 4.05 2.33
N SER A 46 6.79 3.70 3.29
CA SER A 46 7.81 4.62 3.75
C SER A 46 9.19 4.16 3.26
N LYS A 47 9.26 2.89 2.88
CA LYS A 47 10.51 2.32 2.40
C LYS A 47 10.20 1.34 1.26
N ILE A 48 11.22 1.12 0.44
CA ILE A 48 11.07 0.21 -0.68
C ILE A 48 12.44 -0.38 -1.04
N VAL A 49 12.50 -1.70 -0.98
CA VAL A 49 13.75 -2.40 -1.29
C VAL A 49 13.95 -2.42 -2.80
N ASP A 50 15.04 -1.80 -3.23
CA ASP A 50 15.36 -1.75 -4.65
C ASP A 50 15.49 -3.16 -5.19
N SER A 51 16.45 -3.89 -4.65
CA SER A 51 16.69 -5.26 -5.07
C SER A 51 15.42 -6.09 -4.91
N GLY A 52 14.50 -5.56 -4.10
CA GLY A 52 13.24 -6.23 -3.85
C GLY A 52 12.38 -6.26 -5.10
N PRO A 53 11.46 -7.26 -5.15
CA PRO A 53 10.57 -7.41 -6.29
C PRO A 53 9.46 -6.35 -6.26
N ALA A 54 9.49 -5.54 -5.22
CA ALA A 54 8.50 -4.48 -5.06
C ALA A 54 8.96 -3.25 -5.84
N ALA A 55 10.27 -3.05 -5.85
CA ALA A 55 10.86 -1.92 -6.55
C ALA A 55 11.22 -2.33 -7.98
N LYS A 56 11.52 -3.61 -8.14
CA LYS A 56 11.87 -4.14 -9.44
C LYS A 56 10.67 -4.04 -10.38
N GLU A 57 9.79 -5.02 -10.28
CA GLU A 57 8.60 -5.06 -11.12
C GLU A 57 7.38 -4.61 -10.31
N GLY A 58 7.52 -4.71 -8.99
CA GLY A 58 6.43 -4.32 -8.10
C GLY A 58 5.63 -3.16 -8.69
N GLY A 59 6.34 -2.05 -8.91
CA GLY A 59 5.71 -0.87 -9.45
C GLY A 59 5.37 0.13 -8.35
N LEU A 60 5.44 -0.35 -7.12
CA LEU A 60 5.15 0.49 -5.97
C LEU A 60 5.93 1.80 -6.08
N GLN A 61 5.65 2.70 -5.15
CA GLN A 61 6.31 4.00 -5.13
C GLN A 61 6.37 4.54 -3.71
N ILE A 62 7.59 4.75 -3.23
CA ILE A 62 7.80 5.26 -1.89
C ILE A 62 6.76 6.36 -1.61
N HIS A 63 6.22 6.31 -0.41
CA HIS A 63 5.21 7.29 -0.01
C HIS A 63 3.94 7.09 -0.83
N ASP A 64 3.45 5.87 -0.82
CA ASP A 64 2.24 5.55 -1.57
C ASP A 64 1.24 4.84 -0.63
N ARG A 65 0.00 5.30 -0.70
CA ARG A 65 -1.04 4.72 0.12
C ARG A 65 -1.67 3.50 -0.57
N ILE A 66 -1.51 2.36 0.07
CA ILE A 66 -2.05 1.12 -0.48
C ILE A 66 -3.57 1.12 -0.33
N ILE A 67 -4.23 0.77 -1.42
CA ILE A 67 -5.69 0.73 -1.43
C ILE A 67 -6.16 -0.72 -1.25
N GLU A 68 -5.60 -1.60 -2.07
CA GLU A 68 -5.94 -3.00 -2.00
C GLU A 68 -4.72 -3.86 -2.31
N VAL A 69 -4.75 -5.09 -1.80
CA VAL A 69 -3.65 -6.02 -2.01
C VAL A 69 -4.21 -7.42 -2.23
N ASN A 70 -3.96 -7.94 -3.43
CA ASN A 70 -4.44 -9.26 -3.79
C ASN A 70 -5.96 -9.30 -3.68
N GLY A 71 -6.55 -8.11 -3.62
CA GLY A 71 -8.00 -8.00 -3.52
C GLY A 71 -8.42 -7.72 -2.07
N ARG A 72 -7.42 -7.64 -1.20
CA ARG A 72 -7.68 -7.38 0.21
C ARG A 72 -7.55 -5.88 0.50
N ASP A 73 -8.60 -5.34 1.08
CA ASP A 73 -8.62 -3.93 1.42
C ASP A 73 -7.79 -3.69 2.69
N LEU A 74 -6.88 -2.74 2.59
CA LEU A 74 -6.02 -2.41 3.72
C LEU A 74 -5.99 -0.89 3.91
N SER A 75 -6.88 -0.21 3.19
CA SER A 75 -6.96 1.23 3.26
C SER A 75 -7.18 1.67 4.71
N ARG A 76 -8.03 0.92 5.40
CA ARG A 76 -8.33 1.22 6.79
C ARG A 76 -7.78 0.11 7.70
N ALA A 77 -6.81 -0.61 7.17
CA ALA A 77 -6.19 -1.69 7.93
C ALA A 77 -4.95 -1.16 8.65
N THR A 78 -4.35 -2.03 9.45
CA THR A 78 -3.17 -1.68 10.20
C THR A 78 -1.95 -2.46 9.70
N HIS A 79 -0.79 -2.03 10.13
CA HIS A 79 0.45 -2.67 9.73
C HIS A 79 0.32 -4.19 9.94
N ASP A 80 -0.28 -4.55 11.06
CA ASP A 80 -0.47 -5.96 11.38
C ASP A 80 -1.23 -6.64 10.24
N GLN A 81 -2.37 -6.04 9.90
CA GLN A 81 -3.20 -6.58 8.83
C GLN A 81 -2.46 -6.49 7.49
N ALA A 82 -1.98 -5.29 7.20
CA ALA A 82 -1.26 -5.06 5.95
C ALA A 82 -0.17 -6.11 5.79
N VAL A 83 0.63 -6.26 6.84
CA VAL A 83 1.71 -7.23 6.82
C VAL A 83 1.13 -8.61 6.54
N GLU A 84 0.18 -9.02 7.36
CA GLU A 84 -0.45 -10.31 7.20
C GLU A 84 -1.00 -10.47 5.79
N ALA A 85 -1.65 -9.41 5.31
CA ALA A 85 -2.22 -9.42 3.98
C ALA A 85 -1.13 -9.76 2.96
N PHE A 86 -0.06 -8.97 3.00
CA PHE A 86 1.05 -9.18 2.09
C PHE A 86 1.73 -10.52 2.35
N LYS A 87 1.59 -10.99 3.58
CA LYS A 87 2.19 -12.26 3.98
C LYS A 87 1.35 -13.40 3.42
N THR A 88 0.04 -13.32 3.67
CA THR A 88 -0.87 -14.34 3.19
C THR A 88 -1.18 -14.12 1.71
N ALA A 89 -0.68 -13.02 1.18
CA ALA A 89 -0.90 -12.69 -0.21
C ALA A 89 -0.18 -13.72 -1.09
N LYS A 90 -0.74 -13.92 -2.28
CA LYS A 90 -0.16 -14.87 -3.22
C LYS A 90 0.21 -14.13 -4.51
N GLU A 91 1.22 -14.66 -5.18
CA GLU A 91 1.69 -14.06 -6.42
C GLU A 91 0.94 -14.66 -7.61
N PRO A 92 0.63 -13.79 -8.60
CA PRO A 92 1.00 -12.38 -8.49
C PRO A 92 0.09 -11.64 -7.51
N ILE A 93 0.68 -10.70 -6.80
CA ILE A 93 -0.06 -9.92 -5.82
C ILE A 93 -0.51 -8.61 -6.46
N VAL A 94 -1.81 -8.49 -6.65
CA VAL A 94 -2.38 -7.29 -7.25
C VAL A 94 -2.58 -6.23 -6.17
N VAL A 95 -1.77 -5.19 -6.26
CA VAL A 95 -1.85 -4.11 -5.30
C VAL A 95 -2.22 -2.81 -6.02
N GLN A 96 -2.88 -1.93 -5.29
CA GLN A 96 -3.31 -0.65 -5.85
C GLN A 96 -2.94 0.49 -4.89
N VAL A 97 -2.47 1.58 -5.48
CA VAL A 97 -2.08 2.75 -4.71
C VAL A 97 -2.82 3.97 -5.23
N LEU A 98 -2.81 5.03 -4.42
CA LEU A 98 -3.48 6.26 -4.79
C LEU A 98 -2.43 7.35 -5.03
N ARG A 99 -2.26 7.69 -6.30
CA ARG A 99 -1.29 8.71 -6.68
C ARG A 99 -2.01 9.93 -7.25
N ARG A 100 -1.58 11.10 -6.78
CA ARG A 100 -2.17 12.34 -7.23
C ARG A 100 -2.06 12.46 -8.75
N THR A 101 -2.54 13.59 -9.26
CA THR A 101 -2.51 13.83 -10.70
C THR A 101 -1.13 13.51 -11.27
N SER A 102 -1.11 13.19 -12.55
CA SER A 102 0.13 12.86 -13.23
C SER A 102 1.13 14.02 -13.07
N GLY A 103 0.64 15.22 -13.33
CA GLY A 103 1.47 16.40 -13.23
C GLY A 103 0.92 17.38 -12.18
N PRO A 104 1.51 17.28 -10.96
CA PRO A 104 1.10 18.14 -9.86
C PRO A 104 1.62 19.56 -10.05
N SER A 105 0.69 20.51 -10.02
CA SER A 105 1.04 21.91 -10.18
C SER A 105 1.78 22.11 -11.51
N SER A 106 1.87 23.37 -11.91
CA SER A 106 2.53 23.71 -13.15
C SER A 106 1.80 23.09 -14.33
N GLY A 107 0.89 23.86 -14.91
CA GLY A 107 0.11 23.39 -16.05
C GLY A 107 1.02 22.82 -17.14
N GLY A 1 -16.83 15.06 -17.75
CA GLY A 1 -16.67 14.76 -16.34
C GLY A 1 -16.21 15.99 -15.57
N SER A 2 -17.07 16.47 -14.69
CA SER A 2 -16.75 17.64 -13.88
C SER A 2 -17.39 17.51 -12.50
N SER A 3 -16.78 18.19 -11.54
CA SER A 3 -17.28 18.17 -10.17
C SER A 3 -17.09 16.77 -9.59
N GLY A 4 -16.36 16.72 -8.47
CA GLY A 4 -16.11 15.45 -7.81
C GLY A 4 -14.61 15.26 -7.55
N SER A 5 -14.26 15.14 -6.28
CA SER A 5 -12.87 14.95 -5.90
C SER A 5 -12.51 13.47 -5.99
N SER A 6 -11.33 13.21 -6.53
CA SER A 6 -10.85 11.85 -6.66
C SER A 6 -9.50 11.85 -7.39
N GLY A 7 -8.47 11.48 -6.66
CA GLY A 7 -7.13 11.43 -7.21
C GLY A 7 -7.04 10.38 -8.33
N LYS A 8 -6.13 9.43 -8.14
CA LYS A 8 -5.95 8.38 -9.13
C LYS A 8 -5.53 7.09 -8.41
N SER A 9 -5.92 5.98 -9.00
CA SER A 9 -5.59 4.68 -8.44
C SER A 9 -4.92 3.80 -9.49
N LEU A 10 -3.67 3.46 -9.23
CA LEU A 10 -2.91 2.63 -10.14
C LEU A 10 -2.75 1.23 -9.55
N THR A 11 -2.55 0.26 -10.43
CA THR A 11 -2.39 -1.11 -10.01
C THR A 11 -0.94 -1.55 -10.17
N LEU A 12 -0.48 -2.33 -9.19
CA LEU A 12 0.90 -2.82 -9.21
C LEU A 12 0.92 -4.27 -8.74
N VAL A 13 1.70 -5.08 -9.44
CA VAL A 13 1.81 -6.48 -9.10
C VAL A 13 3.11 -6.72 -8.32
N LEU A 14 2.95 -7.16 -7.09
CA LEU A 14 4.09 -7.42 -6.23
C LEU A 14 4.23 -8.93 -6.02
N HIS A 15 5.45 -9.35 -5.72
CA HIS A 15 5.73 -10.75 -5.49
C HIS A 15 6.34 -10.94 -4.10
N ARG A 16 6.73 -12.17 -3.83
CA ARG A 16 7.33 -12.49 -2.55
C ARG A 16 8.68 -13.18 -2.74
N ASP A 17 9.72 -12.36 -2.80
CA ASP A 17 11.06 -12.88 -2.98
C ASP A 17 11.63 -13.33 -1.63
N SER A 18 11.12 -14.47 -1.18
CA SER A 18 11.56 -15.01 0.09
C SER A 18 11.05 -14.15 1.24
N GLY A 19 9.77 -14.34 1.56
CA GLY A 19 9.15 -13.58 2.63
C GLY A 19 9.67 -12.14 2.67
N SER A 20 9.40 -11.42 1.59
CA SER A 20 9.85 -10.04 1.49
C SER A 20 9.22 -9.38 0.25
N LEU A 21 8.21 -8.56 0.50
CA LEU A 21 7.52 -7.87 -0.57
C LEU A 21 8.52 -6.98 -1.32
N GLY A 22 9.50 -6.48 -0.58
CA GLY A 22 10.52 -5.62 -1.16
C GLY A 22 10.26 -4.15 -0.80
N PHE A 23 9.63 -3.96 0.34
CA PHE A 23 9.32 -2.61 0.81
C PHE A 23 8.81 -2.63 2.25
N ASN A 24 8.48 -1.45 2.74
CA ASN A 24 7.98 -1.32 4.09
C ASN A 24 6.63 -0.59 4.06
N ILE A 25 5.94 -0.65 5.20
CA ILE A 25 4.64 -0.02 5.31
C ILE A 25 4.56 0.75 6.64
N ILE A 26 3.78 1.80 6.64
CA ILE A 26 3.61 2.62 7.83
C ILE A 26 2.12 2.94 8.02
N GLY A 27 1.80 3.43 9.20
CA GLY A 27 0.43 3.79 9.53
C GLY A 27 -0.04 3.07 10.79
N GLY A 28 0.25 1.78 10.84
CA GLY A 28 -0.14 0.97 11.98
C GLY A 28 0.39 1.57 13.29
N ARG A 29 -0.42 1.43 14.34
CA ARG A 29 -0.04 1.96 15.63
C ARG A 29 -0.94 1.36 16.72
N PRO A 30 -0.41 1.37 17.97
CA PRO A 30 -1.15 0.84 19.10
C PRO A 30 -2.26 1.80 19.54
N SER A 31 -3.32 1.83 18.74
CA SER A 31 -4.45 2.71 19.03
C SER A 31 -5.74 2.10 18.47
N VAL A 32 -6.80 2.20 19.26
CA VAL A 32 -8.09 1.68 18.86
C VAL A 32 -9.13 2.80 18.91
N ASP A 33 -9.06 3.68 17.92
CA ASP A 33 -9.99 4.80 17.85
C ASP A 33 -9.64 5.66 16.62
N ASN A 34 -10.69 6.20 16.01
CA ASN A 34 -10.51 7.03 14.84
C ASN A 34 -11.12 8.42 15.11
N HIS A 35 -12.39 8.41 15.49
CA HIS A 35 -13.09 9.63 15.78
C HIS A 35 -14.46 9.32 16.36
N ASP A 36 -15.29 8.70 15.54
CA ASP A 36 -16.63 8.33 15.96
C ASP A 36 -17.05 7.05 15.25
N GLY A 37 -16.88 5.93 15.95
CA GLY A 37 -17.23 4.64 15.40
C GLY A 37 -16.17 3.58 15.74
N SER A 38 -15.25 3.38 14.81
CA SER A 38 -14.19 2.42 15.00
C SER A 38 -12.91 2.91 14.33
N SER A 39 -11.79 2.34 14.76
CA SER A 39 -10.50 2.71 14.21
C SER A 39 -10.50 2.51 12.69
N SER A 40 -9.79 3.39 12.01
CA SER A 40 -9.70 3.32 10.56
C SER A 40 -8.26 3.04 10.14
N GLU A 41 -7.36 3.89 10.64
CA GLU A 41 -5.95 3.75 10.32
C GLU A 41 -5.74 3.73 8.80
N GLY A 42 -4.47 3.77 8.41
CA GLY A 42 -4.13 3.77 7.00
C GLY A 42 -2.80 3.05 6.77
N ILE A 43 -2.57 2.69 5.51
CA ILE A 43 -1.35 2.00 5.13
C ILE A 43 -0.63 2.79 4.04
N PHE A 44 0.65 3.07 4.29
CA PHE A 44 1.45 3.81 3.34
C PHE A 44 2.84 3.19 3.19
N VAL A 45 3.50 3.52 2.09
CA VAL A 45 4.83 3.01 1.83
C VAL A 45 5.87 4.08 2.19
N SER A 46 6.84 3.65 2.98
CA SER A 46 7.90 4.56 3.41
C SER A 46 9.25 4.07 2.88
N LYS A 47 9.42 2.76 2.89
CA LYS A 47 10.66 2.16 2.41
C LYS A 47 10.33 1.19 1.26
N ILE A 48 11.15 1.29 0.21
CA ILE A 48 10.96 0.43 -0.94
C ILE A 48 12.31 -0.15 -1.37
N VAL A 49 12.37 -1.47 -1.42
CA VAL A 49 13.59 -2.16 -1.80
C VAL A 49 13.75 -2.09 -3.33
N ASP A 50 14.90 -1.58 -3.74
CA ASP A 50 15.18 -1.46 -5.16
C ASP A 50 15.15 -2.84 -5.80
N SER A 51 16.22 -3.60 -5.57
CA SER A 51 16.33 -4.94 -6.11
C SER A 51 15.02 -5.71 -5.88
N GLY A 52 14.33 -5.32 -4.82
CA GLY A 52 13.07 -5.97 -4.46
C GLY A 52 12.11 -5.97 -5.66
N PRO A 53 11.18 -6.95 -5.63
CA PRO A 53 10.20 -7.08 -6.70
C PRO A 53 9.12 -6.01 -6.58
N ALA A 54 9.24 -5.21 -5.53
CA ALA A 54 8.28 -4.15 -5.29
C ALA A 54 8.67 -2.91 -6.11
N ALA A 55 9.97 -2.68 -6.17
CA ALA A 55 10.50 -1.54 -6.91
C ALA A 55 10.83 -1.98 -8.34
N LYS A 56 11.42 -3.16 -8.42
CA LYS A 56 11.80 -3.70 -9.72
C LYS A 56 10.59 -3.66 -10.66
N GLU A 57 9.73 -4.66 -10.54
CA GLU A 57 8.55 -4.74 -11.37
C GLU A 57 7.31 -4.29 -10.58
N GLY A 58 7.39 -4.48 -9.27
CA GLY A 58 6.30 -4.09 -8.39
C GLY A 58 5.59 -2.85 -8.92
N GLY A 59 6.37 -1.80 -9.12
CA GLY A 59 5.83 -0.54 -9.61
C GLY A 59 5.51 0.41 -8.46
N LEU A 60 5.53 -0.13 -7.25
CA LEU A 60 5.25 0.65 -6.07
C LEU A 60 6.05 1.96 -6.13
N GLN A 61 5.76 2.83 -5.18
CA GLN A 61 6.44 4.11 -5.10
C GLN A 61 6.41 4.65 -3.67
N ILE A 62 7.60 4.92 -3.16
CA ILE A 62 7.73 5.42 -1.80
C ILE A 62 6.65 6.49 -1.57
N HIS A 63 6.15 6.51 -0.34
CA HIS A 63 5.11 7.47 0.04
C HIS A 63 3.86 7.20 -0.80
N ASP A 64 3.40 5.97 -0.76
CA ASP A 64 2.21 5.58 -1.50
C ASP A 64 1.24 4.86 -0.56
N ARG A 65 0.00 5.31 -0.60
CA ARG A 65 -1.03 4.73 0.23
C ARG A 65 -1.69 3.54 -0.48
N ILE A 66 -1.47 2.36 0.08
CA ILE A 66 -2.04 1.15 -0.51
C ILE A 66 -3.57 1.20 -0.39
N ILE A 67 -4.22 0.71 -1.43
CA ILE A 67 -5.68 0.70 -1.46
C ILE A 67 -6.16 -0.74 -1.34
N GLU A 68 -5.56 -1.62 -2.13
CA GLU A 68 -5.93 -3.01 -2.12
C GLU A 68 -4.69 -3.88 -2.37
N VAL A 69 -4.75 -5.10 -1.85
CA VAL A 69 -3.64 -6.04 -2.01
C VAL A 69 -4.21 -7.44 -2.25
N ASN A 70 -3.91 -7.97 -3.43
CA ASN A 70 -4.38 -9.30 -3.79
C ASN A 70 -5.90 -9.33 -3.70
N GLY A 71 -6.49 -8.15 -3.71
CA GLY A 71 -7.94 -8.04 -3.64
C GLY A 71 -8.39 -7.70 -2.21
N ARG A 72 -7.41 -7.62 -1.32
CA ARG A 72 -7.69 -7.30 0.07
C ARG A 72 -7.50 -5.82 0.33
N ASP A 73 -8.54 -5.19 0.85
CA ASP A 73 -8.49 -3.76 1.14
C ASP A 73 -7.72 -3.54 2.44
N LEU A 74 -6.78 -2.62 2.39
CA LEU A 74 -5.96 -2.30 3.54
C LEU A 74 -5.99 -0.78 3.79
N SER A 75 -6.81 -0.10 2.99
CA SER A 75 -6.93 1.34 3.11
C SER A 75 -7.21 1.73 4.56
N ARG A 76 -8.06 0.93 5.20
CA ARG A 76 -8.42 1.18 6.58
C ARG A 76 -7.87 0.07 7.48
N ALA A 77 -6.86 -0.62 6.97
CA ALA A 77 -6.24 -1.70 7.71
C ALA A 77 -5.00 -1.17 8.45
N THR A 78 -4.49 -2.00 9.35
CA THR A 78 -3.32 -1.62 10.12
C THR A 78 -2.09 -2.37 9.61
N HIS A 79 -0.94 -1.98 10.14
CA HIS A 79 0.32 -2.61 9.75
C HIS A 79 0.21 -4.12 9.91
N ASP A 80 -0.36 -4.53 11.03
CA ASP A 80 -0.54 -5.95 11.31
C ASP A 80 -1.31 -6.60 10.17
N GLN A 81 -2.43 -5.97 9.81
CA GLN A 81 -3.26 -6.48 8.74
C GLN A 81 -2.48 -6.51 7.42
N ALA A 82 -1.97 -5.34 7.05
CA ALA A 82 -1.20 -5.22 5.82
C ALA A 82 -0.14 -6.33 5.77
N VAL A 83 0.63 -6.40 6.84
CA VAL A 83 1.67 -7.40 6.94
C VAL A 83 1.08 -8.78 6.65
N GLU A 84 0.06 -9.13 7.42
CA GLU A 84 -0.60 -10.41 7.25
C GLU A 84 -1.12 -10.56 5.82
N ALA A 85 -1.79 -9.51 5.36
CA ALA A 85 -2.34 -9.50 4.02
C ALA A 85 -1.24 -9.82 3.01
N PHE A 86 -0.17 -9.06 3.10
CA PHE A 86 0.96 -9.24 2.20
C PHE A 86 1.65 -10.59 2.46
N LYS A 87 1.50 -11.07 3.69
CA LYS A 87 2.10 -12.33 4.08
C LYS A 87 1.27 -13.48 3.50
N THR A 88 -0.03 -13.39 3.71
CA THR A 88 -0.94 -14.42 3.22
C THR A 88 -1.23 -14.20 1.74
N ALA A 89 -0.79 -13.06 1.24
CA ALA A 89 -0.99 -12.71 -0.16
C ALA A 89 -0.28 -13.74 -1.04
N LYS A 90 -0.87 -14.00 -2.20
CA LYS A 90 -0.30 -14.94 -3.14
C LYS A 90 0.14 -14.21 -4.41
N GLU A 91 1.15 -14.77 -5.05
CA GLU A 91 1.67 -14.18 -6.28
C GLU A 91 0.95 -14.76 -7.50
N PRO A 92 0.69 -13.86 -8.49
CA PRO A 92 1.07 -12.47 -8.36
C PRO A 92 0.14 -11.72 -7.39
N ILE A 93 0.73 -10.77 -6.67
CA ILE A 93 -0.03 -9.98 -5.71
C ILE A 93 -0.43 -8.66 -6.35
N VAL A 94 -1.74 -8.52 -6.56
CA VAL A 94 -2.26 -7.31 -7.16
C VAL A 94 -2.44 -6.24 -6.08
N VAL A 95 -1.60 -5.21 -6.16
CA VAL A 95 -1.65 -4.12 -5.20
C VAL A 95 -2.03 -2.83 -5.93
N GLN A 96 -2.67 -1.94 -5.18
CA GLN A 96 -3.09 -0.67 -5.74
C GLN A 96 -2.74 0.47 -4.77
N VAL A 97 -2.39 1.61 -5.36
CA VAL A 97 -2.04 2.77 -4.58
C VAL A 97 -2.81 3.99 -5.10
N LEU A 98 -2.80 5.04 -4.28
CA LEU A 98 -3.50 6.26 -4.65
C LEU A 98 -2.47 7.38 -4.88
N ARG A 99 -2.42 7.83 -6.12
CA ARG A 99 -1.49 8.88 -6.49
C ARG A 99 -2.26 10.15 -6.91
N ARG A 100 -1.73 11.27 -6.47
CA ARG A 100 -2.35 12.55 -6.79
C ARG A 100 -2.67 12.63 -8.29
N THR A 101 -3.38 13.68 -8.66
CA THR A 101 -3.76 13.89 -10.05
C THR A 101 -3.10 15.16 -10.59
N SER A 102 -2.29 14.96 -11.62
CA SER A 102 -1.59 16.08 -12.24
C SER A 102 -1.14 15.69 -13.65
N GLY A 103 -0.50 14.54 -13.74
CA GLY A 103 -0.02 14.05 -15.02
C GLY A 103 1.51 13.99 -15.04
N PRO A 104 2.07 14.04 -16.28
CA PRO A 104 3.51 13.99 -16.46
C PRO A 104 4.15 15.33 -16.09
N SER A 105 5.48 15.35 -16.10
CA SER A 105 6.22 16.55 -15.77
C SER A 105 6.48 17.38 -17.03
N SER A 106 6.41 18.69 -16.87
CA SER A 106 6.63 19.59 -17.99
C SER A 106 8.07 20.11 -17.95
N GLY A 107 8.94 19.36 -18.64
CA GLY A 107 10.35 19.73 -18.71
C GLY A 107 10.76 20.05 -20.14
N GLY A 1 -26.01 16.53 -1.83
CA GLY A 1 -25.18 16.87 -2.96
C GLY A 1 -23.86 17.48 -2.50
N SER A 2 -22.95 16.61 -2.08
CA SER A 2 -21.64 17.06 -1.61
C SER A 2 -20.57 16.07 -2.07
N SER A 3 -19.99 16.38 -3.23
CA SER A 3 -18.94 15.54 -3.79
C SER A 3 -17.57 16.11 -3.45
N GLY A 4 -16.58 15.24 -3.43
CA GLY A 4 -15.21 15.65 -3.13
C GLY A 4 -14.27 14.46 -3.18
N SER A 5 -12.98 14.76 -3.00
CA SER A 5 -11.96 13.73 -3.02
C SER A 5 -12.00 12.97 -4.35
N SER A 6 -10.95 13.17 -5.13
CA SER A 6 -10.84 12.53 -6.43
C SER A 6 -9.38 12.37 -6.82
N GLY A 7 -8.83 11.21 -6.49
CA GLY A 7 -7.44 10.92 -6.79
C GLY A 7 -7.33 9.82 -7.86
N LYS A 8 -6.09 9.51 -8.23
CA LYS A 8 -5.84 8.49 -9.23
C LYS A 8 -5.45 7.19 -8.52
N SER A 9 -5.82 6.08 -9.15
CA SER A 9 -5.51 4.77 -8.61
C SER A 9 -4.77 3.93 -9.65
N LEU A 10 -3.58 3.49 -9.28
CA LEU A 10 -2.77 2.67 -10.17
C LEU A 10 -2.60 1.28 -9.56
N THR A 11 -2.50 0.29 -10.44
CA THR A 11 -2.33 -1.08 -10.01
C THR A 11 -0.88 -1.51 -10.16
N LEU A 12 -0.41 -2.28 -9.18
CA LEU A 12 0.95 -2.77 -9.19
C LEU A 12 0.98 -4.22 -8.73
N VAL A 13 1.74 -5.03 -9.45
CA VAL A 13 1.84 -6.44 -9.13
C VAL A 13 3.15 -6.68 -8.36
N LEU A 14 3.00 -7.14 -7.13
CA LEU A 14 4.14 -7.41 -6.28
C LEU A 14 4.28 -8.93 -6.09
N HIS A 15 5.51 -9.34 -5.80
CA HIS A 15 5.79 -10.75 -5.59
C HIS A 15 6.48 -10.95 -4.24
N ARG A 16 6.95 -12.16 -4.02
CA ARG A 16 7.64 -12.48 -2.78
C ARG A 16 9.07 -12.96 -3.07
N ASP A 17 10.02 -12.11 -2.70
CA ASP A 17 11.42 -12.43 -2.92
C ASP A 17 12.04 -12.90 -1.60
N SER A 18 11.88 -14.19 -1.34
CA SER A 18 12.42 -14.78 -0.12
C SER A 18 11.91 -14.01 1.10
N GLY A 19 10.67 -14.31 1.47
CA GLY A 19 10.06 -13.66 2.62
C GLY A 19 10.40 -12.16 2.64
N SER A 20 9.91 -11.47 1.63
CA SER A 20 10.15 -10.04 1.52
C SER A 20 9.45 -9.49 0.28
N LEU A 21 8.47 -8.63 0.53
CA LEU A 21 7.72 -8.03 -0.57
C LEU A 21 8.64 -7.08 -1.36
N GLY A 22 9.64 -6.58 -0.67
CA GLY A 22 10.60 -5.67 -1.29
C GLY A 22 10.31 -4.22 -0.92
N PHE A 23 9.74 -4.05 0.26
CA PHE A 23 9.40 -2.73 0.74
C PHE A 23 8.88 -2.78 2.20
N ASN A 24 8.45 -1.62 2.68
CA ASN A 24 7.93 -1.53 4.03
C ASN A 24 6.71 -0.61 4.04
N ILE A 25 5.94 -0.72 5.11
CA ILE A 25 4.74 0.09 5.26
C ILE A 25 4.77 0.80 6.61
N ILE A 26 3.99 1.86 6.70
CA ILE A 26 3.91 2.64 7.93
C ILE A 26 2.46 2.76 8.37
N GLY A 27 2.28 3.15 9.63
CA GLY A 27 0.94 3.30 10.18
C GLY A 27 0.69 2.27 11.28
N GLY A 28 -0.59 1.96 11.47
CA GLY A 28 -0.99 1.00 12.48
C GLY A 28 -0.72 1.55 13.88
N ARG A 29 -0.02 0.74 14.68
CA ARG A 29 0.30 1.13 16.04
C ARG A 29 -0.98 1.35 16.85
N PRO A 30 -0.81 1.37 18.20
CA PRO A 30 -1.94 1.58 19.09
C PRO A 30 -2.39 3.05 19.07
N SER A 31 -3.61 3.25 19.55
CA SER A 31 -4.17 4.60 19.60
C SER A 31 -5.18 4.69 20.74
N VAL A 32 -6.08 3.73 20.77
CA VAL A 32 -7.11 3.69 21.80
C VAL A 32 -8.05 4.87 21.61
N ASP A 33 -7.57 6.05 21.98
CA ASP A 33 -8.37 7.27 21.86
C ASP A 33 -9.10 7.24 20.52
N ASN A 34 -10.26 7.90 20.51
CA ASN A 34 -11.07 7.96 19.30
C ASN A 34 -11.74 6.60 19.07
N HIS A 35 -13.06 6.61 19.19
CA HIS A 35 -13.83 5.39 19.00
C HIS A 35 -14.53 5.43 17.62
N ASP A 36 -14.59 4.27 17.00
CA ASP A 36 -15.22 4.17 15.70
C ASP A 36 -15.15 2.72 15.22
N GLY A 37 -16.19 2.31 14.50
CA GLY A 37 -16.25 0.96 13.97
C GLY A 37 -16.22 0.95 12.44
N SER A 38 -15.05 1.27 11.91
CA SER A 38 -14.87 1.30 10.47
C SER A 38 -13.40 1.57 10.13
N SER A 39 -12.97 2.79 10.43
CA SER A 39 -11.60 3.19 10.16
C SER A 39 -10.73 2.94 11.39
N SER A 40 -9.43 2.93 11.16
CA SER A 40 -8.48 2.71 12.25
C SER A 40 -7.19 3.48 11.99
N GLU A 41 -6.41 2.96 11.05
CA GLU A 41 -5.15 3.59 10.70
C GLU A 41 -5.01 3.68 9.18
N GLY A 42 -3.84 4.14 8.74
CA GLY A 42 -3.57 4.28 7.33
C GLY A 42 -2.31 3.51 6.93
N ILE A 43 -2.40 2.81 5.81
CA ILE A 43 -1.29 2.03 5.31
C ILE A 43 -0.58 2.81 4.19
N PHE A 44 0.68 3.10 4.42
CA PHE A 44 1.46 3.84 3.44
C PHE A 44 2.87 3.25 3.30
N VAL A 45 3.49 3.53 2.17
CA VAL A 45 4.83 3.03 1.91
C VAL A 45 5.85 4.14 2.19
N SER A 46 6.76 3.83 3.10
CA SER A 46 7.79 4.80 3.47
C SER A 46 9.17 4.26 3.08
N LYS A 47 9.17 3.05 2.54
CA LYS A 47 10.40 2.42 2.13
C LYS A 47 10.12 1.45 0.98
N ILE A 48 11.15 1.21 0.18
CA ILE A 48 11.02 0.32 -0.96
C ILE A 48 12.40 -0.25 -1.32
N VAL A 49 12.40 -1.52 -1.69
CA VAL A 49 13.64 -2.20 -2.05
C VAL A 49 13.84 -2.09 -3.57
N ASP A 50 15.02 -1.62 -3.94
CA ASP A 50 15.35 -1.46 -5.35
C ASP A 50 15.31 -2.84 -6.03
N SER A 51 16.26 -3.68 -5.66
CA SER A 51 16.34 -5.01 -6.22
C SER A 51 15.06 -5.79 -5.90
N GLY A 52 14.29 -5.26 -4.95
CA GLY A 52 13.05 -5.89 -4.55
C GLY A 52 12.05 -5.92 -5.72
N PRO A 53 11.10 -6.87 -5.62
CA PRO A 53 10.08 -7.03 -6.65
C PRO A 53 9.02 -5.91 -6.53
N ALA A 54 9.19 -5.08 -5.52
CA ALA A 54 8.27 -3.99 -5.29
C ALA A 54 8.66 -2.80 -6.17
N ALA A 55 9.96 -2.59 -6.29
CA ALA A 55 10.47 -1.49 -7.11
C ALA A 55 10.74 -2.01 -8.52
N LYS A 56 11.48 -3.10 -8.59
CA LYS A 56 11.82 -3.70 -9.88
C LYS A 56 10.58 -3.66 -10.79
N GLU A 57 9.73 -4.66 -10.61
CA GLU A 57 8.52 -4.76 -11.41
C GLU A 57 7.31 -4.27 -10.60
N GLY A 58 7.39 -4.47 -9.29
CA GLY A 58 6.32 -4.05 -8.40
C GLY A 58 5.63 -2.81 -8.92
N GLY A 59 6.40 -1.73 -9.03
CA GLY A 59 5.87 -0.47 -9.51
C GLY A 59 5.56 0.48 -8.35
N LEU A 60 5.58 -0.08 -7.15
CA LEU A 60 5.32 0.70 -5.96
C LEU A 60 6.18 1.96 -5.97
N GLN A 61 5.91 2.84 -5.02
CA GLN A 61 6.65 4.08 -4.91
C GLN A 61 6.45 4.70 -3.52
N ILE A 62 7.56 4.97 -2.86
CA ILE A 62 7.51 5.56 -1.54
C ILE A 62 6.41 6.62 -1.49
N HIS A 63 5.93 6.89 -0.28
CA HIS A 63 4.88 7.87 -0.09
C HIS A 63 3.65 7.47 -0.92
N ASP A 64 3.27 6.21 -0.78
CA ASP A 64 2.12 5.70 -1.51
C ASP A 64 1.20 4.94 -0.53
N ARG A 65 -0.09 5.26 -0.62
CA ARG A 65 -1.07 4.62 0.24
C ARG A 65 -1.71 3.43 -0.48
N ILE A 66 -1.52 2.26 0.10
CA ILE A 66 -2.07 1.04 -0.47
C ILE A 66 -3.60 1.06 -0.33
N ILE A 67 -4.27 0.64 -1.39
CA ILE A 67 -5.72 0.60 -1.39
C ILE A 67 -6.19 -0.85 -1.26
N GLU A 68 -5.59 -1.71 -2.08
CA GLU A 68 -5.94 -3.11 -2.07
C GLU A 68 -4.70 -3.97 -2.36
N VAL A 69 -4.72 -5.19 -1.85
CA VAL A 69 -3.61 -6.10 -2.04
C VAL A 69 -4.16 -7.52 -2.27
N ASN A 70 -3.91 -8.03 -3.47
CA ASN A 70 -4.37 -9.36 -3.82
C ASN A 70 -5.88 -9.42 -3.69
N GLY A 71 -6.49 -8.24 -3.65
CA GLY A 71 -7.94 -8.14 -3.53
C GLY A 71 -8.35 -7.87 -2.08
N ARG A 72 -7.34 -7.64 -1.25
CA ARG A 72 -7.59 -7.36 0.16
C ARG A 72 -7.45 -5.86 0.43
N ASP A 73 -8.48 -5.31 1.05
CA ASP A 73 -8.49 -3.89 1.39
C ASP A 73 -7.61 -3.65 2.61
N LEU A 74 -6.74 -2.65 2.49
CA LEU A 74 -5.84 -2.32 3.59
C LEU A 74 -5.90 -0.81 3.84
N SER A 75 -6.83 -0.16 3.15
CA SER A 75 -7.00 1.28 3.28
C SER A 75 -7.37 1.62 4.73
N ARG A 76 -8.20 0.78 5.32
CA ARG A 76 -8.62 0.97 6.69
C ARG A 76 -8.04 -0.11 7.60
N ALA A 77 -7.01 -0.76 7.10
CA ALA A 77 -6.35 -1.82 7.85
C ALA A 77 -5.14 -1.25 8.58
N THR A 78 -4.51 -2.10 9.39
CA THR A 78 -3.35 -1.70 10.15
C THR A 78 -2.09 -2.41 9.63
N HIS A 79 -0.96 -2.02 10.18
CA HIS A 79 0.31 -2.61 9.78
C HIS A 79 0.25 -4.13 9.97
N ASP A 80 -0.40 -4.53 11.07
CA ASP A 80 -0.53 -5.94 11.38
C ASP A 80 -1.32 -6.63 10.26
N GLN A 81 -2.48 -6.07 9.97
CA GLN A 81 -3.34 -6.61 8.94
C GLN A 81 -2.66 -6.50 7.57
N ALA A 82 -2.15 -5.30 7.29
CA ALA A 82 -1.48 -5.05 6.03
C ALA A 82 -0.39 -6.10 5.82
N VAL A 83 0.48 -6.21 6.82
CA VAL A 83 1.57 -7.16 6.76
C VAL A 83 1.01 -8.56 6.49
N GLU A 84 0.10 -8.97 7.35
CA GLU A 84 -0.53 -10.28 7.22
C GLU A 84 -1.06 -10.47 5.80
N ALA A 85 -1.77 -9.47 5.32
CA ALA A 85 -2.34 -9.51 3.99
C ALA A 85 -1.24 -9.86 2.98
N PHE A 86 -0.16 -9.08 3.04
CA PHE A 86 0.96 -9.31 2.14
C PHE A 86 1.62 -10.66 2.41
N LYS A 87 1.46 -11.13 3.63
CA LYS A 87 2.03 -12.41 4.02
C LYS A 87 1.17 -13.54 3.46
N THR A 88 -0.13 -13.42 3.68
CA THR A 88 -1.07 -14.42 3.20
C THR A 88 -1.36 -14.21 1.71
N ALA A 89 -0.78 -13.14 1.17
CA ALA A 89 -0.97 -12.81 -0.22
C ALA A 89 -0.20 -13.83 -1.09
N LYS A 90 -0.72 -14.05 -2.29
CA LYS A 90 -0.10 -14.98 -3.21
C LYS A 90 0.26 -14.25 -4.50
N GLU A 91 1.31 -14.72 -5.15
CA GLU A 91 1.77 -14.12 -6.38
C GLU A 91 1.02 -14.74 -7.58
N PRO A 92 0.70 -13.86 -8.57
CA PRO A 92 1.07 -12.46 -8.47
C PRO A 92 0.15 -11.73 -7.49
N ILE A 93 0.74 -10.78 -6.77
CA ILE A 93 -0.01 -10.00 -5.80
C ILE A 93 -0.44 -8.67 -6.43
N VAL A 94 -1.74 -8.54 -6.61
CA VAL A 94 -2.29 -7.33 -7.21
C VAL A 94 -2.46 -6.27 -6.12
N VAL A 95 -1.64 -5.24 -6.21
CA VAL A 95 -1.69 -4.15 -5.24
C VAL A 95 -2.07 -2.86 -5.96
N GLN A 96 -2.72 -1.98 -5.21
CA GLN A 96 -3.15 -0.70 -5.76
C GLN A 96 -2.80 0.43 -4.79
N VAL A 97 -2.41 1.55 -5.38
CA VAL A 97 -2.05 2.73 -4.59
C VAL A 97 -2.84 3.94 -5.08
N LEU A 98 -2.83 4.98 -4.26
CA LEU A 98 -3.54 6.20 -4.60
C LEU A 98 -2.53 7.33 -4.81
N ARG A 99 -2.56 7.88 -6.01
CA ARG A 99 -1.66 8.96 -6.36
C ARG A 99 -2.44 10.17 -6.87
N ARG A 100 -2.02 11.35 -6.42
CA ARG A 100 -2.68 12.58 -6.82
C ARG A 100 -2.76 12.66 -8.35
N THR A 101 -3.21 13.81 -8.82
CA THR A 101 -3.34 14.04 -10.24
C THR A 101 -2.11 14.75 -10.79
N SER A 102 -1.52 14.16 -11.82
CA SER A 102 -0.33 14.73 -12.44
C SER A 102 0.77 14.90 -11.39
N GLY A 103 1.57 13.85 -11.24
CA GLY A 103 2.66 13.88 -10.28
C GLY A 103 3.75 14.87 -10.71
N PRO A 104 4.91 14.76 -10.03
CA PRO A 104 6.04 15.65 -10.33
C PRO A 104 6.71 15.26 -11.64
N SER A 105 7.39 16.23 -12.24
CA SER A 105 8.08 15.99 -13.49
C SER A 105 9.53 16.47 -13.39
N SER A 106 9.68 17.77 -13.16
CA SER A 106 11.00 18.35 -13.04
C SER A 106 11.74 18.28 -14.38
N GLY A 107 12.82 19.03 -14.46
CA GLY A 107 13.62 19.06 -15.67
C GLY A 107 13.39 20.35 -16.46
N GLY A 1 -16.73 22.60 -17.85
CA GLY A 1 -17.37 22.61 -16.55
C GLY A 1 -17.22 21.26 -15.84
N SER A 2 -18.15 20.99 -14.94
CA SER A 2 -18.13 19.74 -14.20
C SER A 2 -16.88 19.67 -13.32
N SER A 3 -17.11 19.84 -12.02
CA SER A 3 -16.01 19.79 -11.06
C SER A 3 -15.36 18.41 -11.07
N GLY A 4 -14.10 18.39 -10.67
CA GLY A 4 -13.35 17.15 -10.62
C GLY A 4 -12.54 17.04 -9.34
N SER A 5 -12.29 15.80 -8.93
CA SER A 5 -11.52 15.55 -7.72
C SER A 5 -10.16 14.96 -8.07
N SER A 6 -9.15 15.39 -7.33
CA SER A 6 -7.80 14.91 -7.57
C SER A 6 -7.58 13.57 -6.86
N GLY A 7 -6.72 12.76 -7.44
CA GLY A 7 -6.42 11.45 -6.88
C GLY A 7 -6.76 10.34 -7.88
N LYS A 8 -5.73 9.57 -8.22
CA LYS A 8 -5.90 8.47 -9.16
C LYS A 8 -5.47 7.16 -8.49
N SER A 9 -5.98 6.06 -9.03
CA SER A 9 -5.66 4.75 -8.49
C SER A 9 -4.96 3.91 -9.56
N LEU A 10 -3.75 3.48 -9.23
CA LEU A 10 -2.96 2.67 -10.13
C LEU A 10 -2.83 1.26 -9.57
N THR A 11 -2.57 0.32 -10.47
CA THR A 11 -2.41 -1.07 -10.08
C THR A 11 -0.95 -1.51 -10.23
N LEU A 12 -0.49 -2.30 -9.27
CA LEU A 12 0.87 -2.78 -9.29
C LEU A 12 0.90 -4.23 -8.80
N VAL A 13 1.64 -5.06 -9.51
CA VAL A 13 1.75 -6.47 -9.16
C VAL A 13 3.06 -6.69 -8.40
N LEU A 14 2.92 -7.12 -7.16
CA LEU A 14 4.08 -7.38 -6.32
C LEU A 14 4.24 -8.89 -6.14
N HIS A 15 5.48 -9.29 -5.88
CA HIS A 15 5.78 -10.70 -5.68
C HIS A 15 6.50 -10.88 -4.34
N ARG A 16 6.67 -12.14 -3.96
CA ARG A 16 7.34 -12.46 -2.71
C ARG A 16 8.66 -13.20 -3.00
N ASP A 17 9.75 -12.53 -2.66
CA ASP A 17 11.07 -13.09 -2.87
C ASP A 17 11.65 -13.55 -1.52
N SER A 18 11.11 -14.66 -1.03
CA SER A 18 11.56 -15.21 0.23
C SER A 18 11.10 -14.31 1.39
N GLY A 19 9.83 -14.43 1.72
CA GLY A 19 9.27 -13.64 2.80
C GLY A 19 9.84 -12.21 2.79
N SER A 20 9.58 -11.52 1.69
CA SER A 20 10.07 -10.15 1.55
C SER A 20 9.46 -9.52 0.30
N LEU A 21 8.41 -8.73 0.51
CA LEU A 21 7.74 -8.07 -0.58
C LEU A 21 8.73 -7.14 -1.30
N GLY A 22 9.64 -6.60 -0.52
CA GLY A 22 10.64 -5.70 -1.06
C GLY A 22 10.34 -4.24 -0.69
N PHE A 23 9.71 -4.08 0.47
CA PHE A 23 9.35 -2.76 0.94
C PHE A 23 8.78 -2.82 2.36
N ASN A 24 8.41 -1.65 2.87
CA ASN A 24 7.84 -1.56 4.20
C ASN A 24 6.64 -0.62 4.19
N ILE A 25 5.85 -0.70 5.24
CA ILE A 25 4.67 0.13 5.36
C ILE A 25 4.67 0.84 6.71
N ILE A 26 3.90 1.91 6.80
CA ILE A 26 3.81 2.68 8.03
C ILE A 26 2.35 2.81 8.44
N GLY A 27 2.15 3.22 9.69
CA GLY A 27 0.81 3.39 10.21
C GLY A 27 0.51 2.35 11.30
N GLY A 28 -0.77 2.05 11.45
CA GLY A 28 -1.22 1.09 12.44
C GLY A 28 -0.93 1.59 13.86
N ARG A 29 0.17 1.12 14.42
CA ARG A 29 0.56 1.51 15.76
C ARG A 29 -0.46 1.01 16.78
N PRO A 30 0.08 0.48 17.92
CA PRO A 30 -0.78 -0.04 18.97
C PRO A 30 -1.43 1.10 19.76
N SER A 31 -2.38 1.76 19.11
CA SER A 31 -3.08 2.87 19.75
C SER A 31 -4.47 3.04 19.11
N VAL A 32 -5.31 3.78 19.80
CA VAL A 32 -6.66 4.03 19.33
C VAL A 32 -7.37 4.98 20.30
N ASP A 33 -7.12 4.76 21.58
CA ASP A 33 -7.74 5.58 22.61
C ASP A 33 -9.22 5.80 22.27
N ASN A 34 -10.01 4.78 22.53
CA ASN A 34 -11.44 4.84 22.26
C ASN A 34 -12.16 3.78 23.08
N HIS A 35 -13.05 4.25 23.95
CA HIS A 35 -13.82 3.35 24.79
C HIS A 35 -15.15 3.01 24.11
N ASP A 36 -15.12 1.98 23.29
CA ASP A 36 -16.32 1.56 22.58
C ASP A 36 -16.00 0.27 21.81
N GLY A 37 -15.05 0.37 20.89
CA GLY A 37 -14.65 -0.77 20.09
C GLY A 37 -14.61 -0.40 18.61
N SER A 38 -13.39 -0.13 18.14
CA SER A 38 -13.20 0.24 16.74
C SER A 38 -11.71 0.48 16.48
N SER A 39 -11.37 0.54 15.20
CA SER A 39 -10.00 0.78 14.80
C SER A 39 -9.95 1.36 13.38
N SER A 40 -9.06 2.32 13.20
CA SER A 40 -8.91 2.97 11.91
C SER A 40 -7.49 3.53 11.76
N GLU A 41 -6.80 3.05 10.73
CA GLU A 41 -5.45 3.48 10.47
C GLU A 41 -5.24 3.69 8.96
N GLY A 42 -4.05 4.16 8.62
CA GLY A 42 -3.70 4.40 7.23
C GLY A 42 -2.40 3.70 6.86
N ILE A 43 -2.48 2.88 5.83
CA ILE A 43 -1.32 2.15 5.35
C ILE A 43 -0.63 2.95 4.25
N PHE A 44 0.68 3.09 4.40
CA PHE A 44 1.47 3.84 3.43
C PHE A 44 2.86 3.23 3.28
N VAL A 45 3.45 3.46 2.11
CA VAL A 45 4.78 2.95 1.83
C VAL A 45 5.82 4.02 2.14
N SER A 46 6.65 3.74 3.12
CA SER A 46 7.69 4.68 3.52
C SER A 46 9.07 4.11 3.16
N LYS A 47 9.07 2.85 2.76
CA LYS A 47 10.31 2.18 2.39
C LYS A 47 10.05 1.25 1.21
N ILE A 48 11.06 1.13 0.36
CA ILE A 48 10.96 0.28 -0.82
C ILE A 48 12.34 -0.23 -1.19
N VAL A 49 12.44 -1.55 -1.31
CA VAL A 49 13.71 -2.17 -1.67
C VAL A 49 13.90 -2.10 -3.19
N ASP A 50 15.09 -1.70 -3.58
CA ASP A 50 15.43 -1.58 -4.99
C ASP A 50 15.37 -2.97 -5.64
N SER A 51 16.44 -3.72 -5.46
CA SER A 51 16.52 -5.06 -6.01
C SER A 51 15.20 -5.81 -5.77
N GLY A 52 14.52 -5.42 -4.71
CA GLY A 52 13.26 -6.04 -4.36
C GLY A 52 12.32 -6.09 -5.56
N PRO A 53 11.40 -7.09 -5.54
CA PRO A 53 10.44 -7.26 -6.61
C PRO A 53 9.34 -6.20 -6.53
N ALA A 54 9.42 -5.37 -5.51
CA ALA A 54 8.45 -4.32 -5.31
C ALA A 54 8.87 -3.07 -6.11
N ALA A 55 10.16 -2.81 -6.08
CA ALA A 55 10.71 -1.66 -6.80
C ALA A 55 11.13 -2.10 -8.21
N LYS A 56 11.48 -3.37 -8.32
CA LYS A 56 11.91 -3.92 -9.59
C LYS A 56 10.72 -3.90 -10.57
N GLU A 57 9.88 -4.91 -10.44
CA GLU A 57 8.71 -5.01 -11.30
C GLU A 57 7.45 -4.54 -10.56
N GLY A 58 7.51 -4.66 -9.24
CA GLY A 58 6.40 -4.26 -8.40
C GLY A 58 5.69 -3.03 -8.98
N GLY A 59 6.46 -1.96 -9.11
CA GLY A 59 5.92 -0.72 -9.65
C GLY A 59 5.49 0.22 -8.53
N LEU A 60 5.77 -0.20 -7.30
CA LEU A 60 5.41 0.60 -6.14
C LEU A 60 6.22 1.90 -6.14
N GLN A 61 5.88 2.78 -5.22
CA GLN A 61 6.57 4.06 -5.12
C GLN A 61 6.44 4.60 -3.69
N ILE A 62 7.59 4.91 -3.11
CA ILE A 62 7.62 5.44 -1.76
C ILE A 62 6.57 6.54 -1.62
N HIS A 63 6.09 6.70 -0.39
CA HIS A 63 5.08 7.71 -0.11
C HIS A 63 3.80 7.38 -0.90
N ASP A 64 3.41 6.12 -0.85
CA ASP A 64 2.23 5.67 -1.55
C ASP A 64 1.30 4.96 -0.56
N ARG A 65 0.02 5.24 -0.69
CA ARG A 65 -0.98 4.63 0.18
C ARG A 65 -1.66 3.46 -0.53
N ILE A 66 -1.41 2.27 0.00
CA ILE A 66 -2.00 1.06 -0.57
C ILE A 66 -3.52 1.12 -0.43
N ILE A 67 -4.20 0.66 -1.46
CA ILE A 67 -5.65 0.64 -1.46
C ILE A 67 -6.15 -0.80 -1.32
N GLU A 68 -5.57 -1.67 -2.13
CA GLU A 68 -5.94 -3.07 -2.11
C GLU A 68 -4.73 -3.96 -2.43
N VAL A 69 -4.77 -5.17 -1.90
CA VAL A 69 -3.68 -6.10 -2.11
C VAL A 69 -4.26 -7.51 -2.34
N ASN A 70 -4.02 -8.01 -3.55
CA ASN A 70 -4.51 -9.34 -3.90
C ASN A 70 -6.03 -9.36 -3.75
N GLY A 71 -6.62 -8.18 -3.70
CA GLY A 71 -8.06 -8.05 -3.56
C GLY A 71 -8.45 -7.76 -2.11
N ARG A 72 -7.43 -7.68 -1.26
CA ARG A 72 -7.65 -7.40 0.15
C ARG A 72 -7.54 -5.90 0.41
N ASP A 73 -8.58 -5.36 1.03
CA ASP A 73 -8.61 -3.94 1.35
C ASP A 73 -7.80 -3.69 2.63
N LEU A 74 -6.82 -2.80 2.51
CA LEU A 74 -5.98 -2.46 3.64
C LEU A 74 -6.01 -0.95 3.86
N SER A 75 -6.84 -0.29 3.07
CA SER A 75 -6.97 1.16 3.17
C SER A 75 -7.25 1.56 4.61
N ARG A 76 -8.07 0.76 5.27
CA ARG A 76 -8.43 1.02 6.66
C ARG A 76 -7.84 -0.07 7.56
N ALA A 77 -6.81 -0.72 7.06
CA ALA A 77 -6.15 -1.77 7.82
C ALA A 77 -4.92 -1.21 8.51
N THR A 78 -4.38 -1.98 9.44
CA THR A 78 -3.20 -1.57 10.18
C THR A 78 -1.94 -2.23 9.61
N HIS A 79 -0.84 -1.99 10.29
CA HIS A 79 0.44 -2.56 9.86
C HIS A 79 0.38 -4.08 9.98
N ASP A 80 -0.17 -4.55 11.07
CA ASP A 80 -0.29 -5.97 11.32
C ASP A 80 -1.14 -6.61 10.21
N GLN A 81 -2.29 -5.98 9.97
CA GLN A 81 -3.20 -6.47 8.95
C GLN A 81 -2.54 -6.41 7.57
N ALA A 82 -2.05 -5.22 7.23
CA ALA A 82 -1.39 -5.02 5.95
C ALA A 82 -0.31 -6.08 5.76
N VAL A 83 0.58 -6.15 6.75
CA VAL A 83 1.67 -7.12 6.70
C VAL A 83 1.09 -8.51 6.45
N GLU A 84 0.17 -8.90 7.31
CA GLU A 84 -0.46 -10.21 7.19
C GLU A 84 -1.01 -10.40 5.78
N ALA A 85 -1.69 -9.37 5.30
CA ALA A 85 -2.28 -9.42 3.97
C ALA A 85 -1.20 -9.79 2.95
N PHE A 86 -0.10 -9.05 3.02
CA PHE A 86 1.02 -9.29 2.11
C PHE A 86 1.68 -10.64 2.41
N LYS A 87 1.54 -11.07 3.66
CA LYS A 87 2.12 -12.34 4.08
C LYS A 87 1.26 -13.48 3.56
N THR A 88 -0.05 -13.27 3.60
CA THR A 88 -1.00 -14.28 3.14
C THR A 88 -1.36 -14.03 1.67
N ALA A 89 -0.72 -13.03 1.09
CA ALA A 89 -0.96 -12.69 -0.29
C ALA A 89 -0.29 -13.72 -1.20
N LYS A 90 -0.93 -13.99 -2.32
CA LYS A 90 -0.41 -14.96 -3.28
C LYS A 90 0.04 -14.22 -4.54
N GLU A 91 1.00 -14.82 -5.22
CA GLU A 91 1.53 -14.24 -6.44
C GLU A 91 0.81 -14.81 -7.67
N PRO A 92 0.57 -13.90 -8.65
CA PRO A 92 0.99 -12.52 -8.52
C PRO A 92 0.07 -11.76 -7.56
N ILE A 93 0.68 -10.87 -6.79
CA ILE A 93 -0.05 -10.08 -5.83
C ILE A 93 -0.45 -8.74 -6.47
N VAL A 94 -1.75 -8.57 -6.65
CA VAL A 94 -2.26 -7.35 -7.25
C VAL A 94 -2.43 -6.29 -6.17
N VAL A 95 -1.60 -5.26 -6.26
CA VAL A 95 -1.65 -4.17 -5.29
C VAL A 95 -2.03 -2.88 -6.01
N GLN A 96 -2.68 -2.00 -5.25
CA GLN A 96 -3.11 -0.72 -5.80
C GLN A 96 -2.77 0.41 -4.84
N VAL A 97 -2.35 1.53 -5.41
CA VAL A 97 -2.00 2.70 -4.61
C VAL A 97 -2.74 3.92 -5.14
N LEU A 98 -2.76 4.96 -4.32
CA LEU A 98 -3.43 6.20 -4.69
C LEU A 98 -2.39 7.27 -4.98
N ARG A 99 -2.33 7.67 -6.24
CA ARG A 99 -1.39 8.70 -6.66
C ARG A 99 -2.12 9.85 -7.35
N ARG A 100 -1.71 11.06 -7.00
CA ARG A 100 -2.32 12.25 -7.58
C ARG A 100 -2.08 12.28 -9.09
N THR A 101 -0.81 12.29 -9.47
CA THR A 101 -0.45 12.32 -10.88
C THR A 101 -1.38 13.25 -11.64
N SER A 102 -1.17 14.54 -11.47
CA SER A 102 -1.98 15.54 -12.14
C SER A 102 -1.32 16.92 -12.01
N GLY A 103 -0.32 17.14 -12.84
CA GLY A 103 0.39 18.40 -12.84
C GLY A 103 1.72 18.29 -13.59
N PRO A 104 1.81 19.06 -14.72
CA PRO A 104 3.02 19.06 -15.52
C PRO A 104 4.14 19.84 -14.85
N SER A 105 4.75 19.21 -13.86
CA SER A 105 5.84 19.84 -13.13
C SER A 105 7.09 19.91 -14.01
N SER A 106 7.89 20.94 -13.75
CA SER A 106 9.11 21.13 -14.51
C SER A 106 10.11 21.96 -13.70
N GLY A 107 11.39 21.62 -13.85
CA GLY A 107 12.44 22.31 -13.14
C GLY A 107 12.88 21.53 -11.90
N GLY A 1 -22.02 3.85 -1.91
CA GLY A 1 -21.74 5.23 -1.51
C GLY A 1 -20.64 5.27 -0.45
N SER A 2 -20.50 6.43 0.18
CA SER A 2 -19.50 6.62 1.21
C SER A 2 -18.09 6.50 0.60
N SER A 3 -17.30 7.54 0.81
CA SER A 3 -15.94 7.56 0.30
C SER A 3 -15.97 7.53 -1.24
N GLY A 4 -15.07 8.30 -1.83
CA GLY A 4 -14.97 8.37 -3.27
C GLY A 4 -13.55 8.12 -3.74
N SER A 5 -13.40 7.93 -5.04
CA SER A 5 -12.10 7.69 -5.63
C SER A 5 -11.50 8.99 -6.14
N SER A 6 -10.74 9.65 -5.26
CA SER A 6 -10.11 10.91 -5.62
C SER A 6 -8.70 10.65 -6.16
N GLY A 7 -8.13 11.69 -6.77
CA GLY A 7 -6.80 11.59 -7.33
C GLY A 7 -6.75 10.55 -8.46
N LYS A 8 -5.98 9.51 -8.23
CA LYS A 8 -5.83 8.46 -9.22
C LYS A 8 -5.49 7.14 -8.50
N SER A 9 -5.79 6.04 -9.18
CA SER A 9 -5.53 4.72 -8.63
C SER A 9 -4.81 3.86 -9.66
N LEU A 10 -3.59 3.46 -9.30
CA LEU A 10 -2.79 2.63 -10.19
C LEU A 10 -2.64 1.24 -9.58
N THR A 11 -2.44 0.26 -10.45
CA THR A 11 -2.28 -1.12 -10.01
C THR A 11 -0.82 -1.55 -10.12
N LEU A 12 -0.40 -2.32 -9.14
CA LEU A 12 0.98 -2.81 -9.11
C LEU A 12 0.98 -4.26 -8.65
N VAL A 13 1.74 -5.07 -9.38
CA VAL A 13 1.84 -6.49 -9.06
C VAL A 13 3.16 -6.75 -8.32
N LEU A 14 3.02 -7.19 -7.08
CA LEU A 14 4.19 -7.47 -6.25
C LEU A 14 4.30 -8.99 -6.06
N HIS A 15 5.53 -9.42 -5.82
CA HIS A 15 5.79 -10.84 -5.61
C HIS A 15 6.60 -11.03 -4.32
N ARG A 16 6.93 -12.28 -4.05
CA ARG A 16 7.69 -12.62 -2.86
C ARG A 16 8.96 -13.37 -3.23
N ASP A 17 10.03 -12.62 -3.45
CA ASP A 17 11.31 -13.20 -3.81
C ASP A 17 11.74 -14.18 -2.72
N SER A 18 11.71 -13.69 -1.48
CA SER A 18 12.10 -14.51 -0.35
C SER A 18 11.64 -13.85 0.95
N GLY A 19 10.37 -14.06 1.27
CA GLY A 19 9.81 -13.50 2.48
C GLY A 19 10.07 -12.00 2.56
N SER A 20 9.92 -11.34 1.42
CA SER A 20 10.14 -9.91 1.35
C SER A 20 9.46 -9.33 0.10
N LEU A 21 8.41 -8.57 0.34
CA LEU A 21 7.67 -7.96 -0.77
C LEU A 21 8.60 -7.03 -1.55
N GLY A 22 9.59 -6.49 -0.83
CA GLY A 22 10.54 -5.59 -1.45
C GLY A 22 10.26 -4.13 -1.05
N PHE A 23 9.69 -3.98 0.13
CA PHE A 23 9.37 -2.65 0.64
C PHE A 23 8.83 -2.72 2.07
N ASN A 24 8.51 -1.56 2.61
CA ASN A 24 7.99 -1.48 3.96
C ASN A 24 6.76 -0.57 3.97
N ILE A 25 6.03 -0.62 5.07
CA ILE A 25 4.84 0.19 5.23
C ILE A 25 4.85 0.86 6.60
N ILE A 26 4.03 1.89 6.74
CA ILE A 26 3.94 2.62 7.99
C ILE A 26 2.48 2.69 8.43
N GLY A 27 2.28 3.05 9.69
CA GLY A 27 0.95 3.16 10.24
C GLY A 27 0.64 1.99 11.17
N GLY A 28 -0.63 1.86 11.51
CA GLY A 28 -1.08 0.79 12.39
C GLY A 28 -1.24 1.28 13.82
N ARG A 29 -0.12 1.70 14.40
CA ARG A 29 -0.11 2.19 15.77
C ARG A 29 -0.51 1.07 16.73
N PRO A 30 -0.21 1.32 18.04
CA PRO A 30 -0.53 0.35 19.07
C PRO A 30 -2.03 0.34 19.38
N SER A 31 -2.53 1.50 19.78
CA SER A 31 -3.94 1.63 20.10
C SER A 31 -4.30 0.71 21.27
N VAL A 32 -5.39 1.05 21.94
CA VAL A 32 -5.86 0.26 23.07
C VAL A 32 -7.27 -0.22 22.80
N ASP A 33 -8.19 0.73 22.69
CA ASP A 33 -9.58 0.41 22.44
C ASP A 33 -9.81 0.34 20.93
N ASN A 34 -10.92 -0.29 20.56
CA ASN A 34 -11.27 -0.43 19.15
C ASN A 34 -12.12 0.76 18.71
N HIS A 35 -13.21 0.96 19.43
CA HIS A 35 -14.12 2.07 19.13
C HIS A 35 -14.87 1.77 17.83
N ASP A 36 -15.97 2.47 17.65
CA ASP A 36 -16.80 2.29 16.46
C ASP A 36 -15.88 2.23 15.24
N GLY A 37 -16.39 1.54 14.21
CA GLY A 37 -15.63 1.39 12.98
C GLY A 37 -15.88 2.58 12.04
N SER A 38 -14.95 3.53 12.08
CA SER A 38 -15.06 4.71 11.24
C SER A 38 -13.71 5.43 11.18
N SER A 39 -12.94 5.10 10.15
CA SER A 39 -11.64 5.71 9.97
C SER A 39 -10.72 5.32 11.12
N SER A 40 -9.54 4.82 10.76
CA SER A 40 -8.56 4.41 11.75
C SER A 40 -7.20 4.18 11.08
N GLU A 41 -6.21 4.92 11.57
CA GLU A 41 -4.86 4.81 11.03
C GLU A 41 -4.91 4.72 9.50
N GLY A 42 -3.79 4.29 8.94
CA GLY A 42 -3.69 4.16 7.49
C GLY A 42 -2.41 3.43 7.09
N ILE A 43 -2.49 2.71 5.99
CA ILE A 43 -1.34 1.97 5.49
C ILE A 43 -0.67 2.76 4.36
N PHE A 44 0.62 3.02 4.55
CA PHE A 44 1.38 3.76 3.57
C PHE A 44 2.78 3.16 3.39
N VAL A 45 3.41 3.50 2.27
CA VAL A 45 4.73 3.02 1.97
C VAL A 45 5.75 4.12 2.27
N SER A 46 6.71 3.79 3.13
CA SER A 46 7.73 4.74 3.51
C SER A 46 9.11 4.19 3.12
N LYS A 47 9.11 2.96 2.63
CA LYS A 47 10.34 2.31 2.23
C LYS A 47 10.06 1.36 1.06
N ILE A 48 11.02 1.28 0.15
CA ILE A 48 10.88 0.42 -1.01
C ILE A 48 12.25 -0.15 -1.38
N VAL A 49 12.31 -1.47 -1.44
CA VAL A 49 13.54 -2.15 -1.78
C VAL A 49 13.74 -2.11 -3.30
N ASP A 50 14.87 -1.56 -3.69
CA ASP A 50 15.20 -1.46 -5.12
C ASP A 50 15.18 -2.86 -5.74
N SER A 51 16.12 -3.67 -5.31
CA SER A 51 16.23 -5.03 -5.81
C SER A 51 14.92 -5.78 -5.60
N GLY A 52 14.11 -5.24 -4.70
CA GLY A 52 12.82 -5.84 -4.38
C GLY A 52 11.96 -5.97 -5.64
N PRO A 53 11.07 -6.99 -5.63
CA PRO A 53 10.19 -7.23 -6.76
C PRO A 53 9.05 -6.21 -6.79
N ALA A 54 9.05 -5.33 -5.78
CA ALA A 54 8.03 -4.31 -5.69
C ALA A 54 8.52 -3.05 -6.42
N ALA A 55 9.83 -2.86 -6.39
CA ALA A 55 10.43 -1.71 -7.03
C ALA A 55 10.82 -2.07 -8.46
N LYS A 56 11.31 -3.30 -8.62
CA LYS A 56 11.72 -3.78 -9.93
C LYS A 56 10.58 -3.58 -10.92
N GLU A 57 9.66 -4.54 -10.92
CA GLU A 57 8.51 -4.48 -11.81
C GLU A 57 7.26 -4.03 -11.04
N GLY A 58 7.26 -4.32 -9.75
CA GLY A 58 6.15 -3.95 -8.89
C GLY A 58 5.50 -2.65 -9.37
N GLY A 59 6.28 -1.57 -9.29
CA GLY A 59 5.79 -0.27 -9.70
C GLY A 59 5.54 0.63 -8.49
N LEU A 60 5.51 0.01 -7.32
CA LEU A 60 5.29 0.75 -6.09
C LEU A 60 6.17 2.00 -6.07
N GLN A 61 5.91 2.85 -5.10
CA GLN A 61 6.67 4.08 -4.96
C GLN A 61 6.50 4.66 -3.55
N ILE A 62 7.64 4.90 -2.91
CA ILE A 62 7.63 5.45 -1.57
C ILE A 62 6.57 6.55 -1.47
N HIS A 63 5.98 6.65 -0.28
CA HIS A 63 4.95 7.65 -0.05
C HIS A 63 3.70 7.31 -0.87
N ASP A 64 3.38 6.02 -0.89
CA ASP A 64 2.23 5.55 -1.63
C ASP A 64 1.29 4.79 -0.67
N ARG A 65 0.05 5.23 -0.65
CA ARG A 65 -0.94 4.61 0.21
C ARG A 65 -1.60 3.41 -0.51
N ILE A 66 -1.45 2.25 0.11
CA ILE A 66 -2.02 1.03 -0.45
C ILE A 66 -3.53 1.07 -0.31
N ILE A 67 -4.21 0.69 -1.38
CA ILE A 67 -5.67 0.68 -1.39
C ILE A 67 -6.15 -0.77 -1.23
N GLU A 68 -5.63 -1.63 -2.08
CA GLU A 68 -6.00 -3.04 -2.05
C GLU A 68 -4.79 -3.91 -2.39
N VAL A 69 -4.82 -5.14 -1.87
CA VAL A 69 -3.75 -6.08 -2.11
C VAL A 69 -4.34 -7.47 -2.33
N ASN A 70 -4.13 -7.98 -3.54
CA ASN A 70 -4.62 -9.31 -3.89
C ASN A 70 -6.14 -9.34 -3.67
N GLY A 71 -6.74 -8.17 -3.66
CA GLY A 71 -8.17 -8.06 -3.46
C GLY A 71 -8.50 -7.75 -2.00
N ARG A 72 -7.45 -7.66 -1.20
CA ARG A 72 -7.61 -7.38 0.22
C ARG A 72 -7.43 -5.89 0.49
N ASP A 73 -8.43 -5.31 1.12
CA ASP A 73 -8.40 -3.89 1.44
C ASP A 73 -7.50 -3.66 2.65
N LEU A 74 -6.68 -2.63 2.55
CA LEU A 74 -5.77 -2.30 3.64
C LEU A 74 -5.75 -0.78 3.85
N SER A 75 -6.74 -0.13 3.25
CA SER A 75 -6.87 1.32 3.37
C SER A 75 -7.13 1.71 4.81
N ARG A 76 -8.00 0.95 5.45
CA ARG A 76 -8.35 1.20 6.84
C ARG A 76 -7.85 0.06 7.73
N ALA A 77 -6.86 -0.66 7.22
CA ALA A 77 -6.28 -1.77 7.96
C ALA A 77 -5.04 -1.28 8.71
N THR A 78 -4.58 -2.12 9.63
CA THR A 78 -3.41 -1.80 10.42
C THR A 78 -2.16 -2.49 9.86
N HIS A 79 -1.02 -2.03 10.32
CA HIS A 79 0.25 -2.59 9.87
C HIS A 79 0.20 -4.12 9.98
N ASP A 80 -0.40 -4.58 11.07
CA ASP A 80 -0.52 -6.01 11.32
C ASP A 80 -1.34 -6.65 10.19
N GLN A 81 -2.51 -6.07 9.94
CA GLN A 81 -3.39 -6.57 8.91
C GLN A 81 -2.70 -6.48 7.54
N ALA A 82 -2.13 -5.32 7.28
CA ALA A 82 -1.45 -5.09 6.01
C ALA A 82 -0.38 -6.17 5.81
N VAL A 83 0.51 -6.26 6.79
CA VAL A 83 1.58 -7.25 6.74
C VAL A 83 0.97 -8.63 6.46
N GLU A 84 0.01 -9.00 7.30
CA GLU A 84 -0.65 -10.29 7.15
C GLU A 84 -1.14 -10.48 5.72
N ALA A 85 -1.81 -9.45 5.22
CA ALA A 85 -2.34 -9.49 3.87
C ALA A 85 -1.21 -9.82 2.89
N PHE A 86 -0.14 -9.07 3.00
CA PHE A 86 1.02 -9.28 2.14
C PHE A 86 1.71 -10.60 2.45
N LYS A 87 1.53 -11.04 3.69
CA LYS A 87 2.12 -12.30 4.13
C LYS A 87 1.32 -13.47 3.55
N THR A 88 0.00 -13.35 3.66
CA THR A 88 -0.89 -14.38 3.16
C THR A 88 -1.18 -14.16 1.68
N ALA A 89 -0.76 -13.00 1.18
CA ALA A 89 -0.97 -12.66 -0.22
C ALA A 89 -0.27 -13.70 -1.09
N LYS A 90 -0.91 -14.01 -2.21
CA LYS A 90 -0.37 -14.98 -3.15
C LYS A 90 0.08 -14.25 -4.42
N GLU A 91 1.06 -14.85 -5.08
CA GLU A 91 1.59 -14.27 -6.31
C GLU A 91 0.84 -14.83 -7.52
N PRO A 92 0.58 -13.92 -8.50
CA PRO A 92 0.99 -12.53 -8.36
C PRO A 92 0.08 -11.80 -7.37
N ILE A 93 0.65 -10.79 -6.73
CA ILE A 93 -0.08 -10.00 -5.76
C ILE A 93 -0.48 -8.66 -6.39
N VAL A 94 -1.78 -8.53 -6.63
CA VAL A 94 -2.30 -7.31 -7.23
C VAL A 94 -2.51 -6.25 -6.14
N VAL A 95 -1.69 -5.21 -6.22
CA VAL A 95 -1.78 -4.13 -5.24
C VAL A 95 -2.15 -2.83 -5.97
N GLN A 96 -2.81 -1.95 -5.22
CA GLN A 96 -3.24 -0.68 -5.78
C GLN A 96 -2.88 0.46 -4.81
N VAL A 97 -2.40 1.55 -5.39
CA VAL A 97 -2.02 2.71 -4.60
C VAL A 97 -2.75 3.95 -5.13
N LEU A 98 -2.73 4.99 -4.33
CA LEU A 98 -3.38 6.25 -4.72
C LEU A 98 -2.32 7.31 -4.96
N ARG A 99 -2.26 7.78 -6.20
CA ARG A 99 -1.29 8.80 -6.58
C ARG A 99 -2.01 10.06 -7.04
N ARG A 100 -1.50 11.20 -6.57
CA ARG A 100 -2.09 12.49 -6.93
C ARG A 100 -2.52 12.47 -8.40
N THR A 101 -3.56 13.25 -8.68
CA THR A 101 -4.09 13.34 -10.04
C THR A 101 -2.97 13.70 -11.02
N SER A 102 -2.23 14.74 -10.66
CA SER A 102 -1.13 15.20 -11.50
C SER A 102 -1.69 15.95 -12.71
N GLY A 103 -1.40 17.24 -12.75
CA GLY A 103 -1.86 18.08 -13.85
C GLY A 103 -0.80 19.14 -14.20
N PRO A 104 -1.20 20.07 -15.11
CA PRO A 104 -0.31 21.12 -15.55
C PRO A 104 -0.16 22.20 -14.47
N SER A 105 1.01 22.82 -14.45
CA SER A 105 1.29 23.85 -13.48
C SER A 105 2.71 24.40 -13.68
N SER A 106 2.90 25.64 -13.28
CA SER A 106 4.20 26.28 -13.41
C SER A 106 4.60 26.35 -14.89
N GLY A 107 5.58 27.20 -15.16
CA GLY A 107 6.06 27.37 -16.52
C GLY A 107 5.14 28.29 -17.32
N GLY A 1 -1.84 27.05 0.53
CA GLY A 1 -1.61 25.85 -0.27
C GLY A 1 -2.93 25.26 -0.78
N SER A 2 -2.82 24.11 -1.41
CA SER A 2 -3.99 23.43 -1.95
C SER A 2 -3.83 21.93 -1.81
N SER A 3 -4.97 21.24 -1.74
CA SER A 3 -4.97 19.79 -1.60
C SER A 3 -5.40 19.14 -2.92
N GLY A 4 -5.02 17.89 -3.08
CA GLY A 4 -5.36 17.14 -4.28
C GLY A 4 -6.86 17.25 -4.58
N SER A 5 -7.20 16.86 -5.80
CA SER A 5 -8.59 16.90 -6.22
C SER A 5 -8.97 15.58 -6.88
N SER A 6 -9.46 14.66 -6.06
CA SER A 6 -9.87 13.35 -6.54
C SER A 6 -8.67 12.61 -7.14
N GLY A 7 -7.87 12.02 -6.26
CA GLY A 7 -6.69 11.30 -6.69
C GLY A 7 -7.07 10.11 -7.58
N LYS A 8 -6.05 9.47 -8.12
CA LYS A 8 -6.26 8.33 -8.99
C LYS A 8 -5.79 7.05 -8.28
N SER A 9 -5.96 5.93 -8.98
CA SER A 9 -5.56 4.65 -8.43
C SER A 9 -4.91 3.80 -9.51
N LEU A 10 -3.68 3.39 -9.25
CA LEU A 10 -2.94 2.58 -10.18
C LEU A 10 -2.75 1.17 -9.60
N THR A 11 -2.53 0.21 -10.49
CA THR A 11 -2.33 -1.17 -10.09
C THR A 11 -0.87 -1.56 -10.22
N LEU A 12 -0.40 -2.32 -9.24
CA LEU A 12 0.98 -2.77 -9.24
C LEU A 12 1.04 -4.22 -8.75
N VAL A 13 1.83 -5.02 -9.47
CA VAL A 13 1.97 -6.43 -9.12
C VAL A 13 3.27 -6.62 -8.34
N LEU A 14 3.11 -7.05 -7.10
CA LEU A 14 4.26 -7.27 -6.23
C LEU A 14 4.46 -8.78 -6.05
N HIS A 15 5.70 -9.15 -5.75
CA HIS A 15 6.04 -10.55 -5.55
C HIS A 15 6.78 -10.71 -4.22
N ARG A 16 7.10 -11.95 -3.90
CA ARG A 16 7.81 -12.26 -2.67
C ARG A 16 9.17 -12.88 -2.97
N ASP A 17 10.19 -12.05 -2.93
CA ASP A 17 11.54 -12.51 -3.20
C ASP A 17 12.16 -13.04 -1.91
N SER A 18 11.84 -14.29 -1.60
CA SER A 18 12.37 -14.92 -0.41
C SER A 18 11.85 -14.20 0.84
N GLY A 19 10.53 -14.26 1.02
CA GLY A 19 9.90 -13.62 2.16
C GLY A 19 10.26 -12.13 2.22
N SER A 20 10.02 -11.46 1.11
CA SER A 20 10.31 -10.04 1.02
C SER A 20 9.56 -9.42 -0.17
N LEU A 21 8.49 -8.73 0.15
CA LEU A 21 7.68 -8.08 -0.87
C LEU A 21 8.55 -7.14 -1.69
N GLY A 22 9.55 -6.57 -1.01
CA GLY A 22 10.46 -5.65 -1.67
C GLY A 22 10.22 -4.21 -1.19
N PHE A 23 9.61 -4.10 -0.02
CA PHE A 23 9.32 -2.80 0.55
C PHE A 23 8.89 -2.93 2.01
N ASN A 24 8.38 -1.83 2.54
CA ASN A 24 7.92 -1.80 3.92
C ASN A 24 6.63 -0.99 4.02
N ILE A 25 6.04 -1.03 5.20
CA ILE A 25 4.80 -0.31 5.44
C ILE A 25 4.88 0.41 6.79
N ILE A 26 3.96 1.33 6.99
CA ILE A 26 3.91 2.09 8.23
C ILE A 26 2.53 1.93 8.87
N GLY A 27 2.45 2.31 10.14
CA GLY A 27 1.20 2.21 10.88
C GLY A 27 0.12 3.08 10.25
N GLY A 28 -1.04 3.07 10.87
CA GLY A 28 -2.16 3.86 10.38
C GLY A 28 -2.36 5.12 11.22
N ARG A 29 -3.38 5.88 10.87
CA ARG A 29 -3.67 7.11 11.57
C ARG A 29 -4.74 6.87 12.65
N PRO A 30 -4.61 7.64 13.76
CA PRO A 30 -5.55 7.50 14.87
C PRO A 30 -6.89 8.16 14.53
N SER A 31 -7.96 7.47 14.90
CA SER A 31 -9.30 7.97 14.64
C SER A 31 -10.33 7.02 15.23
N VAL A 32 -10.88 7.41 16.37
CA VAL A 32 -11.88 6.59 17.04
C VAL A 32 -13.01 7.50 17.55
N ASP A 33 -13.73 8.08 16.61
CA ASP A 33 -14.83 8.97 16.96
C ASP A 33 -15.65 9.27 15.70
N ASN A 34 -16.69 8.47 15.51
CA ASN A 34 -17.56 8.65 14.35
C ASN A 34 -18.64 7.57 14.37
N HIS A 35 -19.79 7.93 13.82
CA HIS A 35 -20.92 7.00 13.77
C HIS A 35 -20.49 5.73 13.03
N ASP A 36 -20.51 4.62 13.77
CA ASP A 36 -20.13 3.34 13.20
C ASP A 36 -18.68 3.40 12.75
N GLY A 37 -18.14 2.22 12.44
CA GLY A 37 -16.76 2.12 11.99
C GLY A 37 -16.46 3.14 10.89
N SER A 38 -17.14 2.95 9.76
CA SER A 38 -16.96 3.83 8.63
C SER A 38 -15.58 3.61 7.99
N SER A 39 -14.57 4.17 8.64
CA SER A 39 -13.20 4.04 8.16
C SER A 39 -12.22 4.47 9.25
N SER A 40 -11.04 3.88 9.21
CA SER A 40 -10.00 4.19 10.18
C SER A 40 -8.69 3.53 9.78
N GLU A 41 -7.60 4.10 10.25
CA GLU A 41 -6.28 3.59 9.96
C GLU A 41 -6.02 3.63 8.45
N GLY A 42 -4.74 3.67 8.11
CA GLY A 42 -4.34 3.72 6.71
C GLY A 42 -2.97 3.07 6.51
N ILE A 43 -2.81 2.45 5.34
CA ILE A 43 -1.56 1.79 5.00
C ILE A 43 -0.80 2.64 3.99
N PHE A 44 0.49 2.79 4.25
CA PHE A 44 1.35 3.57 3.37
C PHE A 44 2.73 2.93 3.23
N VAL A 45 3.47 3.41 2.24
CA VAL A 45 4.80 2.89 1.98
C VAL A 45 5.84 3.93 2.36
N SER A 46 6.64 3.60 3.36
CA SER A 46 7.67 4.51 3.83
C SER A 46 9.05 4.01 3.39
N LYS A 47 9.05 2.83 2.79
CA LYS A 47 10.28 2.22 2.32
C LYS A 47 9.99 1.32 1.11
N ILE A 48 10.99 1.16 0.27
CA ILE A 48 10.85 0.33 -0.92
C ILE A 48 12.22 -0.23 -1.30
N VAL A 49 12.32 -1.55 -1.29
CA VAL A 49 13.55 -2.22 -1.64
C VAL A 49 13.82 -2.04 -3.14
N ASP A 50 14.96 -1.44 -3.44
CA ASP A 50 15.34 -1.21 -4.82
C ASP A 50 15.45 -2.55 -5.56
N SER A 51 16.37 -3.37 -5.07
CA SER A 51 16.59 -4.68 -5.67
C SER A 51 15.33 -5.55 -5.49
N GLY A 52 14.43 -5.06 -4.66
CA GLY A 52 13.19 -5.77 -4.41
C GLY A 52 12.30 -5.79 -5.65
N PRO A 53 11.40 -6.81 -5.70
CA PRO A 53 10.49 -6.94 -6.82
C PRO A 53 9.36 -5.92 -6.74
N ALA A 54 9.40 -5.13 -5.68
CA ALA A 54 8.40 -4.10 -5.47
C ALA A 54 8.80 -2.84 -6.24
N ALA A 55 10.10 -2.57 -6.24
CA ALA A 55 10.63 -1.41 -6.93
C ALA A 55 11.02 -1.80 -8.35
N LYS A 56 11.61 -2.97 -8.47
CA LYS A 56 12.03 -3.46 -9.77
C LYS A 56 10.86 -3.39 -10.74
N GLU A 57 10.02 -4.41 -10.70
CA GLU A 57 8.86 -4.47 -11.56
C GLU A 57 7.60 -4.06 -10.80
N GLY A 58 7.63 -4.30 -9.50
CA GLY A 58 6.50 -3.97 -8.64
C GLY A 58 5.76 -2.74 -9.17
N GLY A 59 6.48 -1.62 -9.18
CA GLY A 59 5.90 -0.37 -9.65
C GLY A 59 5.48 0.52 -8.48
N LEU A 60 5.76 0.03 -7.28
CA LEU A 60 5.43 0.77 -6.07
C LEU A 60 6.28 2.04 -5.99
N GLN A 61 5.89 2.92 -5.09
CA GLN A 61 6.61 4.16 -4.90
C GLN A 61 6.46 4.66 -3.46
N ILE A 62 7.60 4.96 -2.85
CA ILE A 62 7.61 5.44 -1.48
C ILE A 62 6.55 6.53 -1.32
N HIS A 63 6.06 6.66 -0.09
CA HIS A 63 5.05 7.67 0.21
C HIS A 63 3.80 7.39 -0.63
N ASP A 64 3.40 6.12 -0.63
CA ASP A 64 2.23 5.71 -1.38
C ASP A 64 1.25 5.00 -0.45
N ARG A 65 -0.03 5.29 -0.63
CA ARG A 65 -1.07 4.68 0.19
C ARG A 65 -1.69 3.49 -0.55
N ILE A 66 -1.52 2.32 0.04
CA ILE A 66 -2.06 1.10 -0.54
C ILE A 66 -3.58 1.12 -0.41
N ILE A 67 -4.24 0.72 -1.49
CA ILE A 67 -5.69 0.68 -1.51
C ILE A 67 -6.16 -0.76 -1.36
N GLU A 68 -5.58 -1.63 -2.18
CA GLU A 68 -5.93 -3.05 -2.15
C GLU A 68 -4.70 -3.90 -2.42
N VAL A 69 -4.73 -5.11 -1.90
CA VAL A 69 -3.63 -6.04 -2.09
C VAL A 69 -4.18 -7.45 -2.32
N ASN A 70 -3.89 -7.98 -3.50
CA ASN A 70 -4.35 -9.31 -3.85
C ASN A 70 -5.88 -9.35 -3.77
N GLY A 71 -6.47 -8.17 -3.76
CA GLY A 71 -7.92 -8.06 -3.68
C GLY A 71 -8.37 -7.77 -2.25
N ARG A 72 -7.39 -7.69 -1.36
CA ARG A 72 -7.68 -7.42 0.04
C ARG A 72 -7.62 -5.91 0.31
N ASP A 73 -8.70 -5.40 0.86
CA ASP A 73 -8.78 -3.98 1.18
C ASP A 73 -8.01 -3.70 2.47
N LEU A 74 -7.01 -2.85 2.36
CA LEU A 74 -6.20 -2.49 3.50
C LEU A 74 -6.30 -0.98 3.75
N SER A 75 -7.02 -0.32 2.85
CA SER A 75 -7.20 1.12 2.96
C SER A 75 -7.59 1.49 4.39
N ARG A 76 -8.37 0.61 5.01
CA ARG A 76 -8.82 0.85 6.38
C ARG A 76 -8.20 -0.19 7.32
N ALA A 77 -7.08 -0.75 6.86
CA ALA A 77 -6.38 -1.75 7.65
C ALA A 77 -5.17 -1.11 8.33
N THR A 78 -4.56 -1.86 9.23
CA THR A 78 -3.39 -1.38 9.95
C THR A 78 -2.13 -2.12 9.48
N HIS A 79 -0.99 -1.59 9.88
CA HIS A 79 0.28 -2.18 9.52
C HIS A 79 0.26 -3.68 9.80
N ASP A 80 -0.26 -4.01 10.98
CA ASP A 80 -0.36 -5.41 11.39
C ASP A 80 -1.12 -6.20 10.33
N GLN A 81 -2.28 -5.69 9.98
CA GLN A 81 -3.12 -6.33 8.98
C GLN A 81 -2.42 -6.32 7.62
N ALA A 82 -1.95 -5.14 7.23
CA ALA A 82 -1.26 -4.98 5.96
C ALA A 82 -0.19 -6.07 5.84
N VAL A 83 0.64 -6.16 6.86
CA VAL A 83 1.71 -7.14 6.86
C VAL A 83 1.12 -8.53 6.58
N GLU A 84 0.16 -8.90 7.42
CA GLU A 84 -0.49 -10.20 7.27
C GLU A 84 -1.06 -10.35 5.87
N ALA A 85 -1.67 -9.26 5.38
CA ALA A 85 -2.26 -9.25 4.06
C ALA A 85 -1.20 -9.66 3.03
N PHE A 86 -0.08 -8.96 3.07
CA PHE A 86 1.00 -9.23 2.14
C PHE A 86 1.65 -10.58 2.44
N LYS A 87 1.53 -10.99 3.70
CA LYS A 87 2.10 -12.26 4.12
C LYS A 87 1.25 -13.41 3.56
N THR A 88 -0.06 -13.23 3.65
CA THR A 88 -0.99 -14.24 3.16
C THR A 88 -1.28 -13.99 1.67
N ALA A 89 -0.66 -12.95 1.13
CA ALA A 89 -0.86 -12.62 -0.26
C ALA A 89 -0.16 -13.66 -1.14
N LYS A 90 -0.75 -13.88 -2.31
CA LYS A 90 -0.20 -14.85 -3.25
C LYS A 90 0.21 -14.13 -4.54
N GLU A 91 1.20 -14.71 -5.20
CA GLU A 91 1.69 -14.13 -6.44
C GLU A 91 0.93 -14.72 -7.64
N PRO A 92 0.63 -13.83 -8.62
CA PRO A 92 1.02 -12.44 -8.51
C PRO A 92 0.13 -11.69 -7.52
N ILE A 93 0.74 -10.76 -6.81
CA ILE A 93 0.01 -9.96 -5.82
C ILE A 93 -0.41 -8.64 -6.46
N VAL A 94 -1.72 -8.50 -6.65
CA VAL A 94 -2.27 -7.30 -7.24
C VAL A 94 -2.44 -6.23 -6.16
N VAL A 95 -1.61 -5.20 -6.25
CA VAL A 95 -1.67 -4.11 -5.29
C VAL A 95 -2.05 -2.81 -6.00
N GLN A 96 -2.70 -1.93 -5.27
CA GLN A 96 -3.12 -0.66 -5.81
C GLN A 96 -2.76 0.48 -4.86
N VAL A 97 -2.43 1.62 -5.45
CA VAL A 97 -2.06 2.78 -4.67
C VAL A 97 -2.82 4.01 -5.18
N LEU A 98 -2.83 5.06 -4.38
CA LEU A 98 -3.51 6.28 -4.74
C LEU A 98 -2.48 7.39 -4.94
N ARG A 99 -2.28 7.74 -6.21
CA ARG A 99 -1.32 8.78 -6.56
C ARG A 99 -2.05 10.10 -6.81
N ARG A 100 -1.44 11.17 -6.34
CA ARG A 100 -2.02 12.50 -6.50
C ARG A 100 -2.43 12.72 -7.96
N THR A 101 -3.05 13.86 -8.20
CA THR A 101 -3.49 14.20 -9.55
C THR A 101 -2.29 14.50 -10.45
N SER A 102 -2.28 13.83 -11.59
CA SER A 102 -1.19 14.01 -12.54
C SER A 102 -1.46 15.25 -13.40
N GLY A 103 -0.50 16.15 -13.38
CA GLY A 103 -0.62 17.38 -14.14
C GLY A 103 0.65 17.62 -14.98
N PRO A 104 0.43 18.25 -16.17
CA PRO A 104 1.53 18.55 -17.07
C PRO A 104 2.35 19.72 -16.57
N SER A 105 3.66 19.59 -16.67
CA SER A 105 4.56 20.64 -16.23
C SER A 105 6.01 20.25 -16.52
N SER A 106 6.64 21.02 -17.40
CA SER A 106 8.02 20.77 -17.77
C SER A 106 8.64 22.03 -18.40
N GLY A 107 8.02 22.47 -19.48
CA GLY A 107 8.48 23.66 -20.17
C GLY A 107 9.93 23.48 -20.66
N GLY A 1 -25.06 17.57 -11.33
CA GLY A 1 -23.66 17.41 -11.65
C GLY A 1 -22.86 16.97 -10.41
N SER A 2 -22.38 17.97 -9.68
CA SER A 2 -21.60 17.71 -8.48
C SER A 2 -20.39 16.84 -8.82
N SER A 3 -19.25 17.50 -8.96
CA SER A 3 -18.02 16.81 -9.27
C SER A 3 -16.84 17.47 -8.55
N GLY A 4 -15.94 16.64 -8.07
CA GLY A 4 -14.76 17.13 -7.36
C GLY A 4 -13.48 16.60 -8.00
N SER A 5 -12.36 17.01 -7.41
CA SER A 5 -11.06 16.59 -7.92
C SER A 5 -10.31 15.80 -6.85
N SER A 6 -10.14 14.52 -7.12
CA SER A 6 -9.45 13.64 -6.18
C SER A 6 -8.32 12.90 -6.90
N GLY A 7 -7.51 12.21 -6.12
CA GLY A 7 -6.39 11.45 -6.66
C GLY A 7 -6.88 10.30 -7.52
N LYS A 8 -5.92 9.55 -8.05
CA LYS A 8 -6.23 8.42 -8.89
C LYS A 8 -5.75 7.13 -8.22
N SER A 9 -6.07 6.01 -8.85
CA SER A 9 -5.67 4.71 -8.32
C SER A 9 -4.96 3.90 -9.40
N LEU A 10 -3.77 3.44 -9.06
CA LEU A 10 -2.98 2.65 -9.99
C LEU A 10 -2.81 1.23 -9.43
N THR A 11 -2.57 0.30 -10.34
CA THR A 11 -2.39 -1.09 -9.95
C THR A 11 -0.93 -1.51 -10.13
N LEU A 12 -0.46 -2.28 -9.17
CA LEU A 12 0.93 -2.75 -9.20
C LEU A 12 0.98 -4.20 -8.72
N VAL A 13 1.76 -5.00 -9.45
CA VAL A 13 1.90 -6.41 -9.10
C VAL A 13 3.20 -6.61 -8.32
N LEU A 14 3.04 -7.06 -7.08
CA LEU A 14 4.19 -7.30 -6.22
C LEU A 14 4.35 -8.81 -6.00
N HIS A 15 5.57 -9.20 -5.69
CA HIS A 15 5.87 -10.60 -5.44
C HIS A 15 6.52 -10.75 -4.07
N ARG A 16 6.67 -12.01 -3.65
CA ARG A 16 7.26 -12.30 -2.36
C ARG A 16 8.60 -13.02 -2.56
N ASP A 17 9.65 -12.21 -2.71
CA ASP A 17 10.98 -12.75 -2.90
C ASP A 17 11.49 -13.32 -1.58
N SER A 18 11.12 -14.58 -1.33
CA SER A 18 11.53 -15.25 -0.11
C SER A 18 11.07 -14.46 1.11
N GLY A 19 9.77 -14.52 1.35
CA GLY A 19 9.18 -13.82 2.48
C GLY A 19 9.74 -12.39 2.59
N SER A 20 9.55 -11.63 1.53
CA SER A 20 10.04 -10.27 1.50
C SER A 20 9.49 -9.54 0.28
N LEU A 21 8.40 -8.81 0.51
CA LEU A 21 7.76 -8.07 -0.57
C LEU A 21 8.79 -7.17 -1.26
N GLY A 22 9.73 -6.69 -0.45
CA GLY A 22 10.77 -5.82 -0.96
C GLY A 22 10.45 -4.34 -0.68
N PHE A 23 9.92 -4.10 0.51
CA PHE A 23 9.56 -2.76 0.92
C PHE A 23 8.99 -2.74 2.34
N ASN A 24 8.63 -1.55 2.78
CA ASN A 24 8.07 -1.38 4.11
C ASN A 24 6.69 -0.74 4.00
N ILE A 25 5.96 -0.79 5.11
CA ILE A 25 4.63 -0.21 5.16
C ILE A 25 4.43 0.50 6.50
N ILE A 26 3.62 1.55 6.46
CA ILE A 26 3.34 2.32 7.66
C ILE A 26 1.84 2.64 7.72
N GLY A 27 1.41 3.09 8.88
CA GLY A 27 0.01 3.43 9.09
C GLY A 27 -0.74 2.28 9.77
N GLY A 28 -1.50 2.64 10.80
CA GLY A 28 -2.27 1.67 11.54
C GLY A 28 -2.71 2.23 12.89
N ARG A 29 -1.73 2.78 13.60
CA ARG A 29 -2.00 3.36 14.92
C ARG A 29 -3.29 4.18 14.88
N PRO A 30 -4.15 3.98 15.92
CA PRO A 30 -5.40 4.69 16.02
C PRO A 30 -5.17 6.14 16.45
N SER A 31 -6.25 6.92 16.40
CA SER A 31 -6.18 8.32 16.78
C SER A 31 -5.63 8.44 18.20
N VAL A 32 -5.36 9.68 18.59
CA VAL A 32 -4.83 9.96 19.91
C VAL A 32 -5.56 9.07 20.93
N ASP A 33 -6.86 9.27 21.02
CA ASP A 33 -7.68 8.51 21.96
C ASP A 33 -9.15 8.65 21.58
N ASN A 34 -9.64 7.69 20.80
CA ASN A 34 -11.02 7.71 20.37
C ASN A 34 -11.22 8.82 19.33
N HIS A 35 -11.05 10.05 19.80
CA HIS A 35 -11.21 11.20 18.93
C HIS A 35 -12.46 11.04 18.08
N ASP A 36 -13.59 11.40 18.68
CA ASP A 36 -14.87 11.30 17.99
C ASP A 36 -14.71 11.79 16.55
N GLY A 37 -14.90 10.88 15.61
CA GLY A 37 -14.78 11.21 14.20
C GLY A 37 -14.25 10.02 13.40
N SER A 38 -14.90 8.88 13.59
CA SER A 38 -14.50 7.66 12.89
C SER A 38 -13.04 7.35 13.19
N SER A 39 -12.60 6.19 12.71
CA SER A 39 -11.23 5.77 12.92
C SER A 39 -10.28 6.65 12.11
N SER A 40 -8.99 6.42 12.32
CA SER A 40 -7.97 7.18 11.62
C SER A 40 -6.72 6.32 11.42
N GLU A 41 -6.81 5.42 10.45
CA GLU A 41 -5.70 4.54 10.14
C GLU A 41 -5.65 4.27 8.64
N GLY A 42 -4.45 3.92 8.17
CA GLY A 42 -4.25 3.63 6.76
C GLY A 42 -2.94 2.86 6.55
N ILE A 43 -2.66 2.58 5.29
CA ILE A 43 -1.45 1.86 4.92
C ILE A 43 -0.69 2.64 3.86
N PHE A 44 0.57 2.89 4.14
CA PHE A 44 1.42 3.63 3.22
C PHE A 44 2.81 2.99 3.14
N VAL A 45 3.52 3.36 2.08
CA VAL A 45 4.86 2.83 1.87
C VAL A 45 5.89 3.91 2.23
N SER A 46 6.76 3.56 3.17
CA SER A 46 7.80 4.47 3.62
C SER A 46 9.15 4.06 3.05
N LYS A 47 9.37 2.75 3.05
CA LYS A 47 10.63 2.21 2.54
C LYS A 47 10.32 1.23 1.40
N ILE A 48 11.22 1.22 0.42
CA ILE A 48 11.06 0.34 -0.72
C ILE A 48 12.42 -0.22 -1.12
N VAL A 49 12.51 -1.55 -1.11
CA VAL A 49 13.75 -2.22 -1.47
C VAL A 49 13.93 -2.18 -2.98
N ASP A 50 15.02 -1.54 -3.39
CA ASP A 50 15.32 -1.42 -4.81
C ASP A 50 15.22 -2.80 -5.47
N SER A 51 16.31 -3.55 -5.35
CA SER A 51 16.36 -4.88 -5.92
C SER A 51 15.02 -5.60 -5.70
N GLY A 52 14.36 -5.23 -4.63
CA GLY A 52 13.08 -5.83 -4.29
C GLY A 52 12.14 -5.82 -5.50
N PRO A 53 11.22 -6.83 -5.51
CA PRO A 53 10.26 -6.96 -6.60
C PRO A 53 9.17 -5.89 -6.49
N ALA A 54 9.26 -5.09 -5.44
CA ALA A 54 8.29 -4.04 -5.22
C ALA A 54 8.69 -2.80 -6.02
N ALA A 55 10.00 -2.56 -6.05
CA ALA A 55 10.53 -1.42 -6.77
C ALA A 55 10.87 -1.83 -8.20
N LYS A 56 11.48 -3.01 -8.31
CA LYS A 56 11.87 -3.53 -9.60
C LYS A 56 10.68 -3.45 -10.56
N GLU A 57 9.81 -4.45 -10.47
CA GLU A 57 8.63 -4.49 -11.32
C GLU A 57 7.40 -4.06 -10.53
N GLY A 58 7.45 -4.30 -9.24
CA GLY A 58 6.34 -3.93 -8.36
C GLY A 58 5.63 -2.68 -8.86
N GLY A 59 6.43 -1.66 -9.13
CA GLY A 59 5.89 -0.39 -9.61
C GLY A 59 5.51 0.53 -8.46
N LEU A 60 5.83 0.07 -7.26
CA LEU A 60 5.52 0.84 -6.06
C LEU A 60 6.39 2.10 -6.03
N GLN A 61 6.08 2.97 -5.09
CA GLN A 61 6.83 4.21 -4.94
C GLN A 61 6.67 4.76 -3.52
N ILE A 62 7.81 5.03 -2.90
CA ILE A 62 7.82 5.56 -1.55
C ILE A 62 6.71 6.61 -1.41
N HIS A 63 6.15 6.67 -0.21
CA HIS A 63 5.09 7.62 0.06
C HIS A 63 3.85 7.27 -0.77
N ASP A 64 3.41 6.03 -0.60
CA ASP A 64 2.25 5.55 -1.33
C ASP A 64 1.13 5.24 -0.34
N ARG A 65 -0.06 5.00 -0.89
CA ARG A 65 -1.21 4.68 -0.07
C ARG A 65 -1.94 3.45 -0.63
N ILE A 66 -1.43 2.28 -0.26
CA ILE A 66 -2.03 1.03 -0.72
C ILE A 66 -3.54 1.07 -0.46
N ILE A 67 -4.28 0.67 -1.49
CA ILE A 67 -5.73 0.65 -1.38
C ILE A 67 -6.21 -0.80 -1.28
N GLU A 68 -5.58 -1.66 -2.06
CA GLU A 68 -5.93 -3.07 -2.06
C GLU A 68 -4.69 -3.92 -2.38
N VAL A 69 -4.69 -5.12 -1.81
CA VAL A 69 -3.57 -6.03 -2.02
C VAL A 69 -4.12 -7.45 -2.21
N ASN A 70 -3.88 -7.98 -3.40
CA ASN A 70 -4.34 -9.32 -3.73
C ASN A 70 -5.87 -9.36 -3.66
N GLY A 71 -6.46 -8.18 -3.64
CA GLY A 71 -7.91 -8.07 -3.56
C GLY A 71 -8.37 -7.80 -2.13
N ARG A 72 -7.40 -7.61 -1.25
CA ARG A 72 -7.69 -7.35 0.15
C ARG A 72 -7.61 -5.85 0.43
N ASP A 73 -8.70 -5.33 0.98
CA ASP A 73 -8.77 -3.91 1.31
C ASP A 73 -7.98 -3.65 2.59
N LEU A 74 -6.99 -2.78 2.47
CA LEU A 74 -6.16 -2.43 3.61
C LEU A 74 -6.20 -0.92 3.83
N SER A 75 -7.00 -0.26 3.00
CA SER A 75 -7.14 1.18 3.09
C SER A 75 -7.44 1.59 4.54
N ARG A 76 -8.25 0.77 5.19
CA ARG A 76 -8.62 1.03 6.57
C ARG A 76 -8.03 -0.04 7.49
N ALA A 77 -6.98 -0.67 7.00
CA ALA A 77 -6.31 -1.71 7.76
C ALA A 77 -5.07 -1.12 8.46
N THR A 78 -4.48 -1.91 9.33
CA THR A 78 -3.30 -1.48 10.06
C THR A 78 -2.06 -2.20 9.54
N HIS A 79 -0.90 -1.70 9.96
CA HIS A 79 0.36 -2.29 9.54
C HIS A 79 0.33 -3.80 9.79
N ASP A 80 -0.22 -4.16 10.93
CA ASP A 80 -0.31 -5.57 11.31
C ASP A 80 -1.10 -6.32 10.23
N GLN A 81 -2.28 -5.79 9.93
CA GLN A 81 -3.13 -6.40 8.92
C GLN A 81 -2.45 -6.38 7.55
N ALA A 82 -1.97 -5.19 7.20
CA ALA A 82 -1.28 -5.01 5.93
C ALA A 82 -0.23 -6.11 5.76
N VAL A 83 0.62 -6.23 6.76
CA VAL A 83 1.67 -7.23 6.74
C VAL A 83 1.05 -8.61 6.48
N GLU A 84 0.10 -8.97 7.34
CA GLU A 84 -0.56 -10.24 7.22
C GLU A 84 -1.08 -10.45 5.79
N ALA A 85 -1.72 -9.42 5.27
CA ALA A 85 -2.25 -9.47 3.92
C ALA A 85 -1.14 -9.86 2.95
N PHE A 86 -0.09 -9.06 2.97
CA PHE A 86 1.05 -9.30 2.09
C PHE A 86 1.68 -10.67 2.39
N LYS A 87 1.49 -11.12 3.62
CA LYS A 87 2.03 -12.40 4.03
C LYS A 87 1.16 -13.53 3.46
N THR A 88 -0.13 -13.41 3.70
CA THR A 88 -1.09 -14.41 3.23
C THR A 88 -1.38 -14.18 1.74
N ALA A 89 -0.83 -13.10 1.21
CA ALA A 89 -1.03 -12.75 -0.18
C ALA A 89 -0.26 -13.75 -1.06
N LYS A 90 -0.80 -13.99 -2.25
CA LYS A 90 -0.19 -14.90 -3.19
C LYS A 90 0.18 -14.15 -4.47
N GLU A 91 1.21 -14.65 -5.14
CA GLU A 91 1.66 -14.04 -6.38
C GLU A 91 0.93 -14.64 -7.57
N PRO A 92 0.65 -13.77 -8.57
CA PRO A 92 1.03 -12.37 -8.48
C PRO A 92 0.12 -11.61 -7.51
N ILE A 93 0.74 -10.75 -6.72
CA ILE A 93 0.00 -9.96 -5.75
C ILE A 93 -0.40 -8.63 -6.39
N VAL A 94 -1.71 -8.48 -6.60
CA VAL A 94 -2.23 -7.27 -7.20
C VAL A 94 -2.42 -6.21 -6.11
N VAL A 95 -1.59 -5.18 -6.19
CA VAL A 95 -1.65 -4.09 -5.23
C VAL A 95 -2.07 -2.81 -5.94
N GLN A 96 -2.72 -1.93 -5.18
CA GLN A 96 -3.18 -0.67 -5.73
C GLN A 96 -2.83 0.48 -4.78
N VAL A 97 -2.39 1.58 -5.37
CA VAL A 97 -2.02 2.75 -4.60
C VAL A 97 -2.74 3.98 -5.16
N LEU A 98 -2.73 5.04 -4.36
CA LEU A 98 -3.38 6.28 -4.76
C LEU A 98 -2.32 7.36 -4.98
N ARG A 99 -2.14 7.71 -6.25
CA ARG A 99 -1.15 8.72 -6.61
C ARG A 99 -1.85 10.05 -6.89
N ARG A 100 -1.41 11.08 -6.19
CA ARG A 100 -1.98 12.40 -6.36
C ARG A 100 -0.87 13.47 -6.40
N THR A 101 -0.99 14.36 -7.36
CA THR A 101 -0.01 15.43 -7.52
C THR A 101 0.18 16.18 -6.21
N SER A 102 1.40 16.16 -5.71
CA SER A 102 1.72 16.84 -4.46
C SER A 102 3.23 16.82 -4.23
N GLY A 103 3.79 18.02 -4.13
CA GLY A 103 5.22 18.16 -3.90
C GLY A 103 5.86 19.06 -4.95
N PRO A 104 6.58 20.10 -4.46
CA PRO A 104 7.24 21.04 -5.34
C PRO A 104 8.50 20.42 -5.96
N SER A 105 9.21 21.25 -6.71
CA SER A 105 10.43 20.80 -7.37
C SER A 105 11.61 21.66 -6.94
N SER A 106 12.75 21.00 -6.73
CA SER A 106 13.95 21.69 -6.31
C SER A 106 15.04 21.53 -7.37
N GLY A 107 15.80 22.59 -7.56
CA GLY A 107 16.89 22.58 -8.53
C GLY A 107 18.20 23.04 -7.90
N GLY A 1 -3.45 16.82 8.24
CA GLY A 1 -4.86 16.68 8.53
C GLY A 1 -5.57 15.90 7.43
N SER A 2 -6.83 16.27 7.20
CA SER A 2 -7.62 15.61 6.18
C SER A 2 -7.38 16.27 4.82
N SER A 3 -6.84 15.48 3.91
CA SER A 3 -6.56 15.98 2.57
C SER A 3 -6.46 14.81 1.58
N GLY A 4 -7.55 14.59 0.87
CA GLY A 4 -7.61 13.52 -0.11
C GLY A 4 -8.11 14.02 -1.46
N SER A 5 -7.39 15.00 -1.99
CA SER A 5 -7.75 15.58 -3.28
C SER A 5 -8.06 14.47 -4.29
N SER A 6 -8.86 14.81 -5.28
CA SER A 6 -9.23 13.86 -6.30
C SER A 6 -7.98 13.24 -6.92
N GLY A 7 -7.70 12.01 -6.50
CA GLY A 7 -6.53 11.30 -7.01
C GLY A 7 -6.95 10.15 -7.93
N LYS A 8 -5.98 9.31 -8.25
CA LYS A 8 -6.23 8.17 -9.11
C LYS A 8 -5.64 6.91 -8.46
N SER A 9 -6.25 5.78 -8.79
CA SER A 9 -5.81 4.51 -8.26
C SER A 9 -5.14 3.67 -9.36
N LEU A 10 -3.87 3.39 -9.16
CA LEU A 10 -3.12 2.61 -10.13
C LEU A 10 -2.90 1.20 -9.57
N THR A 11 -2.85 0.24 -10.48
CA THR A 11 -2.64 -1.15 -10.10
C THR A 11 -1.18 -1.55 -10.32
N LEU A 12 -0.67 -2.34 -9.38
CA LEU A 12 0.71 -2.79 -9.45
C LEU A 12 0.80 -4.22 -8.89
N VAL A 13 1.59 -5.04 -9.57
CA VAL A 13 1.77 -6.41 -9.15
C VAL A 13 3.08 -6.54 -8.36
N LEU A 14 2.94 -6.90 -7.10
CA LEU A 14 4.10 -7.06 -6.23
C LEU A 14 4.34 -8.55 -5.97
N HIS A 15 5.58 -8.86 -5.66
CA HIS A 15 5.96 -10.24 -5.40
C HIS A 15 6.85 -10.30 -4.14
N ARG A 16 7.03 -11.51 -3.65
CA ARG A 16 7.85 -11.72 -2.46
C ARG A 16 8.82 -12.88 -2.68
N ASP A 17 10.10 -12.53 -2.78
CA ASP A 17 11.13 -13.53 -2.99
C ASP A 17 11.61 -14.06 -1.63
N SER A 18 10.84 -14.97 -1.08
CA SER A 18 11.17 -15.56 0.21
C SER A 18 10.65 -14.66 1.34
N GLY A 19 9.33 -14.51 1.36
CA GLY A 19 8.71 -13.69 2.38
C GLY A 19 9.31 -12.28 2.41
N SER A 20 9.71 -11.82 1.23
CA SER A 20 10.30 -10.49 1.11
C SER A 20 9.65 -9.75 -0.06
N LEU A 21 8.61 -9.00 0.26
CA LEU A 21 7.90 -8.24 -0.75
C LEU A 21 8.87 -7.25 -1.41
N GLY A 22 9.76 -6.70 -0.59
CA GLY A 22 10.73 -5.76 -1.08
C GLY A 22 10.35 -4.32 -0.70
N PHE A 23 9.66 -4.21 0.42
CA PHE A 23 9.22 -2.91 0.90
C PHE A 23 8.63 -3.01 2.31
N ASN A 24 8.18 -1.87 2.82
CA ASN A 24 7.59 -1.83 4.14
C ASN A 24 6.35 -0.94 4.12
N ILE A 25 5.79 -0.72 5.30
CA ILE A 25 4.60 0.11 5.42
C ILE A 25 4.60 0.80 6.79
N ILE A 26 3.82 1.86 6.87
CA ILE A 26 3.73 2.62 8.11
C ILE A 26 2.24 2.80 8.48
N GLY A 27 2.03 3.22 9.72
CA GLY A 27 0.67 3.43 10.20
C GLY A 27 0.30 2.39 11.26
N GLY A 28 -1.00 2.21 11.42
CA GLY A 28 -1.50 1.24 12.39
C GLY A 28 -0.98 1.56 13.80
N ARG A 29 -1.41 2.71 14.31
CA ARG A 29 -0.99 3.13 15.64
C ARG A 29 -1.76 2.36 16.71
N PRO A 30 -1.02 1.92 17.75
CA PRO A 30 -1.62 1.17 18.85
C PRO A 30 -2.43 2.10 19.77
N SER A 31 -3.38 2.80 19.16
CA SER A 31 -4.23 3.72 19.90
C SER A 31 -3.40 4.46 20.95
N VAL A 32 -2.62 5.42 20.48
CA VAL A 32 -1.77 6.21 21.36
C VAL A 32 -2.57 6.61 22.60
N ASP A 33 -3.82 7.00 22.37
CA ASP A 33 -4.69 7.41 23.45
C ASP A 33 -5.98 7.99 22.87
N ASN A 34 -7.02 7.17 22.85
CA ASN A 34 -8.30 7.59 22.33
C ASN A 34 -9.17 6.36 22.05
N HIS A 35 -10.37 6.38 22.58
CA HIS A 35 -11.30 5.28 22.40
C HIS A 35 -12.05 5.46 21.08
N ASP A 36 -12.85 6.52 21.04
CA ASP A 36 -13.63 6.83 19.86
C ASP A 36 -14.52 5.62 19.51
N GLY A 37 -15.40 5.83 18.55
CA GLY A 37 -16.31 4.78 18.12
C GLY A 37 -15.53 3.55 17.65
N SER A 38 -14.66 3.77 16.68
CA SER A 38 -13.86 2.69 16.14
C SER A 38 -12.59 3.25 15.47
N SER A 39 -11.55 3.41 16.27
CA SER A 39 -10.30 3.94 15.77
C SER A 39 -10.01 3.37 14.38
N SER A 40 -9.22 4.12 13.62
CA SER A 40 -8.86 3.71 12.27
C SER A 40 -7.59 4.43 11.82
N GLU A 41 -6.81 3.73 11.01
CA GLU A 41 -5.57 4.30 10.50
C GLU A 41 -5.45 4.05 9.00
N GLY A 42 -4.29 4.42 8.46
CA GLY A 42 -4.04 4.22 7.04
C GLY A 42 -2.70 3.50 6.82
N ILE A 43 -2.57 2.94 5.64
CA ILE A 43 -1.36 2.22 5.28
C ILE A 43 -0.60 3.00 4.20
N PHE A 44 0.68 3.23 4.46
CA PHE A 44 1.51 3.96 3.52
C PHE A 44 2.90 3.31 3.41
N VAL A 45 3.56 3.60 2.29
CA VAL A 45 4.88 3.07 2.05
C VAL A 45 5.94 4.10 2.48
N SER A 46 6.83 3.66 3.35
CA SER A 46 7.88 4.53 3.84
C SER A 46 9.25 3.90 3.55
N LYS A 47 9.22 2.80 2.81
CA LYS A 47 10.45 2.10 2.45
C LYS A 47 10.16 1.17 1.27
N ILE A 48 11.20 0.97 0.47
CA ILE A 48 11.08 0.10 -0.69
C ILE A 48 12.46 -0.47 -1.04
N VAL A 49 12.55 -1.78 -0.98
CA VAL A 49 13.80 -2.47 -1.28
C VAL A 49 14.10 -2.34 -2.77
N ASP A 50 15.32 -1.95 -3.07
CA ASP A 50 15.75 -1.79 -4.45
C ASP A 50 15.71 -3.14 -5.15
N SER A 51 16.70 -3.96 -4.84
CA SER A 51 16.79 -5.29 -5.44
C SER A 51 15.45 -6.02 -5.29
N GLY A 52 14.67 -5.57 -4.31
CA GLY A 52 13.37 -6.17 -4.04
C GLY A 52 12.55 -6.27 -5.32
N PRO A 53 11.65 -7.29 -5.35
CA PRO A 53 10.79 -7.50 -6.51
C PRO A 53 9.67 -6.47 -6.55
N ALA A 54 9.64 -5.63 -5.53
CA ALA A 54 8.62 -4.60 -5.43
C ALA A 54 9.11 -3.33 -6.12
N ALA A 55 10.42 -3.12 -6.05
CA ALA A 55 11.02 -1.95 -6.66
C ALA A 55 11.47 -2.31 -8.08
N LYS A 56 11.61 -3.61 -8.32
CA LYS A 56 12.03 -4.09 -9.63
C LYS A 56 10.86 -3.97 -10.61
N GLU A 57 9.99 -4.97 -10.56
CA GLU A 57 8.83 -4.99 -11.44
C GLU A 57 7.57 -4.56 -10.68
N GLY A 58 7.66 -4.66 -9.36
CA GLY A 58 6.55 -4.28 -8.50
C GLY A 58 5.79 -3.10 -9.08
N GLY A 59 6.48 -1.96 -9.12
CA GLY A 59 5.87 -0.75 -9.65
C GLY A 59 5.47 0.20 -8.52
N LEU A 60 5.79 -0.21 -7.30
CA LEU A 60 5.46 0.58 -6.13
C LEU A 60 6.36 1.82 -6.09
N GLN A 61 6.04 2.73 -5.17
CA GLN A 61 6.80 3.95 -5.03
C GLN A 61 6.61 4.53 -3.62
N ILE A 62 7.72 4.71 -2.93
CA ILE A 62 7.69 5.26 -1.59
C ILE A 62 6.62 6.36 -1.51
N HIS A 63 6.08 6.53 -0.32
CA HIS A 63 5.05 7.54 -0.11
C HIS A 63 3.80 7.17 -0.91
N ASP A 64 3.44 5.90 -0.83
CA ASP A 64 2.27 5.41 -1.54
C ASP A 64 1.22 4.95 -0.53
N ARG A 65 -0.04 5.20 -0.87
CA ARG A 65 -1.14 4.82 -0.01
C ARG A 65 -1.87 3.60 -0.58
N ILE A 66 -1.41 2.43 -0.16
CA ILE A 66 -2.02 1.18 -0.63
C ILE A 66 -3.53 1.27 -0.46
N ILE A 67 -4.23 0.73 -1.45
CA ILE A 67 -5.69 0.73 -1.43
C ILE A 67 -6.19 -0.70 -1.32
N GLU A 68 -5.58 -1.58 -2.11
CA GLU A 68 -5.95 -2.98 -2.11
C GLU A 68 -4.74 -3.86 -2.39
N VAL A 69 -4.79 -5.08 -1.90
CA VAL A 69 -3.70 -6.03 -2.09
C VAL A 69 -4.28 -7.41 -2.35
N ASN A 70 -3.99 -7.93 -3.54
CA ASN A 70 -4.47 -9.25 -3.93
C ASN A 70 -5.99 -9.28 -3.78
N GLY A 71 -6.59 -8.10 -3.76
CA GLY A 71 -8.03 -7.99 -3.65
C GLY A 71 -8.42 -7.65 -2.20
N ARG A 72 -7.42 -7.60 -1.34
CA ARG A 72 -7.66 -7.29 0.06
C ARG A 72 -7.48 -5.79 0.31
N ASP A 73 -8.51 -5.20 0.92
CA ASP A 73 -8.48 -3.78 1.22
C ASP A 73 -7.67 -3.55 2.50
N LEU A 74 -6.72 -2.63 2.41
CA LEU A 74 -5.88 -2.30 3.54
C LEU A 74 -5.96 -0.80 3.82
N SER A 75 -6.81 -0.13 3.05
CA SER A 75 -6.98 1.30 3.20
C SER A 75 -7.37 1.63 4.64
N ARG A 76 -8.16 0.75 5.23
CA ARG A 76 -8.59 0.93 6.61
C ARG A 76 -7.98 -0.14 7.50
N ALA A 77 -6.89 -0.73 7.02
CA ALA A 77 -6.20 -1.77 7.76
C ALA A 77 -4.99 -1.17 8.47
N THR A 78 -4.38 -1.97 9.33
CA THR A 78 -3.21 -1.53 10.07
C THR A 78 -1.95 -2.21 9.53
N HIS A 79 -0.84 -1.90 10.18
CA HIS A 79 0.44 -2.47 9.78
C HIS A 79 0.40 -4.00 9.93
N ASP A 80 -0.18 -4.43 11.04
CA ASP A 80 -0.29 -5.86 11.31
C ASP A 80 -1.11 -6.52 10.20
N GLN A 81 -2.28 -5.95 9.95
CA GLN A 81 -3.16 -6.49 8.92
C GLN A 81 -2.47 -6.41 7.55
N ALA A 82 -1.91 -5.25 7.26
CA ALA A 82 -1.23 -5.05 6.00
C ALA A 82 -0.20 -6.16 5.79
N VAL A 83 0.71 -6.27 6.75
CA VAL A 83 1.74 -7.28 6.69
C VAL A 83 1.10 -8.65 6.45
N GLU A 84 0.15 -8.99 7.31
CA GLU A 84 -0.54 -10.26 7.19
C GLU A 84 -1.06 -10.46 5.77
N ALA A 85 -1.67 -9.40 5.25
CA ALA A 85 -2.23 -9.45 3.90
C ALA A 85 -1.11 -9.84 2.92
N PHE A 86 -0.04 -9.06 2.93
CA PHE A 86 1.08 -9.32 2.05
C PHE A 86 1.75 -10.65 2.40
N LYS A 87 1.60 -11.05 3.65
CA LYS A 87 2.17 -12.29 4.12
C LYS A 87 1.37 -13.47 3.56
N THR A 88 0.05 -13.37 3.72
CA THR A 88 -0.84 -14.42 3.24
C THR A 88 -1.15 -14.21 1.76
N ALA A 89 -0.70 -13.08 1.24
CA ALA A 89 -0.93 -12.74 -0.15
C ALA A 89 -0.16 -13.74 -1.04
N LYS A 90 -0.70 -13.97 -2.22
CA LYS A 90 -0.08 -14.89 -3.16
C LYS A 90 0.30 -14.13 -4.42
N GLU A 91 1.33 -14.64 -5.09
CA GLU A 91 1.82 -14.02 -6.32
C GLU A 91 1.12 -14.62 -7.53
N PRO A 92 0.84 -13.74 -8.53
CA PRO A 92 1.20 -12.34 -8.42
C PRO A 92 0.26 -11.61 -7.47
N ILE A 93 0.84 -10.70 -6.69
CA ILE A 93 0.06 -9.92 -5.75
C ILE A 93 -0.36 -8.60 -6.39
N VAL A 94 -1.66 -8.49 -6.62
CA VAL A 94 -2.22 -7.30 -7.24
C VAL A 94 -2.42 -6.22 -6.16
N VAL A 95 -1.60 -5.19 -6.25
CA VAL A 95 -1.68 -4.08 -5.29
C VAL A 95 -2.10 -2.81 -6.03
N GLN A 96 -2.77 -1.94 -5.30
CA GLN A 96 -3.23 -0.68 -5.87
C GLN A 96 -2.80 0.48 -4.96
N VAL A 97 -2.31 1.54 -5.61
CA VAL A 97 -1.87 2.71 -4.88
C VAL A 97 -2.61 3.95 -5.42
N LEU A 98 -2.53 5.02 -4.66
CA LEU A 98 -3.18 6.26 -5.05
C LEU A 98 -2.12 7.29 -5.44
N ARG A 99 -2.05 7.55 -6.74
CA ARG A 99 -1.08 8.51 -7.25
C ARG A 99 -1.80 9.69 -7.93
N ARG A 100 -1.31 10.87 -7.64
CA ARG A 100 -1.89 12.08 -8.20
C ARG A 100 -2.26 11.86 -9.66
N THR A 101 -1.52 10.97 -10.30
CA THR A 101 -1.74 10.65 -11.70
C THR A 101 -0.85 9.50 -12.16
N SER A 102 0.43 9.64 -11.83
CA SER A 102 1.41 8.62 -12.19
C SER A 102 2.75 8.92 -11.51
N GLY A 103 3.75 8.12 -11.86
CA GLY A 103 5.07 8.29 -11.30
C GLY A 103 6.05 7.27 -11.89
N PRO A 104 6.84 7.73 -12.89
CA PRO A 104 7.81 6.88 -13.54
C PRO A 104 9.03 6.65 -12.64
N SER A 105 9.78 5.61 -12.97
CA SER A 105 10.96 5.27 -12.20
C SER A 105 12.20 5.30 -13.11
N SER A 106 12.16 4.47 -14.14
CA SER A 106 13.26 4.39 -15.08
C SER A 106 13.76 5.80 -15.43
N GLY A 107 15.02 5.87 -15.80
CA GLY A 107 15.63 7.15 -16.15
C GLY A 107 15.91 7.99 -14.90
N GLY A 1 -23.60 15.41 -4.22
CA GLY A 1 -23.71 14.65 -5.45
C GLY A 1 -22.52 13.70 -5.62
N SER A 2 -22.39 13.17 -6.82
CA SER A 2 -21.30 12.26 -7.12
C SER A 2 -20.00 13.04 -7.36
N SER A 3 -19.20 13.12 -6.32
CA SER A 3 -17.93 13.83 -6.40
C SER A 3 -16.79 12.94 -5.89
N GLY A 4 -15.59 13.25 -6.36
CA GLY A 4 -14.42 12.49 -5.95
C GLY A 4 -13.28 13.42 -5.56
N SER A 5 -12.78 14.14 -6.54
CA SER A 5 -11.69 15.08 -6.31
C SER A 5 -10.54 14.37 -5.59
N SER A 6 -9.68 13.73 -6.38
CA SER A 6 -8.54 13.02 -5.83
C SER A 6 -7.52 12.74 -6.93
N GLY A 7 -6.44 12.09 -6.54
CA GLY A 7 -5.38 11.75 -7.48
C GLY A 7 -5.86 10.73 -8.51
N LYS A 8 -5.42 9.49 -8.31
CA LYS A 8 -5.79 8.42 -9.21
C LYS A 8 -5.37 7.08 -8.61
N SER A 9 -6.04 6.02 -9.03
CA SER A 9 -5.74 4.69 -8.55
C SER A 9 -4.96 3.90 -9.59
N LEU A 10 -3.81 3.40 -9.17
CA LEU A 10 -2.97 2.63 -10.07
C LEU A 10 -2.78 1.22 -9.50
N THR A 11 -2.69 0.26 -10.41
CA THR A 11 -2.51 -1.13 -10.01
C THR A 11 -1.05 -1.56 -10.21
N LEU A 12 -0.56 -2.34 -9.26
CA LEU A 12 0.81 -2.82 -9.32
C LEU A 12 0.85 -4.27 -8.83
N VAL A 13 1.62 -5.08 -9.54
CA VAL A 13 1.75 -6.49 -9.19
C VAL A 13 3.07 -6.69 -8.43
N LEU A 14 2.94 -7.10 -7.18
CA LEU A 14 4.10 -7.33 -6.34
C LEU A 14 4.29 -8.83 -6.14
N HIS A 15 5.53 -9.22 -5.89
CA HIS A 15 5.85 -10.62 -5.68
C HIS A 15 6.48 -10.80 -4.29
N ARG A 16 6.50 -12.04 -3.85
CA ARG A 16 7.07 -12.36 -2.55
C ARG A 16 8.34 -13.21 -2.71
N ASP A 17 9.46 -12.61 -2.34
CA ASP A 17 10.73 -13.29 -2.45
C ASP A 17 11.16 -13.79 -1.07
N SER A 18 10.30 -14.60 -0.47
CA SER A 18 10.57 -15.15 0.85
C SER A 18 10.12 -14.16 1.93
N GLY A 19 8.82 -13.92 1.96
CA GLY A 19 8.26 -13.01 2.94
C GLY A 19 9.11 -11.74 3.06
N SER A 20 9.22 -11.03 1.93
CA SER A 20 9.99 -9.81 1.90
C SER A 20 9.24 -8.74 1.09
N LEU A 21 8.76 -9.17 -0.06
CA LEU A 21 8.03 -8.26 -0.94
C LEU A 21 9.00 -7.24 -1.55
N GLY A 22 9.77 -6.62 -0.66
CA GLY A 22 10.74 -5.62 -1.10
C GLY A 22 10.27 -4.21 -0.76
N PHE A 23 9.74 -4.07 0.44
CA PHE A 23 9.24 -2.78 0.90
C PHE A 23 8.70 -2.87 2.32
N ASN A 24 8.28 -1.73 2.84
CA ASN A 24 7.73 -1.67 4.19
C ASN A 24 6.50 -0.76 4.21
N ILE A 25 5.70 -0.91 5.25
CA ILE A 25 4.50 -0.11 5.39
C ILE A 25 4.53 0.60 6.73
N ILE A 26 3.76 1.69 6.81
CA ILE A 26 3.69 2.48 8.03
C ILE A 26 2.23 2.63 8.44
N GLY A 27 2.04 3.08 9.67
CA GLY A 27 0.70 3.27 10.20
C GLY A 27 0.32 2.15 11.17
N GLY A 28 -0.94 2.15 11.56
CA GLY A 28 -1.44 1.13 12.47
C GLY A 28 -1.13 1.50 13.92
N ARG A 29 -1.74 2.58 14.37
CA ARG A 29 -1.54 3.05 15.73
C ARG A 29 -2.81 2.84 16.57
N PRO A 30 -2.60 2.51 17.87
CA PRO A 30 -3.71 2.28 18.77
C PRO A 30 -4.37 3.60 19.17
N SER A 31 -3.61 4.44 19.84
CA SER A 31 -4.11 5.73 20.28
C SER A 31 -5.45 5.55 20.99
N VAL A 32 -5.36 5.18 22.26
CA VAL A 32 -6.55 4.97 23.07
C VAL A 32 -7.30 3.74 22.56
N ASP A 33 -7.83 3.86 21.35
CA ASP A 33 -8.57 2.77 20.74
C ASP A 33 -7.67 1.52 20.68
N ASN A 34 -8.07 0.51 21.44
CA ASN A 34 -7.31 -0.72 21.48
C ASN A 34 -7.58 -1.53 20.20
N HIS A 35 -6.81 -2.60 20.04
CA HIS A 35 -6.96 -3.46 18.87
C HIS A 35 -8.24 -4.28 19.01
N ASP A 36 -9.25 -3.87 18.25
CA ASP A 36 -10.54 -4.56 18.26
C ASP A 36 -11.18 -4.44 16.89
N GLY A 37 -11.47 -3.21 16.50
CA GLY A 37 -12.09 -2.95 15.22
C GLY A 37 -11.96 -1.47 14.83
N SER A 38 -13.08 -0.89 14.45
CA SER A 38 -13.09 0.51 14.05
C SER A 38 -12.16 0.72 12.86
N SER A 39 -12.33 1.87 12.22
CA SER A 39 -11.51 2.21 11.07
C SER A 39 -10.95 3.62 11.21
N SER A 40 -9.72 3.79 10.74
CA SER A 40 -9.06 5.08 10.82
C SER A 40 -7.59 4.94 10.41
N GLU A 41 -7.02 3.79 10.73
CA GLU A 41 -5.64 3.52 10.40
C GLU A 41 -5.40 3.68 8.89
N GLY A 42 -4.18 4.07 8.56
CA GLY A 42 -3.82 4.26 7.17
C GLY A 42 -2.51 3.55 6.84
N ILE A 43 -2.52 2.85 5.71
CA ILE A 43 -1.35 2.11 5.27
C ILE A 43 -0.65 2.90 4.16
N PHE A 44 0.65 3.07 4.34
CA PHE A 44 1.45 3.80 3.36
C PHE A 44 2.85 3.18 3.23
N VAL A 45 3.43 3.40 2.06
CA VAL A 45 4.76 2.87 1.79
C VAL A 45 5.80 3.95 2.07
N SER A 46 6.64 3.68 3.05
CA SER A 46 7.69 4.62 3.43
C SER A 46 9.06 4.03 3.13
N LYS A 47 9.06 2.75 2.76
CA LYS A 47 10.30 2.06 2.43
C LYS A 47 10.05 1.15 1.23
N ILE A 48 11.10 1.00 0.42
CA ILE A 48 11.02 0.16 -0.76
C ILE A 48 12.42 -0.34 -1.12
N VAL A 49 12.57 -1.66 -1.05
CA VAL A 49 13.85 -2.28 -1.35
C VAL A 49 14.10 -2.20 -2.87
N ASP A 50 15.15 -1.49 -3.22
CA ASP A 50 15.51 -1.33 -4.63
C ASP A 50 15.62 -2.72 -5.28
N SER A 51 16.56 -3.50 -4.76
CA SER A 51 16.79 -4.84 -5.28
C SER A 51 15.52 -5.69 -5.09
N GLY A 52 14.63 -5.18 -4.25
CA GLY A 52 13.39 -5.88 -3.97
C GLY A 52 12.56 -6.06 -5.25
N PRO A 53 11.72 -7.12 -5.23
CA PRO A 53 10.86 -7.41 -6.37
C PRO A 53 9.69 -6.44 -6.45
N ALA A 54 9.63 -5.56 -5.46
CA ALA A 54 8.56 -4.58 -5.39
C ALA A 54 8.99 -3.32 -6.15
N ALA A 55 10.29 -3.06 -6.12
CA ALA A 55 10.84 -1.90 -6.81
C ALA A 55 11.26 -2.30 -8.22
N LYS A 56 11.65 -3.56 -8.37
CA LYS A 56 12.08 -4.07 -9.65
C LYS A 56 10.91 -4.00 -10.64
N GLU A 57 10.06 -5.01 -10.57
CA GLU A 57 8.89 -5.08 -11.44
C GLU A 57 7.64 -4.65 -10.67
N GLY A 58 7.69 -4.81 -9.36
CA GLY A 58 6.57 -4.45 -8.51
C GLY A 58 5.80 -3.26 -9.10
N GLY A 59 6.49 -2.14 -9.17
CA GLY A 59 5.88 -0.92 -9.71
C GLY A 59 5.48 0.02 -8.58
N LEU A 60 5.79 -0.39 -7.36
CA LEU A 60 5.45 0.41 -6.19
C LEU A 60 6.27 1.71 -6.21
N GLN A 61 5.96 2.58 -5.28
CA GLN A 61 6.66 3.86 -5.19
C GLN A 61 6.48 4.46 -3.79
N ILE A 62 7.61 4.72 -3.15
CA ILE A 62 7.60 5.30 -1.81
C ILE A 62 6.51 6.36 -1.72
N HIS A 63 6.05 6.59 -0.51
CA HIS A 63 5.01 7.59 -0.28
C HIS A 63 3.77 7.24 -1.12
N ASP A 64 3.36 5.99 -1.02
CA ASP A 64 2.21 5.52 -1.76
C ASP A 64 1.24 4.82 -0.80
N ARG A 65 0.01 5.33 -0.77
CA ARG A 65 -1.01 4.77 0.09
C ARG A 65 -1.71 3.60 -0.60
N ILE A 66 -1.39 2.40 -0.13
CA ILE A 66 -1.98 1.20 -0.68
C ILE A 66 -3.49 1.23 -0.48
N ILE A 67 -4.20 0.71 -1.47
CA ILE A 67 -5.65 0.68 -1.42
C ILE A 67 -6.12 -0.77 -1.26
N GLU A 68 -5.57 -1.64 -2.11
CA GLU A 68 -5.92 -3.05 -2.06
C GLU A 68 -4.70 -3.90 -2.36
N VAL A 69 -4.71 -5.12 -1.82
CA VAL A 69 -3.60 -6.04 -2.03
C VAL A 69 -4.16 -7.46 -2.22
N ASN A 70 -3.94 -8.00 -3.41
CA ASN A 70 -4.41 -9.33 -3.72
C ASN A 70 -5.93 -9.37 -3.60
N GLY A 71 -6.52 -8.19 -3.57
CA GLY A 71 -7.97 -8.08 -3.46
C GLY A 71 -8.38 -7.73 -2.03
N ARG A 72 -7.39 -7.66 -1.16
CA ARG A 72 -7.63 -7.35 0.24
C ARG A 72 -7.45 -5.84 0.48
N ASP A 73 -8.50 -5.23 1.03
CA ASP A 73 -8.47 -3.81 1.31
C ASP A 73 -7.65 -3.56 2.58
N LEU A 74 -6.70 -2.65 2.46
CA LEU A 74 -5.84 -2.32 3.58
C LEU A 74 -5.92 -0.80 3.84
N SER A 75 -6.75 -0.16 3.05
CA SER A 75 -6.92 1.29 3.18
C SER A 75 -7.30 1.64 4.63
N ARG A 76 -8.14 0.80 5.20
CA ARG A 76 -8.59 1.01 6.57
C ARG A 76 -8.02 -0.07 7.48
N ALA A 77 -6.95 -0.69 7.03
CA ALA A 77 -6.30 -1.74 7.79
C ALA A 77 -5.11 -1.16 8.55
N THR A 78 -4.44 -2.03 9.29
CA THR A 78 -3.27 -1.62 10.06
C THR A 78 -2.02 -2.33 9.55
N HIS A 79 -0.90 -1.97 10.15
CA HIS A 79 0.37 -2.57 9.76
C HIS A 79 0.33 -4.08 9.99
N ASP A 80 -0.41 -4.47 11.03
CA ASP A 80 -0.54 -5.87 11.36
C ASP A 80 -1.29 -6.59 10.24
N GLN A 81 -2.45 -6.03 9.90
CA GLN A 81 -3.27 -6.60 8.84
C GLN A 81 -2.56 -6.49 7.49
N ALA A 82 -2.11 -5.29 7.20
CA ALA A 82 -1.41 -5.03 5.95
C ALA A 82 -0.28 -6.06 5.78
N VAL A 83 0.51 -6.20 6.83
CA VAL A 83 1.62 -7.14 6.80
C VAL A 83 1.09 -8.55 6.51
N GLU A 84 0.15 -8.97 7.34
CA GLU A 84 -0.45 -10.29 7.18
C GLU A 84 -0.97 -10.46 5.75
N ALA A 85 -1.55 -9.39 5.23
CA ALA A 85 -2.09 -9.40 3.89
C ALA A 85 -0.98 -9.75 2.89
N PHE A 86 0.08 -8.96 2.94
CA PHE A 86 1.21 -9.17 2.06
C PHE A 86 1.91 -10.50 2.38
N LYS A 87 1.77 -10.93 3.62
CA LYS A 87 2.37 -12.18 4.06
C LYS A 87 1.54 -13.35 3.53
N THR A 88 0.24 -13.24 3.71
CA THR A 88 -0.68 -14.28 3.27
C THR A 88 -1.05 -14.07 1.80
N ALA A 89 -0.55 -12.99 1.25
CA ALA A 89 -0.81 -12.66 -0.15
C ALA A 89 -0.14 -13.69 -1.04
N LYS A 90 -0.77 -13.94 -2.18
CA LYS A 90 -0.25 -14.91 -3.13
C LYS A 90 0.11 -14.19 -4.44
N GLU A 91 1.07 -14.76 -5.15
CA GLU A 91 1.51 -14.19 -6.40
C GLU A 91 0.72 -14.77 -7.57
N PRO A 92 0.40 -13.89 -8.55
CA PRO A 92 0.81 -12.51 -8.47
C PRO A 92 -0.05 -11.74 -7.46
N ILE A 93 0.58 -10.80 -6.77
CA ILE A 93 -0.10 -9.99 -5.78
C ILE A 93 -0.53 -8.67 -6.42
N VAL A 94 -1.84 -8.52 -6.56
CA VAL A 94 -2.40 -7.31 -7.13
C VAL A 94 -2.51 -6.23 -6.06
N VAL A 95 -1.69 -5.21 -6.20
CA VAL A 95 -1.69 -4.11 -5.24
C VAL A 95 -2.07 -2.81 -5.96
N GLN A 96 -2.68 -1.92 -5.21
CA GLN A 96 -3.11 -0.64 -5.76
C GLN A 96 -2.75 0.50 -4.80
N VAL A 97 -2.45 1.64 -5.38
CA VAL A 97 -2.09 2.81 -4.59
C VAL A 97 -2.81 4.04 -5.16
N LEU A 98 -2.83 5.10 -4.36
CA LEU A 98 -3.47 6.34 -4.75
C LEU A 98 -2.41 7.41 -5.00
N ARG A 99 -2.18 7.68 -6.27
CA ARG A 99 -1.19 8.68 -6.66
C ARG A 99 -1.88 10.00 -7.01
N ARG A 100 -1.24 11.09 -6.59
CA ARG A 100 -1.77 12.42 -6.84
C ARG A 100 -2.93 12.71 -5.89
N THR A 101 -3.43 13.94 -5.96
CA THR A 101 -4.53 14.35 -5.13
C THR A 101 -5.14 15.66 -5.65
N SER A 102 -5.80 15.55 -6.79
CA SER A 102 -6.43 16.71 -7.41
C SER A 102 -5.39 17.53 -8.15
N GLY A 103 -5.51 17.51 -9.49
CA GLY A 103 -4.58 18.25 -10.32
C GLY A 103 -3.14 17.75 -10.13
N PRO A 104 -2.31 17.97 -11.18
CA PRO A 104 -0.92 17.55 -11.15
C PRO A 104 -0.10 18.48 -10.24
N SER A 105 1.20 18.19 -10.18
CA SER A 105 2.10 18.98 -9.37
C SER A 105 3.52 18.41 -9.45
N SER A 106 4.31 19.00 -10.33
CA SER A 106 5.68 18.56 -10.52
C SER A 106 6.64 19.50 -9.78
N GLY A 107 7.81 18.98 -9.48
CA GLY A 107 8.82 19.76 -8.77
C GLY A 107 8.34 20.13 -7.37
N GLY A 1 -20.19 15.73 -16.29
CA GLY A 1 -18.95 15.11 -15.86
C GLY A 1 -17.90 16.17 -15.49
N SER A 2 -18.07 16.75 -14.31
CA SER A 2 -17.15 17.77 -13.84
C SER A 2 -16.97 17.67 -12.33
N SER A 3 -15.80 17.18 -11.94
CA SER A 3 -15.49 17.02 -10.52
C SER A 3 -14.07 16.49 -10.36
N GLY A 4 -13.32 17.14 -9.48
CA GLY A 4 -11.95 16.73 -9.23
C GLY A 4 -11.55 17.04 -7.78
N SER A 5 -10.89 16.07 -7.17
CA SER A 5 -10.46 16.21 -5.79
C SER A 5 -9.55 15.05 -5.41
N SER A 6 -10.12 13.85 -5.47
CA SER A 6 -9.38 12.65 -5.13
C SER A 6 -8.22 12.46 -6.11
N GLY A 7 -7.31 11.57 -5.73
CA GLY A 7 -6.15 11.28 -6.57
C GLY A 7 -6.50 10.25 -7.64
N LYS A 8 -5.48 9.51 -8.07
CA LYS A 8 -5.66 8.50 -9.08
C LYS A 8 -5.31 7.12 -8.49
N SER A 9 -5.97 6.11 -9.01
CA SER A 9 -5.74 4.75 -8.55
C SER A 9 -4.99 3.95 -9.62
N LEU A 10 -3.91 3.32 -9.19
CA LEU A 10 -3.10 2.53 -10.09
C LEU A 10 -2.92 1.12 -9.52
N THR A 11 -2.63 0.19 -10.41
CA THR A 11 -2.43 -1.20 -10.01
C THR A 11 -0.96 -1.59 -10.12
N LEU A 12 -0.50 -2.36 -9.16
CA LEU A 12 0.88 -2.82 -9.15
C LEU A 12 0.92 -4.29 -8.72
N VAL A 13 1.74 -5.05 -9.43
CA VAL A 13 1.89 -6.46 -9.13
C VAL A 13 3.15 -6.68 -8.29
N LEU A 14 2.93 -7.16 -7.07
CA LEU A 14 4.03 -7.42 -6.16
C LEU A 14 4.31 -8.92 -6.11
N HIS A 15 5.55 -9.25 -5.77
CA HIS A 15 5.96 -10.64 -5.69
C HIS A 15 6.75 -10.86 -4.39
N ARG A 16 6.94 -12.13 -4.06
CA ARG A 16 7.67 -12.48 -2.86
C ARG A 16 8.98 -13.19 -3.23
N ASP A 17 10.03 -12.39 -3.32
CA ASP A 17 11.35 -12.92 -3.67
C ASP A 17 12.04 -13.42 -2.39
N SER A 18 11.63 -14.59 -1.95
CA SER A 18 12.20 -15.18 -0.75
C SER A 18 11.58 -14.55 0.50
N GLY A 19 10.25 -14.59 0.53
CA GLY A 19 9.53 -14.02 1.66
C GLY A 19 9.99 -12.60 1.96
N SER A 20 9.94 -11.76 0.93
CA SER A 20 10.35 -10.38 1.07
C SER A 20 9.81 -9.56 -0.10
N LEU A 21 8.61 -9.02 0.10
CA LEU A 21 7.97 -8.22 -0.93
C LEU A 21 8.97 -7.19 -1.47
N GLY A 22 9.75 -6.64 -0.55
CA GLY A 22 10.75 -5.64 -0.92
C GLY A 22 10.26 -4.23 -0.60
N PHE A 23 9.68 -4.09 0.58
CA PHE A 23 9.16 -2.79 1.01
C PHE A 23 8.57 -2.88 2.42
N ASN A 24 8.13 -1.73 2.91
CA ASN A 24 7.54 -1.67 4.24
C ASN A 24 6.36 -0.69 4.22
N ILE A 25 5.56 -0.77 5.27
CA ILE A 25 4.40 0.10 5.38
C ILE A 25 4.44 0.83 6.73
N ILE A 26 3.66 1.90 6.81
CA ILE A 26 3.60 2.69 8.03
C ILE A 26 2.14 2.97 8.38
N GLY A 27 1.93 3.33 9.64
CA GLY A 27 0.59 3.63 10.12
C GLY A 27 -0.09 2.37 10.67
N GLY A 28 0.20 2.09 11.94
CA GLY A 28 -0.37 0.93 12.59
C GLY A 28 -0.09 0.95 14.10
N ARG A 29 -1.17 0.93 14.86
CA ARG A 29 -1.06 0.95 16.31
C ARG A 29 -1.98 -0.10 16.93
N PRO A 30 -1.53 -0.65 18.09
CA PRO A 30 -2.30 -1.67 18.80
C PRO A 30 -3.50 -1.05 19.51
N SER A 31 -4.29 -1.91 20.13
CA SER A 31 -5.47 -1.46 20.85
C SER A 31 -5.06 -0.72 22.12
N VAL A 32 -6.03 -0.05 22.71
CA VAL A 32 -5.79 0.71 23.93
C VAL A 32 -6.37 -0.05 25.13
N ASP A 33 -7.38 -0.86 24.84
CA ASP A 33 -8.03 -1.65 25.87
C ASP A 33 -9.16 -2.47 25.25
N ASN A 34 -10.28 -1.79 25.01
CA ASN A 34 -11.43 -2.44 24.42
C ASN A 34 -12.43 -1.38 23.97
N HIS A 35 -12.66 -0.41 24.85
CA HIS A 35 -13.58 0.67 24.56
C HIS A 35 -13.12 1.42 23.31
N ASP A 36 -13.94 1.38 22.28
CA ASP A 36 -13.63 2.04 21.03
C ASP A 36 -14.13 3.49 21.09
N GLY A 37 -13.42 4.36 20.40
CA GLY A 37 -13.79 5.76 20.36
C GLY A 37 -12.89 6.54 19.39
N SER A 38 -13.38 6.69 18.17
CA SER A 38 -12.63 7.41 17.15
C SER A 38 -11.32 6.69 16.86
N SER A 39 -11.10 6.43 15.58
CA SER A 39 -9.89 5.74 15.15
C SER A 39 -9.79 5.77 13.62
N SER A 40 -8.62 6.17 13.15
CA SER A 40 -8.37 6.25 11.72
C SER A 40 -6.92 5.88 11.41
N GLU A 41 -6.76 4.75 10.75
CA GLU A 41 -5.44 4.27 10.40
C GLU A 41 -5.22 4.36 8.88
N GLY A 42 -3.96 4.40 8.49
CA GLY A 42 -3.61 4.49 7.09
C GLY A 42 -2.32 3.72 6.78
N ILE A 43 -2.35 2.98 5.69
CA ILE A 43 -1.19 2.20 5.28
C ILE A 43 -0.47 2.93 4.16
N PHE A 44 0.78 3.28 4.42
CA PHE A 44 1.59 3.97 3.44
C PHE A 44 2.99 3.35 3.33
N VAL A 45 3.58 3.50 2.17
CA VAL A 45 4.91 2.96 1.93
C VAL A 45 5.96 4.01 2.30
N SER A 46 6.86 3.61 3.19
CA SER A 46 7.91 4.50 3.65
C SER A 46 9.28 3.99 3.17
N LYS A 47 9.30 2.70 2.86
CA LYS A 47 10.53 2.07 2.39
C LYS A 47 10.23 1.20 1.18
N ILE A 48 11.24 1.04 0.33
CA ILE A 48 11.09 0.23 -0.87
C ILE A 48 12.46 -0.27 -1.32
N VAL A 49 12.66 -1.57 -1.20
CA VAL A 49 13.91 -2.17 -1.59
C VAL A 49 14.07 -2.09 -3.11
N ASP A 50 15.32 -2.00 -3.54
CA ASP A 50 15.63 -1.91 -4.96
C ASP A 50 15.50 -3.29 -5.59
N SER A 51 16.55 -4.08 -5.41
CA SER A 51 16.57 -5.43 -5.95
C SER A 51 15.16 -6.03 -5.93
N GLY A 52 14.54 -5.97 -4.76
CA GLY A 52 13.20 -6.51 -4.60
C GLY A 52 12.38 -6.32 -5.87
N PRO A 53 11.43 -7.27 -6.08
CA PRO A 53 10.57 -7.22 -7.25
C PRO A 53 9.51 -6.13 -7.11
N ALA A 54 9.39 -5.61 -5.90
CA ALA A 54 8.43 -4.57 -5.61
C ALA A 54 8.90 -3.26 -6.24
N ALA A 55 10.22 -3.13 -6.34
CA ALA A 55 10.81 -1.94 -6.92
C ALA A 55 11.07 -2.17 -8.41
N LYS A 56 11.49 -3.39 -8.73
CA LYS A 56 11.77 -3.75 -10.10
C LYS A 56 10.52 -3.49 -10.96
N GLU A 57 9.63 -4.47 -10.94
CA GLU A 57 8.39 -4.36 -11.72
C GLU A 57 7.23 -3.96 -10.80
N GLY A 58 7.39 -4.27 -9.52
CA GLY A 58 6.37 -3.96 -8.54
C GLY A 58 5.59 -2.70 -8.94
N GLY A 59 6.34 -1.62 -9.13
CA GLY A 59 5.73 -0.35 -9.51
C GLY A 59 5.46 0.52 -8.29
N LEU A 60 5.58 -0.09 -7.12
CA LEU A 60 5.35 0.62 -5.87
C LEU A 60 6.24 1.86 -5.84
N GLN A 61 5.97 2.72 -4.87
CA GLN A 61 6.73 3.95 -4.71
C GLN A 61 6.46 4.57 -3.34
N ILE A 62 7.53 4.83 -2.62
CA ILE A 62 7.44 5.42 -1.30
C ILE A 62 6.36 6.51 -1.32
N HIS A 63 5.71 6.68 -0.17
CA HIS A 63 4.67 7.68 -0.04
C HIS A 63 3.45 7.26 -0.88
N ASP A 64 3.22 5.96 -0.92
CA ASP A 64 2.11 5.42 -1.67
C ASP A 64 1.14 4.70 -0.71
N ARG A 65 -0.08 5.21 -0.68
CA ARG A 65 -1.10 4.62 0.18
C ARG A 65 -1.79 3.46 -0.51
N ILE A 66 -1.48 2.25 -0.04
CA ILE A 66 -2.06 1.06 -0.61
C ILE A 66 -3.57 1.07 -0.39
N ILE A 67 -4.29 0.64 -1.42
CA ILE A 67 -5.74 0.60 -1.36
C ILE A 67 -6.20 -0.85 -1.21
N GLU A 68 -5.61 -1.71 -2.03
CA GLU A 68 -5.95 -3.12 -2.01
C GLU A 68 -4.72 -3.97 -2.36
N VAL A 69 -4.72 -5.18 -1.83
CA VAL A 69 -3.61 -6.09 -2.09
C VAL A 69 -4.17 -7.51 -2.27
N ASN A 70 -3.93 -8.05 -3.46
CA ASN A 70 -4.41 -9.39 -3.77
C ASN A 70 -5.92 -9.46 -3.58
N GLY A 71 -6.53 -8.28 -3.54
CA GLY A 71 -7.97 -8.20 -3.36
C GLY A 71 -8.32 -7.84 -1.92
N ARG A 72 -7.30 -7.77 -1.09
CA ARG A 72 -7.48 -7.45 0.32
C ARG A 72 -7.32 -5.94 0.54
N ASP A 73 -8.31 -5.36 1.18
CA ASP A 73 -8.29 -3.93 1.46
C ASP A 73 -7.39 -3.67 2.67
N LEU A 74 -6.59 -2.62 2.56
CA LEU A 74 -5.69 -2.25 3.63
C LEU A 74 -5.60 -0.72 3.72
N SER A 75 -6.64 -0.07 3.22
CA SER A 75 -6.69 1.38 3.24
C SER A 75 -6.82 1.89 4.68
N ARG A 76 -7.70 1.24 5.42
CA ARG A 76 -7.93 1.61 6.81
C ARG A 76 -7.45 0.50 7.74
N ALA A 77 -6.75 -0.46 7.15
CA ALA A 77 -6.23 -1.59 7.92
C ALA A 77 -5.00 -1.12 8.71
N THR A 78 -4.53 -2.02 9.56
CA THR A 78 -3.36 -1.72 10.38
C THR A 78 -2.11 -2.37 9.79
N HIS A 79 -0.96 -1.79 10.13
CA HIS A 79 0.30 -2.30 9.64
C HIS A 79 0.37 -3.81 9.85
N ASP A 80 -0.37 -4.28 10.85
CA ASP A 80 -0.42 -5.70 11.16
C ASP A 80 -1.22 -6.43 10.09
N GLN A 81 -2.37 -5.86 9.75
CA GLN A 81 -3.23 -6.45 8.75
C GLN A 81 -2.55 -6.42 7.38
N ALA A 82 -2.15 -5.22 6.99
CA ALA A 82 -1.49 -5.04 5.70
C ALA A 82 -0.36 -6.07 5.57
N VAL A 83 0.49 -6.10 6.59
CA VAL A 83 1.61 -7.03 6.60
C VAL A 83 1.10 -8.44 6.36
N GLU A 84 0.17 -8.86 7.20
CA GLU A 84 -0.42 -10.18 7.10
C GLU A 84 -0.95 -10.42 5.68
N ALA A 85 -1.63 -9.41 5.16
CA ALA A 85 -2.19 -9.49 3.83
C ALA A 85 -1.09 -9.85 2.84
N PHE A 86 -0.03 -9.06 2.86
CA PHE A 86 1.10 -9.29 1.97
C PHE A 86 1.78 -10.61 2.29
N LYS A 87 1.66 -11.02 3.53
CA LYS A 87 2.27 -12.27 3.98
C LYS A 87 1.45 -13.45 3.46
N THR A 88 0.13 -13.32 3.60
CA THR A 88 -0.78 -14.35 3.15
C THR A 88 -1.14 -14.14 1.69
N ALA A 89 -0.58 -13.09 1.12
CA ALA A 89 -0.84 -12.76 -0.28
C ALA A 89 -0.12 -13.76 -1.18
N LYS A 90 -0.71 -13.98 -2.34
CA LYS A 90 -0.15 -14.92 -3.31
C LYS A 90 0.15 -14.18 -4.62
N GLU A 91 1.12 -14.71 -5.35
CA GLU A 91 1.50 -14.12 -6.62
C GLU A 91 0.68 -14.72 -7.76
N PRO A 92 0.32 -13.84 -8.74
CA PRO A 92 0.71 -12.45 -8.66
C PRO A 92 -0.12 -11.69 -7.64
N ILE A 93 0.54 -10.79 -6.92
CA ILE A 93 -0.12 -10.00 -5.90
C ILE A 93 -0.58 -8.68 -6.52
N VAL A 94 -1.89 -8.54 -6.64
CA VAL A 94 -2.47 -7.33 -7.20
C VAL A 94 -2.58 -6.26 -6.11
N VAL A 95 -1.75 -5.24 -6.24
CA VAL A 95 -1.75 -4.16 -5.28
C VAL A 95 -2.17 -2.86 -5.97
N GLN A 96 -2.79 -1.98 -5.20
CA GLN A 96 -3.24 -0.71 -5.72
C GLN A 96 -2.85 0.43 -4.77
N VAL A 97 -2.46 1.55 -5.36
CA VAL A 97 -2.07 2.71 -4.58
C VAL A 97 -2.78 3.94 -5.13
N LEU A 98 -2.75 5.01 -4.33
CA LEU A 98 -3.39 6.25 -4.71
C LEU A 98 -2.32 7.35 -4.82
N ARG A 99 -2.00 7.70 -6.05
CA ARG A 99 -1.00 8.74 -6.30
C ARG A 99 -1.47 9.66 -7.42
N ARG A 100 -1.20 10.95 -7.24
CA ARG A 100 -1.58 11.94 -8.23
C ARG A 100 -0.97 11.59 -9.60
N THR A 101 -1.52 12.22 -10.63
CA THR A 101 -1.04 11.99 -11.98
C THR A 101 0.30 12.69 -12.19
N SER A 102 0.39 13.90 -11.68
CA SER A 102 1.61 14.69 -11.80
C SER A 102 2.71 14.08 -10.91
N GLY A 103 3.91 14.06 -11.45
CA GLY A 103 5.05 13.51 -10.71
C GLY A 103 6.37 14.03 -11.29
N PRO A 104 7.13 14.77 -10.44
CA PRO A 104 8.41 15.31 -10.86
C PRO A 104 9.47 14.22 -10.91
N SER A 105 10.65 14.62 -11.37
CA SER A 105 11.76 13.69 -11.49
C SER A 105 13.06 14.36 -11.04
N SER A 106 14.10 13.54 -10.90
CA SER A 106 15.40 14.06 -10.48
C SER A 106 15.26 14.77 -9.14
N GLY A 107 15.59 14.04 -8.08
CA GLY A 107 15.50 14.60 -6.73
C GLY A 107 16.21 13.68 -5.73
N GLY A 1 -16.01 22.37 -16.54
CA GLY A 1 -16.22 23.59 -15.79
C GLY A 1 -15.40 23.59 -14.50
N SER A 2 -15.85 22.81 -13.53
CA SER A 2 -15.17 22.71 -12.25
C SER A 2 -14.65 21.28 -12.05
N SER A 3 -15.55 20.33 -12.24
CA SER A 3 -15.19 18.93 -12.08
C SER A 3 -13.83 18.66 -12.71
N GLY A 4 -12.92 18.16 -11.89
CA GLY A 4 -11.57 17.85 -12.34
C GLY A 4 -11.12 16.48 -11.84
N SER A 5 -10.16 15.91 -12.54
CA SER A 5 -9.63 14.61 -12.17
C SER A 5 -8.59 14.77 -11.06
N SER A 6 -8.85 14.10 -9.95
CA SER A 6 -7.96 14.16 -8.81
C SER A 6 -7.89 12.80 -8.12
N GLY A 7 -6.72 12.47 -7.62
CA GLY A 7 -6.51 11.20 -6.94
C GLY A 7 -6.84 10.03 -7.86
N LYS A 8 -5.79 9.34 -8.29
CA LYS A 8 -5.96 8.20 -9.17
C LYS A 8 -5.42 6.96 -8.49
N SER A 9 -5.96 5.81 -8.89
CA SER A 9 -5.54 4.54 -8.31
C SER A 9 -4.85 3.70 -9.38
N LEU A 10 -3.57 3.46 -9.17
CA LEU A 10 -2.79 2.65 -10.10
C LEU A 10 -2.60 1.25 -9.53
N THR A 11 -2.56 0.28 -10.44
CA THR A 11 -2.39 -1.11 -10.05
C THR A 11 -0.93 -1.53 -10.22
N LEU A 12 -0.46 -2.33 -9.26
CA LEU A 12 0.91 -2.81 -9.29
C LEU A 12 0.95 -4.25 -8.81
N VAL A 13 1.71 -5.06 -9.53
CA VAL A 13 1.84 -6.47 -9.18
C VAL A 13 3.14 -6.68 -8.40
N LEU A 14 2.99 -7.11 -7.16
CA LEU A 14 4.15 -7.35 -6.31
C LEU A 14 4.33 -8.86 -6.12
N HIS A 15 5.57 -9.24 -5.85
CA HIS A 15 5.89 -10.64 -5.64
C HIS A 15 6.49 -10.84 -4.25
N ARG A 16 6.92 -12.07 -3.99
CA ARG A 16 7.52 -12.39 -2.70
C ARG A 16 8.83 -13.14 -2.91
N ASP A 17 9.91 -12.36 -3.01
CA ASP A 17 11.23 -12.92 -3.21
C ASP A 17 11.74 -13.49 -1.88
N SER A 18 11.16 -14.62 -1.50
CA SER A 18 11.54 -15.28 -0.25
C SER A 18 11.04 -14.46 0.94
N GLY A 19 9.76 -14.62 1.22
CA GLY A 19 9.15 -13.91 2.33
C GLY A 19 9.69 -12.48 2.44
N SER A 20 9.49 -11.72 1.37
CA SER A 20 9.95 -10.35 1.33
C SER A 20 9.37 -9.63 0.13
N LEU A 21 8.39 -8.77 0.39
CA LEU A 21 7.74 -8.02 -0.66
C LEU A 21 8.75 -7.09 -1.33
N GLY A 22 9.71 -6.64 -0.53
CA GLY A 22 10.75 -5.75 -1.02
C GLY A 22 10.45 -4.30 -0.67
N PHE A 23 9.83 -4.13 0.49
CA PHE A 23 9.48 -2.79 0.97
C PHE A 23 8.87 -2.86 2.36
N ASN A 24 8.50 -1.68 2.87
CA ASN A 24 7.91 -1.58 4.19
C ASN A 24 6.71 -0.63 4.14
N ILE A 25 5.88 -0.72 5.16
CA ILE A 25 4.70 0.12 5.24
C ILE A 25 4.64 0.79 6.62
N ILE A 26 3.83 1.83 6.71
CA ILE A 26 3.69 2.56 7.95
C ILE A 26 2.20 2.77 8.24
N GLY A 27 1.91 3.16 9.47
CA GLY A 27 0.54 3.41 9.88
C GLY A 27 0.02 2.26 10.74
N GLY A 28 -1.26 2.38 11.11
CA GLY A 28 -1.89 1.36 11.93
C GLY A 28 -1.28 1.32 13.33
N ARG A 29 -2.14 1.53 14.32
CA ARG A 29 -1.70 1.52 15.71
C ARG A 29 -2.81 2.06 16.61
N PRO A 30 -3.03 1.34 17.74
CA PRO A 30 -4.06 1.75 18.69
C PRO A 30 -3.60 2.95 19.52
N SER A 31 -4.12 4.10 19.16
CA SER A 31 -3.77 5.33 19.85
C SER A 31 -4.65 6.48 19.37
N VAL A 32 -4.56 6.75 18.08
CA VAL A 32 -5.34 7.82 17.48
C VAL A 32 -6.84 7.47 17.58
N ASP A 33 -7.38 7.68 18.77
CA ASP A 33 -8.78 7.38 19.00
C ASP A 33 -9.14 7.74 20.45
N ASN A 34 -10.36 8.21 20.62
CA ASN A 34 -10.84 8.59 21.94
C ASN A 34 -12.32 8.95 21.86
N HIS A 35 -13.16 7.92 21.96
CA HIS A 35 -14.59 8.13 21.89
C HIS A 35 -15.30 6.81 22.20
N ASP A 36 -15.14 5.85 21.30
CA ASP A 36 -15.75 4.55 21.47
C ASP A 36 -15.37 3.66 20.27
N GLY A 37 -14.30 2.91 20.45
CA GLY A 37 -13.82 2.02 19.41
C GLY A 37 -13.32 2.81 18.20
N SER A 38 -13.27 2.13 17.06
CA SER A 38 -12.82 2.75 15.83
C SER A 38 -11.40 3.29 16.02
N SER A 39 -10.90 3.91 14.96
CA SER A 39 -9.56 4.49 14.99
C SER A 39 -9.15 4.96 13.60
N SER A 40 -8.51 6.12 13.57
CA SER A 40 -8.07 6.70 12.30
C SER A 40 -6.65 6.22 11.97
N GLU A 41 -6.58 5.37 10.96
CA GLU A 41 -5.30 4.83 10.53
C GLU A 41 -5.30 4.60 9.02
N GLY A 42 -4.13 4.22 8.51
CA GLY A 42 -3.99 3.97 7.09
C GLY A 42 -2.67 3.25 6.80
N ILE A 43 -2.57 2.75 5.58
CA ILE A 43 -1.38 2.04 5.15
C ILE A 43 -0.62 2.88 4.13
N PHE A 44 0.67 3.06 4.37
CA PHE A 44 1.50 3.84 3.47
C PHE A 44 2.91 3.24 3.38
N VAL A 45 3.53 3.46 2.23
CA VAL A 45 4.87 2.95 1.99
C VAL A 45 5.89 4.04 2.32
N SER A 46 6.82 3.70 3.20
CA SER A 46 7.85 4.64 3.61
C SER A 46 9.23 4.10 3.21
N LYS A 47 9.23 2.86 2.74
CA LYS A 47 10.47 2.23 2.33
C LYS A 47 10.18 1.25 1.19
N ILE A 48 11.14 1.15 0.28
CA ILE A 48 10.99 0.26 -0.86
C ILE A 48 12.37 -0.28 -1.26
N VAL A 49 12.50 -1.60 -1.23
CA VAL A 49 13.74 -2.24 -1.59
C VAL A 49 14.00 -2.08 -3.08
N ASP A 50 15.10 -1.42 -3.40
CA ASP A 50 15.46 -1.20 -4.79
C ASP A 50 15.44 -2.53 -5.55
N SER A 51 16.43 -3.35 -5.26
CA SER A 51 16.53 -4.66 -5.90
C SER A 51 15.25 -5.45 -5.67
N GLY A 52 14.49 -5.03 -4.67
CA GLY A 52 13.24 -5.69 -4.35
C GLY A 52 12.31 -5.74 -5.56
N PRO A 53 11.42 -6.76 -5.55
CA PRO A 53 10.47 -6.94 -6.65
C PRO A 53 9.35 -5.91 -6.57
N ALA A 54 9.40 -5.10 -5.52
CA ALA A 54 8.40 -4.06 -5.32
C ALA A 54 8.76 -2.83 -6.15
N ALA A 55 10.05 -2.51 -6.16
CA ALA A 55 10.53 -1.37 -6.91
C ALA A 55 10.93 -1.82 -8.32
N LYS A 56 11.49 -3.02 -8.39
CA LYS A 56 11.91 -3.58 -9.66
C LYS A 56 10.72 -3.58 -10.63
N GLU A 57 9.90 -4.61 -10.50
CA GLU A 57 8.73 -4.74 -11.35
C GLU A 57 7.47 -4.29 -10.61
N GLY A 58 7.51 -4.47 -9.29
CA GLY A 58 6.39 -4.09 -8.46
C GLY A 58 5.71 -2.83 -8.98
N GLY A 59 6.49 -1.76 -9.04
CA GLY A 59 5.98 -0.49 -9.52
C GLY A 59 5.64 0.44 -8.35
N LEU A 60 5.68 -0.12 -7.16
CA LEU A 60 5.38 0.64 -5.96
C LEU A 60 6.30 1.87 -5.90
N GLN A 61 5.95 2.79 -5.02
CA GLN A 61 6.73 4.01 -4.85
C GLN A 61 6.51 4.60 -3.46
N ILE A 62 7.62 4.89 -2.80
CA ILE A 62 7.55 5.46 -1.46
C ILE A 62 6.47 6.54 -1.41
N HIS A 63 5.97 6.78 -0.22
CA HIS A 63 4.94 7.78 -0.03
C HIS A 63 3.71 7.41 -0.84
N ASP A 64 3.34 6.14 -0.76
CA ASP A 64 2.18 5.64 -1.48
C ASP A 64 1.25 4.90 -0.51
N ARG A 65 -0.03 5.23 -0.62
CA ARG A 65 -1.02 4.60 0.24
C ARG A 65 -1.71 3.45 -0.50
N ILE A 66 -1.43 2.24 -0.03
CA ILE A 66 -2.01 1.06 -0.63
C ILE A 66 -3.53 1.09 -0.45
N ILE A 67 -4.23 0.65 -1.49
CA ILE A 67 -5.68 0.63 -1.45
C ILE A 67 -6.15 -0.82 -1.34
N GLU A 68 -5.54 -1.69 -2.12
CA GLU A 68 -5.88 -3.09 -2.11
C GLU A 68 -4.67 -3.94 -2.49
N VAL A 69 -4.67 -5.17 -2.00
CA VAL A 69 -3.59 -6.10 -2.27
C VAL A 69 -4.15 -7.50 -2.51
N ASN A 70 -4.02 -7.96 -3.74
CA ASN A 70 -4.51 -9.27 -4.11
C ASN A 70 -6.04 -9.24 -4.19
N GLY A 71 -6.64 -8.66 -3.16
CA GLY A 71 -8.08 -8.56 -3.11
C GLY A 71 -8.56 -8.34 -1.67
N ARG A 72 -7.65 -7.81 -0.85
CA ARG A 72 -7.97 -7.54 0.54
C ARG A 72 -7.89 -6.03 0.81
N ASP A 73 -8.92 -5.54 1.51
CA ASP A 73 -8.98 -4.13 1.85
C ASP A 73 -7.91 -3.80 2.90
N LEU A 74 -7.03 -2.88 2.54
CA LEU A 74 -5.96 -2.47 3.43
C LEU A 74 -5.89 -0.94 3.46
N SER A 75 -6.95 -0.32 2.98
CA SER A 75 -7.01 1.13 2.93
C SER A 75 -7.05 1.69 4.36
N ARG A 76 -7.90 1.09 5.17
CA ARG A 76 -8.05 1.52 6.56
C ARG A 76 -7.56 0.41 7.50
N ALA A 77 -6.73 -0.46 6.95
CA ALA A 77 -6.18 -1.56 7.74
C ALA A 77 -4.94 -1.08 8.49
N THR A 78 -4.48 -1.92 9.41
CA THR A 78 -3.31 -1.60 10.20
C THR A 78 -2.08 -2.30 9.63
N HIS A 79 -0.92 -1.91 10.17
CA HIS A 79 0.34 -2.51 9.73
C HIS A 79 0.27 -4.03 9.88
N ASP A 80 -0.40 -4.45 10.93
CA ASP A 80 -0.55 -5.88 11.20
C ASP A 80 -1.36 -6.53 10.07
N GLN A 81 -2.48 -5.90 9.76
CA GLN A 81 -3.35 -6.40 8.71
C GLN A 81 -2.63 -6.33 7.35
N ALA A 82 -2.09 -5.16 7.06
CA ALA A 82 -1.38 -4.95 5.82
C ALA A 82 -0.31 -6.03 5.66
N VAL A 83 0.56 -6.11 6.66
CA VAL A 83 1.63 -7.09 6.63
C VAL A 83 1.04 -8.48 6.40
N GLU A 84 0.10 -8.84 7.25
CA GLU A 84 -0.56 -10.14 7.14
C GLU A 84 -1.03 -10.37 5.70
N ALA A 85 -1.72 -9.37 5.17
CA ALA A 85 -2.22 -9.46 3.81
C ALA A 85 -1.08 -9.82 2.86
N PHE A 86 -0.03 -9.03 2.92
CA PHE A 86 1.13 -9.25 2.08
C PHE A 86 1.82 -10.58 2.43
N LYS A 87 1.62 -11.00 3.68
CA LYS A 87 2.21 -12.24 4.14
C LYS A 87 1.41 -13.42 3.60
N THR A 88 0.09 -13.24 3.58
CA THR A 88 -0.81 -14.27 3.08
C THR A 88 -1.21 -13.98 1.63
N ALA A 89 -0.58 -12.97 1.07
CA ALA A 89 -0.87 -12.58 -0.30
C ALA A 89 -0.29 -13.63 -1.26
N LYS A 90 -1.04 -13.92 -2.30
CA LYS A 90 -0.63 -14.90 -3.29
C LYS A 90 -0.16 -14.17 -4.55
N GLU A 91 0.74 -14.82 -5.27
CA GLU A 91 1.27 -14.25 -6.50
C GLU A 91 0.50 -14.77 -7.70
N PRO A 92 0.26 -13.85 -8.68
CA PRO A 92 0.72 -12.48 -8.54
C PRO A 92 -0.15 -11.71 -7.55
N ILE A 93 0.50 -10.80 -6.84
CA ILE A 93 -0.20 -9.98 -5.85
C ILE A 93 -0.59 -8.65 -6.49
N VAL A 94 -1.89 -8.46 -6.66
CA VAL A 94 -2.40 -7.24 -7.25
C VAL A 94 -2.52 -6.16 -6.17
N VAL A 95 -1.63 -5.18 -6.25
CA VAL A 95 -1.63 -4.10 -5.28
C VAL A 95 -2.02 -2.80 -5.98
N GLN A 96 -2.66 -1.92 -5.22
CA GLN A 96 -3.10 -0.65 -5.76
C GLN A 96 -2.75 0.49 -4.78
N VAL A 97 -2.42 1.63 -5.36
CA VAL A 97 -2.06 2.79 -4.55
C VAL A 97 -2.76 4.03 -5.11
N LEU A 98 -2.82 5.07 -4.29
CA LEU A 98 -3.45 6.30 -4.69
C LEU A 98 -2.39 7.37 -4.95
N ARG A 99 -2.09 7.57 -6.22
CA ARG A 99 -1.09 8.55 -6.61
C ARG A 99 -1.76 9.82 -7.14
N ARG A 100 -1.51 10.92 -6.45
CA ARG A 100 -2.08 12.20 -6.84
C ARG A 100 -1.91 12.42 -8.35
N THR A 101 -2.58 13.45 -8.84
CA THR A 101 -2.51 13.77 -10.25
C THR A 101 -1.55 14.93 -10.48
N SER A 102 -0.95 14.94 -11.67
CA SER A 102 -0.01 15.99 -12.03
C SER A 102 0.08 16.12 -13.55
N GLY A 103 0.23 17.34 -14.00
CA GLY A 103 0.33 17.62 -15.42
C GLY A 103 0.67 19.10 -15.68
N PRO A 104 1.32 19.34 -16.85
CA PRO A 104 1.71 20.68 -17.22
C PRO A 104 0.50 21.49 -17.69
N SER A 105 0.22 22.56 -16.97
CA SER A 105 -0.91 23.41 -17.30
C SER A 105 -0.51 24.36 -18.44
N SER A 106 -1.53 24.82 -19.15
CA SER A 106 -1.31 25.73 -20.27
C SER A 106 -2.45 26.76 -20.33
N GLY A 107 -3.65 26.25 -20.53
CA GLY A 107 -4.83 27.10 -20.63
C GLY A 107 -5.72 26.68 -21.79
N GLY A 1 -15.59 18.24 -19.84
CA GLY A 1 -14.51 19.20 -19.93
C GLY A 1 -13.17 18.51 -20.17
N SER A 2 -12.17 18.95 -19.42
CA SER A 2 -10.84 18.37 -19.54
C SER A 2 -10.29 18.02 -18.16
N SER A 3 -9.45 17.00 -18.13
CA SER A 3 -8.85 16.55 -16.89
C SER A 3 -8.19 17.72 -16.17
N GLY A 4 -8.59 17.91 -14.92
CA GLY A 4 -8.05 18.99 -14.11
C GLY A 4 -7.03 18.47 -13.10
N SER A 5 -7.52 18.21 -11.90
CA SER A 5 -6.67 17.70 -10.84
C SER A 5 -7.48 16.81 -9.90
N SER A 6 -6.83 15.74 -9.45
CA SER A 6 -7.48 14.80 -8.54
C SER A 6 -6.68 13.50 -8.48
N GLY A 7 -6.65 12.92 -7.29
CA GLY A 7 -5.93 11.68 -7.08
C GLY A 7 -6.40 10.60 -8.06
N LYS A 8 -5.51 9.64 -8.30
CA LYS A 8 -5.81 8.56 -9.20
C LYS A 8 -5.35 7.22 -8.59
N SER A 9 -6.02 6.16 -8.98
CA SER A 9 -5.70 4.84 -8.46
C SER A 9 -4.99 4.03 -9.55
N LEU A 10 -3.89 3.41 -9.16
CA LEU A 10 -3.12 2.60 -10.08
C LEU A 10 -2.94 1.19 -9.51
N THR A 11 -2.69 0.24 -10.40
CA THR A 11 -2.50 -1.14 -9.99
C THR A 11 -1.04 -1.54 -10.14
N LEU A 12 -0.57 -2.32 -9.17
CA LEU A 12 0.81 -2.78 -9.19
C LEU A 12 0.85 -4.25 -8.77
N VAL A 13 1.68 -5.00 -9.47
CA VAL A 13 1.83 -6.43 -9.18
C VAL A 13 3.09 -6.65 -8.33
N LEU A 14 2.87 -7.15 -7.12
CA LEU A 14 3.98 -7.40 -6.22
C LEU A 14 4.23 -8.91 -6.15
N HIS A 15 5.46 -9.26 -5.81
CA HIS A 15 5.84 -10.65 -5.71
C HIS A 15 6.53 -10.90 -4.36
N ARG A 16 6.88 -12.15 -4.13
CA ARG A 16 7.55 -12.53 -2.89
C ARG A 16 8.88 -13.23 -3.20
N ASP A 17 9.88 -12.42 -3.51
CA ASP A 17 11.20 -12.94 -3.82
C ASP A 17 11.86 -13.44 -2.53
N SER A 18 11.29 -14.51 -1.99
CA SER A 18 11.81 -15.10 -0.77
C SER A 18 11.23 -14.37 0.44
N GLY A 19 9.93 -14.48 0.59
CA GLY A 19 9.24 -13.84 1.70
C GLY A 19 9.81 -12.45 1.97
N SER A 20 9.77 -11.62 0.93
CA SER A 20 10.27 -10.26 1.05
C SER A 20 9.76 -9.41 -0.12
N LEU A 21 8.57 -8.86 0.08
CA LEU A 21 7.95 -8.02 -0.94
C LEU A 21 8.98 -7.01 -1.46
N GLY A 22 9.75 -6.47 -0.54
CA GLY A 22 10.77 -5.49 -0.89
C GLY A 22 10.31 -4.07 -0.56
N PHE A 23 9.70 -3.94 0.61
CA PHE A 23 9.22 -2.64 1.05
C PHE A 23 8.65 -2.73 2.48
N ASN A 24 8.30 -1.57 3.01
CA ASN A 24 7.75 -1.49 4.35
C ASN A 24 6.47 -0.65 4.32
N ILE A 25 5.74 -0.73 5.42
CA ILE A 25 4.49 0.02 5.53
C ILE A 25 4.50 0.82 6.84
N ILE A 26 3.66 1.84 6.87
CA ILE A 26 3.57 2.68 8.06
C ILE A 26 2.10 3.05 8.30
N GLY A 27 1.81 3.41 9.54
CA GLY A 27 0.46 3.77 9.93
C GLY A 27 -0.06 2.88 11.05
N GLY A 28 -1.27 2.36 10.85
CA GLY A 28 -1.89 1.49 11.84
C GLY A 28 -1.91 2.16 13.21
N ARG A 29 -0.85 1.93 13.97
CA ARG A 29 -0.74 2.49 15.30
C ARG A 29 -1.74 1.83 16.24
N PRO A 30 -1.38 1.83 17.56
CA PRO A 30 -2.23 1.23 18.57
C PRO A 30 -3.45 2.12 18.86
N SER A 31 -4.60 1.47 19.00
CA SER A 31 -5.83 2.20 19.27
C SER A 31 -7.01 1.23 19.23
N VAL A 32 -7.19 0.51 20.33
CA VAL A 32 -8.28 -0.45 20.43
C VAL A 32 -9.20 -0.04 21.57
N ASP A 33 -9.95 1.02 21.35
CA ASP A 33 -10.88 1.51 22.36
C ASP A 33 -12.29 1.55 21.77
N ASN A 34 -13.19 0.85 22.42
CA ASN A 34 -14.57 0.79 21.97
C ASN A 34 -15.49 1.27 23.11
N HIS A 35 -15.81 2.55 23.06
CA HIS A 35 -16.67 3.14 24.07
C HIS A 35 -16.94 4.60 23.72
N ASP A 36 -15.87 5.39 23.70
CA ASP A 36 -15.98 6.79 23.39
C ASP A 36 -14.67 7.27 22.76
N GLY A 37 -14.77 7.68 21.50
CA GLY A 37 -13.61 8.16 20.77
C GLY A 37 -13.76 7.90 19.27
N SER A 38 -12.64 8.04 18.56
CA SER A 38 -12.63 7.83 17.13
C SER A 38 -11.21 7.49 16.66
N SER A 39 -11.04 6.26 16.22
CA SER A 39 -9.75 5.81 15.73
C SER A 39 -9.61 6.10 14.24
N SER A 40 -8.36 6.20 13.79
CA SER A 40 -8.08 6.46 12.40
C SER A 40 -6.67 5.98 12.04
N GLU A 41 -6.62 5.11 11.04
CA GLU A 41 -5.35 4.57 10.59
C GLU A 41 -5.35 4.42 9.07
N GLY A 42 -4.14 4.40 8.52
CA GLY A 42 -3.97 4.27 7.08
C GLY A 42 -2.69 3.52 6.74
N ILE A 43 -2.73 2.83 5.60
CA ILE A 43 -1.57 2.07 5.15
C ILE A 43 -0.82 2.87 4.09
N PHE A 44 0.48 3.04 4.32
CA PHE A 44 1.31 3.77 3.40
C PHE A 44 2.67 3.08 3.21
N VAL A 45 3.39 3.53 2.19
CA VAL A 45 4.69 2.96 1.90
C VAL A 45 5.79 3.97 2.29
N SER A 46 6.77 3.47 3.03
CA SER A 46 7.86 4.32 3.48
C SER A 46 9.19 3.76 2.95
N LYS A 47 9.29 2.44 2.95
CA LYS A 47 10.49 1.78 2.48
C LYS A 47 10.18 1.03 1.18
N ILE A 48 11.19 0.98 0.31
CA ILE A 48 11.03 0.30 -0.97
C ILE A 48 12.40 -0.17 -1.45
N VAL A 49 12.64 -1.47 -1.28
CA VAL A 49 13.91 -2.06 -1.69
C VAL A 49 14.01 -2.01 -3.22
N ASP A 50 15.24 -1.90 -3.69
CA ASP A 50 15.49 -1.85 -5.13
C ASP A 50 15.35 -3.25 -5.71
N SER A 51 16.46 -3.97 -5.71
CA SER A 51 16.48 -5.32 -6.25
C SER A 51 15.08 -5.94 -6.15
N GLY A 52 14.50 -5.81 -4.96
CA GLY A 52 13.17 -6.35 -4.71
C GLY A 52 12.28 -6.21 -5.96
N PRO A 53 11.33 -7.16 -6.09
CA PRO A 53 10.42 -7.15 -7.22
C PRO A 53 9.35 -6.07 -7.05
N ALA A 54 9.34 -5.47 -5.87
CA ALA A 54 8.38 -4.43 -5.56
C ALA A 54 8.82 -3.13 -6.23
N ALA A 55 10.13 -2.95 -6.31
CA ALA A 55 10.70 -1.76 -6.92
C ALA A 55 10.98 -2.05 -8.41
N LYS A 56 11.41 -3.26 -8.67
CA LYS A 56 11.71 -3.66 -10.04
C LYS A 56 10.47 -3.46 -10.91
N GLU A 57 9.59 -4.44 -10.87
CA GLU A 57 8.37 -4.38 -11.66
C GLU A 57 7.19 -3.97 -10.77
N GLY A 58 7.33 -4.26 -9.48
CA GLY A 58 6.30 -3.92 -8.52
C GLY A 58 5.53 -2.67 -8.95
N GLY A 59 6.28 -1.59 -9.13
CA GLY A 59 5.70 -0.32 -9.53
C GLY A 59 5.41 0.57 -8.32
N LEU A 60 5.55 -0.03 -7.14
CA LEU A 60 5.32 0.70 -5.90
C LEU A 60 6.16 1.98 -5.91
N GLN A 61 5.83 2.87 -4.98
CA GLN A 61 6.54 4.13 -4.87
C GLN A 61 6.46 4.66 -3.44
N ILE A 62 7.62 4.94 -2.88
CA ILE A 62 7.69 5.46 -1.52
C ILE A 62 6.60 6.50 -1.32
N HIS A 63 6.09 6.56 -0.09
CA HIS A 63 5.05 7.51 0.25
C HIS A 63 3.81 7.21 -0.60
N ASP A 64 3.40 5.96 -0.60
CA ASP A 64 2.23 5.55 -1.36
C ASP A 64 1.23 4.88 -0.42
N ARG A 65 -0.03 5.28 -0.58
CA ARG A 65 -1.09 4.72 0.25
C ARG A 65 -1.74 3.52 -0.44
N ILE A 66 -1.46 2.35 0.10
CA ILE A 66 -2.00 1.11 -0.45
C ILE A 66 -3.53 1.14 -0.33
N ILE A 67 -4.18 0.71 -1.40
CA ILE A 67 -5.64 0.68 -1.42
C ILE A 67 -6.11 -0.76 -1.24
N GLU A 68 -5.57 -1.63 -2.07
CA GLU A 68 -5.92 -3.05 -2.01
C GLU A 68 -4.69 -3.91 -2.30
N VAL A 69 -4.74 -5.14 -1.79
CA VAL A 69 -3.65 -6.07 -1.99
C VAL A 69 -4.22 -7.47 -2.24
N ASN A 70 -3.95 -7.98 -3.43
CA ASN A 70 -4.42 -9.30 -3.81
C ASN A 70 -5.95 -9.35 -3.63
N GLY A 71 -6.55 -8.17 -3.61
CA GLY A 71 -8.00 -8.08 -3.44
C GLY A 71 -8.36 -7.78 -1.98
N ARG A 72 -7.33 -7.69 -1.16
CA ARG A 72 -7.54 -7.42 0.26
C ARG A 72 -7.49 -5.91 0.51
N ASP A 73 -8.57 -5.41 1.12
CA ASP A 73 -8.67 -4.00 1.43
C ASP A 73 -7.77 -3.68 2.64
N LEU A 74 -6.83 -2.78 2.42
CA LEU A 74 -5.91 -2.39 3.46
C LEU A 74 -6.12 -0.90 3.78
N SER A 75 -6.95 -0.27 2.97
CA SER A 75 -7.23 1.15 3.14
C SER A 75 -7.71 1.41 4.57
N ARG A 76 -8.47 0.45 5.09
CA ARG A 76 -8.99 0.57 6.44
C ARG A 76 -8.35 -0.48 7.35
N ALA A 77 -7.20 -0.96 6.93
CA ALA A 77 -6.47 -1.97 7.69
C ALA A 77 -5.29 -1.31 8.40
N THR A 78 -4.62 -2.11 9.22
CA THR A 78 -3.47 -1.62 9.96
C THR A 78 -2.19 -2.28 9.45
N HIS A 79 -1.06 -1.79 9.96
CA HIS A 79 0.23 -2.32 9.57
C HIS A 79 0.26 -3.83 9.80
N ASP A 80 -0.34 -4.24 10.91
CA ASP A 80 -0.38 -5.65 11.27
C ASP A 80 -1.14 -6.42 10.17
N GLN A 81 -2.33 -5.92 9.87
CA GLN A 81 -3.15 -6.55 8.86
C GLN A 81 -2.47 -6.48 7.48
N ALA A 82 -2.01 -5.28 7.16
CA ALA A 82 -1.33 -5.06 5.89
C ALA A 82 -0.24 -6.12 5.71
N VAL A 83 0.60 -6.23 6.73
CA VAL A 83 1.69 -7.19 6.69
C VAL A 83 1.12 -8.59 6.43
N GLU A 84 0.20 -8.99 7.28
CA GLU A 84 -0.43 -10.29 7.14
C GLU A 84 -0.95 -10.49 5.71
N ALA A 85 -1.57 -9.43 5.21
CA ALA A 85 -2.12 -9.47 3.85
C ALA A 85 -1.01 -9.84 2.87
N PHE A 86 0.05 -9.04 2.89
CA PHE A 86 1.18 -9.27 2.01
C PHE A 86 1.87 -10.59 2.34
N LYS A 87 1.72 -11.02 3.58
CA LYS A 87 2.32 -12.26 4.03
C LYS A 87 1.49 -13.44 3.51
N THR A 88 0.18 -13.29 3.60
CA THR A 88 -0.73 -14.32 3.14
C THR A 88 -1.09 -14.11 1.67
N ALA A 89 -0.56 -13.02 1.12
CA ALA A 89 -0.82 -12.70 -0.27
C ALA A 89 -0.08 -13.70 -1.17
N LYS A 90 -0.68 -13.97 -2.32
CA LYS A 90 -0.11 -14.90 -3.27
C LYS A 90 0.27 -14.15 -4.55
N GLU A 91 1.28 -14.68 -5.23
CA GLU A 91 1.75 -14.07 -6.47
C GLU A 91 1.01 -14.66 -7.66
N PRO A 92 0.70 -13.78 -8.65
CA PRO A 92 1.06 -12.38 -8.55
C PRO A 92 0.15 -11.65 -7.56
N ILE A 93 0.73 -10.71 -6.82
CA ILE A 93 -0.01 -9.95 -5.85
C ILE A 93 -0.47 -8.64 -6.48
N VAL A 94 -1.78 -8.52 -6.67
CA VAL A 94 -2.35 -7.33 -7.26
C VAL A 94 -2.57 -6.28 -6.17
N VAL A 95 -1.76 -5.23 -6.24
CA VAL A 95 -1.86 -4.15 -5.26
C VAL A 95 -2.25 -2.85 -5.99
N GLN A 96 -2.93 -1.99 -5.25
CA GLN A 96 -3.36 -0.71 -5.80
C GLN A 96 -2.96 0.43 -4.87
N VAL A 97 -2.37 1.46 -5.46
CA VAL A 97 -1.94 2.62 -4.70
C VAL A 97 -2.57 3.88 -5.29
N LEU A 98 -2.51 4.95 -4.52
CA LEU A 98 -3.07 6.22 -4.95
C LEU A 98 -1.93 7.22 -5.18
N ARG A 99 -1.80 7.66 -6.42
CA ARG A 99 -0.78 8.62 -6.78
C ARG A 99 -1.35 10.04 -6.82
N ARG A 100 -1.02 10.81 -5.79
CA ARG A 100 -1.50 12.18 -5.71
C ARG A 100 -1.49 12.84 -7.09
N THR A 101 -2.45 13.73 -7.29
CA THR A 101 -2.56 14.44 -8.55
C THR A 101 -1.17 14.81 -9.07
N SER A 102 -0.96 14.52 -10.35
CA SER A 102 0.32 14.82 -10.99
C SER A 102 0.44 16.32 -11.23
N GLY A 103 1.65 16.75 -11.54
CA GLY A 103 1.92 18.15 -11.81
C GLY A 103 3.39 18.37 -12.18
N PRO A 104 3.77 19.67 -12.26
CA PRO A 104 5.13 20.03 -12.60
C PRO A 104 6.08 19.79 -11.43
N SER A 105 7.37 19.88 -11.72
CA SER A 105 8.38 19.67 -10.70
C SER A 105 9.76 20.01 -11.25
N SER A 106 10.54 20.72 -10.45
CA SER A 106 11.88 21.12 -10.85
C SER A 106 12.91 20.54 -9.88
N GLY A 107 14.14 20.47 -10.34
CA GLY A 107 15.23 19.95 -9.52
C GLY A 107 15.33 18.43 -9.67
N GLY A 1 -23.81 14.35 -3.45
CA GLY A 1 -22.49 14.24 -2.85
C GLY A 1 -21.40 14.46 -3.89
N SER A 2 -20.18 14.61 -3.39
CA SER A 2 -19.03 14.82 -4.26
C SER A 2 -17.74 14.73 -3.46
N SER A 3 -16.96 13.69 -3.76
CA SER A 3 -15.70 13.48 -3.09
C SER A 3 -14.74 14.63 -3.38
N GLY A 4 -13.83 14.86 -2.44
CA GLY A 4 -12.86 15.92 -2.59
C GLY A 4 -11.50 15.37 -3.04
N SER A 5 -10.81 16.15 -3.85
CA SER A 5 -9.51 15.76 -4.35
C SER A 5 -9.57 14.32 -4.85
N SER A 6 -10.09 14.16 -6.05
CA SER A 6 -10.21 12.84 -6.65
C SER A 6 -8.89 12.46 -7.35
N GLY A 7 -7.99 11.88 -6.56
CA GLY A 7 -6.70 11.47 -7.08
C GLY A 7 -6.86 10.38 -8.14
N LYS A 8 -5.87 9.50 -8.19
CA LYS A 8 -5.88 8.41 -9.15
C LYS A 8 -5.41 7.13 -8.46
N SER A 9 -5.92 6.01 -8.96
CA SER A 9 -5.56 4.72 -8.40
C SER A 9 -4.94 3.83 -9.49
N LEU A 10 -3.69 3.45 -9.26
CA LEU A 10 -2.97 2.62 -10.21
C LEU A 10 -2.78 1.22 -9.60
N THR A 11 -2.71 0.24 -10.48
CA THR A 11 -2.52 -1.14 -10.04
C THR A 11 -1.06 -1.57 -10.24
N LEU A 12 -0.57 -2.32 -9.28
CA LEU A 12 0.80 -2.80 -9.33
C LEU A 12 0.87 -4.23 -8.80
N VAL A 13 1.64 -5.05 -9.50
CA VAL A 13 1.78 -6.45 -9.11
C VAL A 13 3.09 -6.62 -8.32
N LEU A 14 2.94 -7.02 -7.07
CA LEU A 14 4.10 -7.22 -6.21
C LEU A 14 4.28 -8.71 -5.97
N HIS A 15 5.52 -9.08 -5.65
CA HIS A 15 5.84 -10.47 -5.39
C HIS A 15 6.62 -10.58 -4.07
N ARG A 16 6.29 -11.61 -3.30
CA ARG A 16 6.93 -11.84 -2.03
C ARG A 16 8.06 -12.88 -2.18
N ASP A 17 9.27 -12.37 -2.30
CA ASP A 17 10.43 -13.24 -2.46
C ASP A 17 10.86 -13.75 -1.08
N SER A 18 10.59 -15.03 -0.84
CA SER A 18 10.94 -15.64 0.42
C SER A 18 10.40 -14.80 1.58
N GLY A 19 9.13 -14.44 1.47
CA GLY A 19 8.49 -13.63 2.50
C GLY A 19 9.07 -12.22 2.54
N SER A 20 9.26 -11.65 1.35
CA SER A 20 9.80 -10.32 1.23
C SER A 20 9.25 -9.64 -0.02
N LEU A 21 8.36 -8.69 0.20
CA LEU A 21 7.75 -7.96 -0.89
C LEU A 21 8.80 -7.03 -1.53
N GLY A 22 9.72 -6.59 -0.70
CA GLY A 22 10.78 -5.70 -1.16
C GLY A 22 10.50 -4.26 -0.75
N PHE A 23 9.80 -4.11 0.37
CA PHE A 23 9.45 -2.80 0.87
C PHE A 23 8.86 -2.88 2.28
N ASN A 24 8.33 -1.76 2.74
CA ASN A 24 7.72 -1.70 4.06
C ASN A 24 6.56 -0.71 4.04
N ILE A 25 5.71 -0.82 5.06
CA ILE A 25 4.56 0.05 5.17
C ILE A 25 4.52 0.66 6.57
N ILE A 26 3.73 1.73 6.70
CA ILE A 26 3.60 2.41 7.97
C ILE A 26 2.11 2.53 8.33
N GLY A 27 1.87 2.87 9.58
CA GLY A 27 0.50 3.03 10.06
C GLY A 27 0.21 2.05 11.20
N GLY A 28 -1.07 1.90 11.49
CA GLY A 28 -1.50 1.02 12.56
C GLY A 28 -1.43 1.72 13.91
N ARG A 29 -0.30 2.37 14.16
CA ARG A 29 -0.10 3.07 15.41
C ARG A 29 -0.48 4.54 15.25
N PRO A 30 -0.72 5.21 16.41
CA PRO A 30 -1.10 6.62 16.41
C PRO A 30 0.11 7.50 16.13
N SER A 31 0.22 7.91 14.87
CA SER A 31 1.32 8.75 14.44
C SER A 31 0.83 9.80 13.44
N VAL A 32 0.37 9.29 12.30
CA VAL A 32 -0.13 10.16 11.25
C VAL A 32 -1.46 9.60 10.73
N ASP A 33 -2.44 9.57 11.61
CA ASP A 33 -3.76 9.06 11.25
C ASP A 33 -4.83 9.95 11.87
N ASN A 34 -4.84 9.98 13.19
CA ASN A 34 -5.81 10.78 13.91
C ASN A 34 -7.22 10.27 13.62
N HIS A 35 -8.15 10.65 14.49
CA HIS A 35 -9.53 10.23 14.34
C HIS A 35 -10.23 11.15 13.34
N ASP A 36 -10.43 10.63 12.14
CA ASP A 36 -11.09 11.39 11.09
C ASP A 36 -11.86 10.43 10.17
N GLY A 37 -13.07 10.83 9.84
CA GLY A 37 -13.92 10.03 8.98
C GLY A 37 -13.88 8.56 9.39
N SER A 38 -14.15 7.69 8.43
CA SER A 38 -14.16 6.26 8.68
C SER A 38 -12.89 5.62 8.10
N SER A 39 -11.77 5.91 8.74
CA SER A 39 -10.50 5.38 8.30
C SER A 39 -9.75 4.74 9.47
N SER A 40 -9.72 5.48 10.58
CA SER A 40 -9.05 5.01 11.77
C SER A 40 -7.54 4.94 11.53
N GLU A 41 -7.13 3.88 10.85
CA GLU A 41 -5.72 3.68 10.55
C GLU A 41 -5.50 3.66 9.04
N GLY A 42 -4.33 4.13 8.63
CA GLY A 42 -3.98 4.17 7.22
C GLY A 42 -2.66 3.45 6.97
N ILE A 43 -2.55 2.88 5.77
CA ILE A 43 -1.35 2.17 5.39
C ILE A 43 -0.63 2.95 4.28
N PHE A 44 0.65 3.17 4.51
CA PHE A 44 1.47 3.90 3.55
C PHE A 44 2.88 3.30 3.45
N VAL A 45 3.50 3.52 2.30
CA VAL A 45 4.84 3.00 2.07
C VAL A 45 5.86 4.05 2.51
N SER A 46 6.79 3.62 3.35
CA SER A 46 7.82 4.51 3.85
C SER A 46 9.21 3.93 3.52
N LYS A 47 9.19 2.83 2.79
CA LYS A 47 10.43 2.18 2.41
C LYS A 47 10.17 1.27 1.20
N ILE A 48 11.19 1.14 0.37
CA ILE A 48 11.08 0.30 -0.82
C ILE A 48 12.47 -0.21 -1.19
N VAL A 49 12.61 -1.53 -1.14
CA VAL A 49 13.87 -2.17 -1.48
C VAL A 49 14.11 -2.06 -2.98
N ASP A 50 15.21 -1.41 -3.33
CA ASP A 50 15.56 -1.23 -4.72
C ASP A 50 15.46 -2.56 -5.45
N SER A 51 16.42 -3.44 -5.17
CA SER A 51 16.45 -4.75 -5.79
C SER A 51 15.11 -5.46 -5.54
N GLY A 52 14.42 -5.03 -4.51
CA GLY A 52 13.14 -5.61 -4.16
C GLY A 52 12.27 -5.81 -5.40
N PRO A 53 11.46 -6.90 -5.36
CA PRO A 53 10.56 -7.21 -6.47
C PRO A 53 9.37 -6.26 -6.50
N ALA A 54 9.31 -5.40 -5.50
CA ALA A 54 8.22 -4.44 -5.40
C ALA A 54 8.63 -3.14 -6.10
N ALA A 55 9.94 -2.98 -6.27
CA ALA A 55 10.46 -1.80 -6.92
C ALA A 55 10.67 -2.09 -8.42
N LYS A 56 11.51 -3.07 -8.68
CA LYS A 56 11.80 -3.46 -10.05
C LYS A 56 10.51 -3.42 -10.87
N GLU A 57 9.76 -4.51 -10.78
CA GLU A 57 8.50 -4.61 -11.50
C GLU A 57 7.35 -4.08 -10.65
N GLY A 58 7.37 -4.48 -9.39
CA GLY A 58 6.33 -4.06 -8.45
C GLY A 58 5.63 -2.79 -8.95
N GLY A 59 6.43 -1.77 -9.19
CA GLY A 59 5.89 -0.50 -9.67
C GLY A 59 5.52 0.41 -8.50
N LEU A 60 5.81 -0.06 -7.30
CA LEU A 60 5.52 0.70 -6.10
C LEU A 60 6.43 1.92 -6.03
N GLN A 61 6.13 2.80 -5.09
CA GLN A 61 6.91 4.01 -4.91
C GLN A 61 6.64 4.62 -3.53
N ILE A 62 7.73 4.84 -2.80
CA ILE A 62 7.63 5.41 -1.47
C ILE A 62 6.54 6.48 -1.47
N HIS A 63 5.92 6.65 -0.30
CA HIS A 63 4.86 7.63 -0.15
C HIS A 63 3.63 7.20 -0.96
N ASP A 64 3.30 5.92 -0.81
CA ASP A 64 2.14 5.38 -1.53
C ASP A 64 1.10 4.91 -0.51
N ARG A 65 -0.15 5.13 -0.86
CA ARG A 65 -1.25 4.73 0.01
C ARG A 65 -1.98 3.51 -0.57
N ILE A 66 -1.49 2.34 -0.19
CA ILE A 66 -2.08 1.10 -0.66
C ILE A 66 -3.60 1.14 -0.45
N ILE A 67 -4.32 0.71 -1.47
CA ILE A 67 -5.77 0.69 -1.41
C ILE A 67 -6.25 -0.75 -1.28
N GLU A 68 -5.63 -1.63 -2.06
CA GLU A 68 -5.98 -3.03 -2.04
C GLU A 68 -4.77 -3.90 -2.34
N VAL A 69 -4.79 -5.12 -1.83
CA VAL A 69 -3.70 -6.05 -2.03
C VAL A 69 -4.26 -7.45 -2.28
N ASN A 70 -4.00 -7.95 -3.47
CA ASN A 70 -4.48 -9.28 -3.84
C ASN A 70 -6.00 -9.32 -3.71
N GLY A 71 -6.60 -8.15 -3.67
CA GLY A 71 -8.04 -8.03 -3.54
C GLY A 71 -8.44 -7.72 -2.09
N ARG A 72 -7.43 -7.63 -1.24
CA ARG A 72 -7.67 -7.34 0.17
C ARG A 72 -7.54 -5.83 0.42
N ASP A 73 -8.55 -5.28 1.08
CA ASP A 73 -8.54 -3.86 1.39
C ASP A 73 -7.69 -3.62 2.63
N LEU A 74 -6.78 -2.67 2.51
CA LEU A 74 -5.90 -2.32 3.61
C LEU A 74 -5.89 -0.80 3.80
N SER A 75 -6.84 -0.15 3.13
CA SER A 75 -6.94 1.29 3.22
C SER A 75 -7.15 1.72 4.67
N ARG A 76 -8.00 0.97 5.36
CA ARG A 76 -8.29 1.27 6.74
C ARG A 76 -7.76 0.15 7.65
N ALA A 77 -6.79 -0.58 7.11
CA ALA A 77 -6.18 -1.66 7.85
C ALA A 77 -4.93 -1.15 8.58
N THR A 78 -4.38 -2.01 9.43
CA THR A 78 -3.20 -1.65 10.19
C THR A 78 -1.97 -2.40 9.65
N HIS A 79 -0.80 -1.94 10.07
CA HIS A 79 0.45 -2.55 9.64
C HIS A 79 0.37 -4.06 9.86
N ASP A 80 -0.24 -4.44 10.96
CA ASP A 80 -0.37 -5.86 11.29
C ASP A 80 -1.19 -6.55 10.20
N GLN A 81 -2.35 -5.97 9.91
CA GLN A 81 -3.23 -6.53 8.91
C GLN A 81 -2.57 -6.45 7.52
N ALA A 82 -2.04 -5.27 7.23
CA ALA A 82 -1.37 -5.05 5.95
C ALA A 82 -0.27 -6.10 5.76
N VAL A 83 0.63 -6.12 6.73
CA VAL A 83 1.74 -7.07 6.68
C VAL A 83 1.19 -8.47 6.46
N GLU A 84 0.23 -8.85 7.29
CA GLU A 84 -0.38 -10.16 7.19
C GLU A 84 -0.92 -10.39 5.78
N ALA A 85 -1.60 -9.38 5.26
CA ALA A 85 -2.17 -9.46 3.93
C ALA A 85 -1.07 -9.85 2.94
N PHE A 86 0.01 -9.08 2.96
CA PHE A 86 1.13 -9.33 2.07
C PHE A 86 1.79 -10.68 2.39
N LYS A 87 1.63 -11.10 3.64
CA LYS A 87 2.20 -12.35 4.08
C LYS A 87 1.33 -13.51 3.58
N THR A 88 0.02 -13.33 3.72
CA THR A 88 -0.92 -14.34 3.30
C THR A 88 -1.26 -14.16 1.82
N ALA A 89 -0.75 -13.08 1.25
CA ALA A 89 -1.00 -12.78 -0.15
C ALA A 89 -0.22 -13.76 -1.02
N LYS A 90 -0.80 -14.06 -2.17
CA LYS A 90 -0.18 -14.99 -3.11
C LYS A 90 0.19 -14.24 -4.38
N GLU A 91 1.21 -14.76 -5.06
CA GLU A 91 1.68 -14.15 -6.29
C GLU A 91 0.94 -14.75 -7.49
N PRO A 92 0.65 -13.88 -8.49
CA PRO A 92 1.02 -12.48 -8.39
C PRO A 92 0.10 -11.74 -7.42
N ILE A 93 0.68 -10.78 -6.72
CA ILE A 93 -0.06 -9.99 -5.75
C ILE A 93 -0.48 -8.66 -6.39
N VAL A 94 -1.78 -8.52 -6.60
CA VAL A 94 -2.31 -7.32 -7.21
C VAL A 94 -2.50 -6.25 -6.13
N VAL A 95 -1.67 -5.23 -6.21
CA VAL A 95 -1.73 -4.14 -5.25
C VAL A 95 -2.12 -2.85 -5.97
N GLN A 96 -2.78 -1.97 -5.23
CA GLN A 96 -3.22 -0.70 -5.79
C GLN A 96 -2.79 0.46 -4.88
N VAL A 97 -2.40 1.55 -5.51
CA VAL A 97 -1.97 2.72 -4.77
C VAL A 97 -2.70 3.96 -5.31
N LEU A 98 -2.63 5.03 -4.53
CA LEU A 98 -3.29 6.27 -4.91
C LEU A 98 -2.22 7.31 -5.28
N ARG A 99 -2.14 7.59 -6.58
CA ARG A 99 -1.18 8.55 -7.07
C ARG A 99 -1.88 9.86 -7.46
N ARG A 100 -1.31 10.96 -7.00
CA ARG A 100 -1.87 12.27 -7.29
C ARG A 100 -2.24 12.37 -8.77
N THR A 101 -1.32 11.93 -9.61
CA THR A 101 -1.53 11.97 -11.05
C THR A 101 -0.37 11.30 -11.79
N SER A 102 0.84 11.74 -11.44
CA SER A 102 2.04 11.19 -12.05
C SER A 102 3.18 11.18 -11.04
N GLY A 103 4.30 10.60 -11.46
CA GLY A 103 5.47 10.52 -10.61
C GLY A 103 6.65 9.90 -11.35
N PRO A 104 7.78 10.66 -11.39
CA PRO A 104 8.98 10.19 -12.06
C PRO A 104 9.69 9.12 -11.24
N SER A 105 10.69 8.52 -11.85
CA SER A 105 11.47 7.48 -11.18
C SER A 105 12.92 7.53 -11.63
N SER A 106 13.81 7.20 -10.71
CA SER A 106 15.23 7.21 -11.00
C SER A 106 15.74 8.64 -11.12
N GLY A 107 15.41 9.27 -12.24
CA GLY A 107 15.82 10.64 -12.49
C GLY A 107 14.73 11.62 -12.07
N GLY A 1 -23.83 17.24 -2.30
CA GLY A 1 -22.90 16.12 -2.21
C GLY A 1 -23.22 15.07 -3.28
N SER A 2 -22.28 14.92 -4.21
CA SER A 2 -22.43 13.96 -5.29
C SER A 2 -21.10 13.77 -6.01
N SER A 3 -20.59 14.86 -6.56
CA SER A 3 -19.34 14.83 -7.29
C SER A 3 -18.17 14.94 -6.30
N GLY A 4 -17.22 14.02 -6.46
CA GLY A 4 -16.05 14.02 -5.59
C GLY A 4 -14.80 13.63 -6.37
N SER A 5 -13.66 14.10 -5.89
CA SER A 5 -12.39 13.82 -6.53
C SER A 5 -11.25 13.94 -5.51
N SER A 6 -10.11 13.36 -5.88
CA SER A 6 -8.95 13.39 -5.02
C SER A 6 -7.68 13.11 -5.83
N GLY A 7 -7.60 11.88 -6.31
CA GLY A 7 -6.44 11.46 -7.10
C GLY A 7 -6.81 10.31 -8.03
N LYS A 8 -5.79 9.53 -8.37
CA LYS A 8 -6.00 8.39 -9.26
C LYS A 8 -5.48 7.13 -8.57
N SER A 9 -6.00 5.99 -9.01
CA SER A 9 -5.61 4.71 -8.45
C SER A 9 -4.91 3.86 -9.51
N LEU A 10 -3.70 3.43 -9.18
CA LEU A 10 -2.92 2.62 -10.10
C LEU A 10 -2.76 1.22 -9.52
N THR A 11 -2.50 0.27 -10.41
CA THR A 11 -2.34 -1.11 -10.00
C THR A 11 -0.86 -1.53 -10.13
N LEU A 12 -0.41 -2.30 -9.14
CA LEU A 12 0.96 -2.77 -9.14
C LEU A 12 1.00 -4.22 -8.65
N VAL A 13 1.76 -5.03 -9.37
CA VAL A 13 1.89 -6.44 -9.01
C VAL A 13 3.19 -6.64 -8.22
N LEU A 14 3.02 -7.05 -6.98
CA LEU A 14 4.17 -7.29 -6.12
C LEU A 14 4.34 -8.80 -5.90
N HIS A 15 5.56 -9.20 -5.59
CA HIS A 15 5.87 -10.59 -5.36
C HIS A 15 6.63 -10.73 -4.04
N ARG A 16 6.71 -11.99 -3.58
CA ARG A 16 7.41 -12.27 -2.34
C ARG A 16 8.68 -13.05 -2.62
N ASP A 17 9.77 -12.31 -2.82
CA ASP A 17 11.05 -12.93 -3.10
C ASP A 17 11.52 -13.70 -1.87
N SER A 18 10.83 -13.48 -0.77
CA SER A 18 11.16 -14.15 0.48
C SER A 18 10.62 -13.34 1.67
N GLY A 19 9.31 -13.31 1.77
CA GLY A 19 8.66 -12.58 2.86
C GLY A 19 9.35 -11.24 3.09
N SER A 20 9.32 -10.40 2.06
CA SER A 20 9.93 -9.09 2.15
C SER A 20 9.13 -8.08 1.32
N LEU A 21 8.76 -8.51 0.12
CA LEU A 21 7.99 -7.67 -0.77
C LEU A 21 8.88 -6.52 -1.26
N GLY A 22 10.12 -6.55 -0.82
CA GLY A 22 11.07 -5.52 -1.20
C GLY A 22 10.55 -4.13 -0.86
N PHE A 23 9.94 -4.03 0.32
CA PHE A 23 9.39 -2.77 0.77
C PHE A 23 8.78 -2.92 2.17
N ASN A 24 8.17 -1.83 2.64
CA ASN A 24 7.55 -1.83 3.95
C ASN A 24 6.28 -0.97 3.91
N ILE A 25 5.71 -0.76 5.08
CA ILE A 25 4.50 0.05 5.19
C ILE A 25 4.46 0.70 6.57
N ILE A 26 3.70 1.79 6.64
CA ILE A 26 3.57 2.52 7.89
C ILE A 26 2.09 2.69 8.22
N GLY A 27 1.83 3.08 9.46
CA GLY A 27 0.46 3.29 9.92
C GLY A 27 -0.11 2.01 10.54
N GLY A 28 -0.93 2.21 11.55
CA GLY A 28 -1.55 1.08 12.25
C GLY A 28 -1.64 1.36 13.75
N ARG A 29 -2.52 0.61 14.40
CA ARG A 29 -2.72 0.76 15.83
C ARG A 29 -2.50 -0.58 16.54
N PRO A 30 -1.68 -0.53 17.63
CA PRO A 30 -1.38 -1.73 18.39
C PRO A 30 -2.57 -2.13 19.26
N SER A 31 -3.68 -2.44 18.61
CA SER A 31 -4.88 -2.84 19.31
C SER A 31 -4.60 -4.04 20.20
N VAL A 32 -5.19 -4.02 21.39
CA VAL A 32 -5.02 -5.10 22.34
C VAL A 32 -6.37 -5.49 22.93
N ASP A 33 -7.15 -6.22 22.13
CA ASP A 33 -8.46 -6.66 22.56
C ASP A 33 -9.33 -5.44 22.86
N ASN A 34 -10.40 -5.30 22.08
CA ASN A 34 -11.31 -4.19 22.25
C ASN A 34 -12.38 -4.24 21.15
N HIS A 35 -13.62 -4.36 21.59
CA HIS A 35 -14.74 -4.42 20.65
C HIS A 35 -15.77 -3.35 21.01
N ASP A 36 -15.40 -2.11 20.71
CA ASP A 36 -16.29 -0.98 20.98
C ASP A 36 -15.58 0.31 20.60
N GLY A 37 -15.83 0.75 19.38
CA GLY A 37 -15.23 1.97 18.87
C GLY A 37 -13.72 1.85 18.81
N SER A 38 -13.15 2.44 17.77
CA SER A 38 -11.70 2.41 17.59
C SER A 38 -11.30 3.31 16.43
N SER A 39 -10.10 3.85 16.52
CA SER A 39 -9.58 4.73 15.48
C SER A 39 -9.31 3.94 14.20
N SER A 40 -9.07 4.66 13.13
CA SER A 40 -8.80 4.05 11.85
C SER A 40 -7.53 4.65 11.23
N GLU A 41 -6.50 3.82 11.13
CA GLU A 41 -5.24 4.25 10.56
C GLU A 41 -5.20 3.95 9.06
N GLY A 42 -4.12 4.39 8.44
CA GLY A 42 -3.95 4.18 7.01
C GLY A 42 -2.66 3.42 6.71
N ILE A 43 -2.58 2.89 5.50
CA ILE A 43 -1.40 2.13 5.09
C ILE A 43 -0.65 2.92 4.02
N PHE A 44 0.64 3.08 4.25
CA PHE A 44 1.48 3.80 3.31
C PHE A 44 2.89 3.21 3.26
N VAL A 45 3.50 3.33 2.10
CA VAL A 45 4.84 2.81 1.90
C VAL A 45 5.87 3.89 2.26
N SER A 46 6.74 3.55 3.20
CA SER A 46 7.77 4.47 3.64
C SER A 46 9.16 3.89 3.35
N LYS A 47 9.15 2.74 2.70
CA LYS A 47 10.40 2.07 2.35
C LYS A 47 10.17 1.18 1.13
N ILE A 48 11.22 1.05 0.34
CA ILE A 48 11.14 0.22 -0.86
C ILE A 48 12.55 -0.27 -1.22
N VAL A 49 12.66 -1.58 -1.34
CA VAL A 49 13.94 -2.19 -1.68
C VAL A 49 14.18 -2.08 -3.18
N ASP A 50 15.26 -1.42 -3.53
CA ASP A 50 15.61 -1.23 -4.94
C ASP A 50 15.44 -2.57 -5.68
N SER A 51 16.43 -3.43 -5.50
CA SER A 51 16.41 -4.74 -6.14
C SER A 51 15.09 -5.44 -5.84
N GLY A 52 14.46 -5.01 -4.75
CA GLY A 52 13.20 -5.60 -4.34
C GLY A 52 12.25 -5.76 -5.53
N PRO A 53 11.35 -6.78 -5.42
CA PRO A 53 10.39 -7.05 -6.48
C PRO A 53 9.27 -6.01 -6.47
N ALA A 54 9.34 -5.11 -5.50
CA ALA A 54 8.34 -4.07 -5.38
C ALA A 54 8.77 -2.85 -6.20
N ALA A 55 10.08 -2.65 -6.24
CA ALA A 55 10.63 -1.51 -6.98
C ALA A 55 10.96 -1.96 -8.41
N LYS A 56 11.45 -3.18 -8.51
CA LYS A 56 11.81 -3.74 -9.80
C LYS A 56 10.60 -3.65 -10.74
N GLU A 57 9.73 -4.62 -10.63
CA GLU A 57 8.53 -4.66 -11.45
C GLU A 57 7.32 -4.17 -10.66
N GLY A 58 7.39 -4.36 -9.35
CA GLY A 58 6.31 -3.95 -8.48
C GLY A 58 5.62 -2.69 -9.01
N GLY A 59 6.40 -1.62 -9.11
CA GLY A 59 5.90 -0.36 -9.60
C GLY A 59 5.51 0.57 -8.44
N LEU A 60 5.81 0.10 -7.23
CA LEU A 60 5.50 0.87 -6.04
C LEU A 60 6.41 2.09 -5.97
N GLN A 61 6.07 2.99 -5.06
CA GLN A 61 6.85 4.20 -4.89
C GLN A 61 6.64 4.78 -3.49
N ILE A 62 7.75 4.93 -2.78
CA ILE A 62 7.69 5.48 -1.43
C ILE A 62 6.63 6.57 -1.35
N HIS A 63 6.06 6.72 -0.16
CA HIS A 63 5.03 7.73 0.05
C HIS A 63 3.79 7.37 -0.76
N ASP A 64 3.38 6.12 -0.63
CA ASP A 64 2.21 5.64 -1.35
C ASP A 64 1.10 5.30 -0.34
N ARG A 65 -0.08 5.02 -0.88
CA ARG A 65 -1.22 4.69 -0.03
C ARG A 65 -1.96 3.47 -0.60
N ILE A 66 -1.47 2.29 -0.24
CA ILE A 66 -2.07 1.06 -0.70
C ILE A 66 -3.57 1.10 -0.46
N ILE A 67 -4.32 0.68 -1.47
CA ILE A 67 -5.77 0.67 -1.38
C ILE A 67 -6.26 -0.78 -1.27
N GLU A 68 -5.65 -1.64 -2.08
CA GLU A 68 -6.01 -3.04 -2.09
C GLU A 68 -4.79 -3.90 -2.43
N VAL A 69 -4.81 -5.11 -1.91
CA VAL A 69 -3.71 -6.03 -2.15
C VAL A 69 -4.28 -7.45 -2.37
N ASN A 70 -4.05 -7.96 -3.56
CA ASN A 70 -4.52 -9.29 -3.92
C ASN A 70 -6.04 -9.33 -3.77
N GLY A 71 -6.63 -8.15 -3.71
CA GLY A 71 -8.08 -8.04 -3.57
C GLY A 71 -8.46 -7.72 -2.12
N ARG A 72 -7.45 -7.63 -1.28
CA ARG A 72 -7.67 -7.34 0.13
C ARG A 72 -7.55 -5.83 0.38
N ASP A 73 -8.58 -5.29 1.01
CA ASP A 73 -8.60 -3.87 1.32
C ASP A 73 -7.81 -3.62 2.61
N LEU A 74 -6.86 -2.71 2.50
CA LEU A 74 -6.03 -2.36 3.65
C LEU A 74 -6.12 -0.85 3.90
N SER A 75 -6.93 -0.20 3.09
CA SER A 75 -7.11 1.24 3.22
C SER A 75 -7.43 1.60 4.68
N ARG A 76 -8.22 0.74 5.29
CA ARG A 76 -8.61 0.95 6.69
C ARG A 76 -7.99 -0.12 7.58
N ALA A 77 -6.92 -0.71 7.08
CA ALA A 77 -6.22 -1.76 7.82
C ALA A 77 -5.00 -1.14 8.52
N THR A 78 -4.31 -1.99 9.27
CA THR A 78 -3.12 -1.54 9.98
C THR A 78 -1.88 -2.27 9.46
N HIS A 79 -0.75 -1.98 10.10
CA HIS A 79 0.50 -2.58 9.70
C HIS A 79 0.45 -4.09 9.96
N ASP A 80 -0.27 -4.45 11.02
CA ASP A 80 -0.41 -5.84 11.38
C ASP A 80 -1.20 -6.58 10.30
N GLN A 81 -2.34 -5.99 9.96
CA GLN A 81 -3.22 -6.57 8.94
C GLN A 81 -2.56 -6.45 7.56
N ALA A 82 -2.06 -5.25 7.29
CA ALA A 82 -1.42 -4.98 6.02
C ALA A 82 -0.30 -6.01 5.78
N VAL A 83 0.57 -6.12 6.77
CA VAL A 83 1.67 -7.07 6.70
C VAL A 83 1.13 -8.46 6.43
N GLU A 84 0.22 -8.89 7.30
CA GLU A 84 -0.38 -10.21 7.17
C GLU A 84 -0.94 -10.40 5.75
N ALA A 85 -1.55 -9.33 5.25
CA ALA A 85 -2.13 -9.37 3.92
C ALA A 85 -1.04 -9.76 2.90
N PHE A 86 0.04 -9.02 2.93
CA PHE A 86 1.15 -9.29 2.02
C PHE A 86 1.80 -10.63 2.32
N LYS A 87 1.67 -11.04 3.57
CA LYS A 87 2.24 -12.30 4.01
C LYS A 87 1.36 -13.46 3.50
N THR A 88 0.07 -13.31 3.72
CA THR A 88 -0.89 -14.32 3.29
C THR A 88 -1.25 -14.12 1.82
N ALA A 89 -0.75 -13.03 1.27
CA ALA A 89 -1.01 -12.71 -0.13
C ALA A 89 -0.25 -13.69 -1.03
N LYS A 90 -0.88 -14.05 -2.14
CA LYS A 90 -0.27 -14.97 -3.08
C LYS A 90 0.12 -14.21 -4.34
N GLU A 91 1.11 -14.76 -5.03
CA GLU A 91 1.59 -14.14 -6.26
C GLU A 91 0.84 -14.72 -7.46
N PRO A 92 0.57 -13.82 -8.45
CA PRO A 92 0.98 -12.42 -8.34
C PRO A 92 0.08 -11.67 -7.36
N ILE A 93 0.69 -10.73 -6.65
CA ILE A 93 -0.04 -9.93 -5.69
C ILE A 93 -0.44 -8.60 -6.33
N VAL A 94 -1.74 -8.44 -6.51
CA VAL A 94 -2.26 -7.22 -7.11
C VAL A 94 -2.42 -6.15 -6.03
N VAL A 95 -1.60 -5.12 -6.13
CA VAL A 95 -1.65 -4.03 -5.17
C VAL A 95 -2.05 -2.74 -5.88
N GLN A 96 -2.75 -1.89 -5.16
CA GLN A 96 -3.20 -0.62 -5.71
C GLN A 96 -2.86 0.52 -4.75
N VAL A 97 -2.44 1.65 -5.33
CA VAL A 97 -2.09 2.80 -4.55
C VAL A 97 -2.82 4.03 -5.09
N LEU A 98 -2.83 5.09 -4.29
CA LEU A 98 -3.49 6.32 -4.69
C LEU A 98 -2.43 7.41 -4.90
N ARG A 99 -2.34 7.87 -6.14
CA ARG A 99 -1.38 8.90 -6.49
C ARG A 99 -2.11 10.16 -6.97
N ARG A 100 -1.59 11.30 -6.55
CA ARG A 100 -2.18 12.58 -6.92
C ARG A 100 -2.56 12.57 -8.40
N THR A 101 -3.36 13.56 -8.78
CA THR A 101 -3.81 13.67 -10.16
C THR A 101 -2.61 13.75 -11.10
N SER A 102 -2.69 13.00 -12.19
CA SER A 102 -1.62 12.98 -13.18
C SER A 102 -2.14 13.51 -14.51
N GLY A 103 -3.17 12.86 -15.02
CA GLY A 103 -3.75 13.25 -16.28
C GLY A 103 -3.01 12.62 -17.46
N PRO A 104 -3.20 13.24 -18.66
CA PRO A 104 -2.55 12.74 -19.86
C PRO A 104 -1.07 13.08 -19.87
N SER A 105 -0.28 12.20 -19.27
CA SER A 105 1.16 12.41 -19.20
C SER A 105 1.82 11.19 -18.53
N SER A 106 3.11 11.04 -18.80
CA SER A 106 3.87 9.94 -18.23
C SER A 106 3.13 8.62 -18.47
N GLY A 107 3.53 7.93 -19.52
CA GLY A 107 2.92 6.65 -19.86
C GLY A 107 3.96 5.68 -20.42
N GLY A 1 -8.19 18.26 2.66
CA GLY A 1 -7.03 17.50 3.09
C GLY A 1 -6.64 16.45 2.06
N SER A 2 -6.05 16.94 0.97
CA SER A 2 -5.63 16.06 -0.11
C SER A 2 -5.01 16.87 -1.25
N SER A 3 -4.40 16.16 -2.18
CA SER A 3 -3.77 16.80 -3.32
C SER A 3 -4.82 17.12 -4.39
N GLY A 4 -5.26 18.36 -4.39
CA GLY A 4 -6.26 18.81 -5.35
C GLY A 4 -7.64 18.27 -4.99
N SER A 5 -7.99 17.16 -5.63
CA SER A 5 -9.28 16.54 -5.38
C SER A 5 -9.35 15.19 -6.10
N SER A 6 -9.35 14.12 -5.31
CA SER A 6 -9.42 12.79 -5.86
C SER A 6 -8.26 12.56 -6.83
N GLY A 7 -7.18 12.00 -6.30
CA GLY A 7 -6.00 11.73 -7.11
C GLY A 7 -6.31 10.69 -8.19
N LYS A 8 -5.59 9.57 -8.11
CA LYS A 8 -5.78 8.50 -9.06
C LYS A 8 -5.36 7.18 -8.42
N SER A 9 -5.91 6.09 -8.96
CA SER A 9 -5.61 4.76 -8.45
C SER A 9 -4.86 3.97 -9.52
N LEU A 10 -3.70 3.46 -9.12
CA LEU A 10 -2.87 2.67 -10.02
C LEU A 10 -2.73 1.26 -9.47
N THR A 11 -2.44 0.32 -10.36
CA THR A 11 -2.29 -1.07 -9.99
C THR A 11 -0.80 -1.48 -10.08
N LEU A 12 -0.38 -2.28 -9.12
CA LEU A 12 1.00 -2.75 -9.08
C LEU A 12 1.01 -4.23 -8.70
N VAL A 13 1.80 -4.99 -9.44
CA VAL A 13 1.91 -6.42 -9.19
C VAL A 13 3.18 -6.69 -8.38
N LEU A 14 2.97 -7.20 -7.17
CA LEU A 14 4.07 -7.50 -6.29
C LEU A 14 4.32 -9.01 -6.28
N HIS A 15 5.55 -9.38 -5.98
CA HIS A 15 5.92 -10.79 -5.93
C HIS A 15 6.70 -11.07 -4.65
N ARG A 16 6.96 -12.35 -4.42
CA ARG A 16 7.69 -12.77 -3.23
C ARG A 16 8.95 -13.55 -3.64
N ASP A 17 10.08 -12.87 -3.54
CA ASP A 17 11.35 -13.48 -3.89
C ASP A 17 11.70 -14.54 -2.85
N SER A 18 11.82 -14.08 -1.60
CA SER A 18 12.16 -14.98 -0.51
C SER A 18 11.64 -14.41 0.81
N GLY A 19 10.32 -14.42 0.94
CA GLY A 19 9.69 -13.91 2.16
C GLY A 19 10.05 -12.44 2.38
N SER A 20 9.85 -11.64 1.34
CA SER A 20 10.15 -10.23 1.41
C SER A 20 9.59 -9.51 0.18
N LEU A 21 8.47 -8.84 0.38
CA LEU A 21 7.83 -8.11 -0.69
C LEU A 21 8.84 -7.19 -1.35
N GLY A 22 9.77 -6.69 -0.55
CA GLY A 22 10.81 -5.79 -1.04
C GLY A 22 10.49 -4.34 -0.69
N PHE A 23 9.88 -4.17 0.48
CA PHE A 23 9.51 -2.83 0.93
C PHE A 23 8.86 -2.90 2.32
N ASN A 24 8.48 -1.73 2.80
CA ASN A 24 7.84 -1.63 4.10
C ASN A 24 6.57 -0.78 3.99
N ILE A 25 5.94 -0.55 5.13
CA ILE A 25 4.72 0.24 5.17
C ILE A 25 4.61 0.93 6.54
N ILE A 26 3.77 1.95 6.58
CA ILE A 26 3.57 2.70 7.80
C ILE A 26 2.07 2.81 8.09
N GLY A 27 1.76 3.21 9.31
CA GLY A 27 0.38 3.36 9.73
C GLY A 27 0.06 2.43 10.90
N GLY A 28 -1.22 2.07 11.00
CA GLY A 28 -1.67 1.19 12.06
C GLY A 28 -1.44 1.83 13.44
N ARG A 29 -2.48 1.75 14.26
CA ARG A 29 -2.41 2.32 15.60
C ARG A 29 -1.93 1.26 16.60
N PRO A 30 -0.87 1.62 17.36
CA PRO A 30 -0.32 0.71 18.35
C PRO A 30 -1.23 0.63 19.59
N SER A 31 -2.44 0.15 19.36
CA SER A 31 -3.41 0.01 20.43
C SER A 31 -4.71 -0.59 19.89
N VAL A 32 -5.39 -1.31 20.76
CA VAL A 32 -6.65 -1.93 20.39
C VAL A 32 -7.70 -1.67 21.47
N ASP A 33 -7.30 -1.94 22.70
CA ASP A 33 -8.18 -1.74 23.84
C ASP A 33 -9.43 -2.60 23.67
N ASN A 34 -10.38 -2.07 22.92
CA ASN A 34 -11.62 -2.78 22.67
C ASN A 34 -12.27 -2.25 21.39
N HIS A 35 -12.34 -3.12 20.39
CA HIS A 35 -12.92 -2.76 19.12
C HIS A 35 -12.45 -1.36 18.72
N ASP A 36 -11.34 -1.33 18.00
CA ASP A 36 -10.77 -0.07 17.54
C ASP A 36 -10.37 -0.20 16.07
N GLY A 37 -10.28 0.95 15.42
CA GLY A 37 -9.91 0.98 14.01
C GLY A 37 -10.89 1.83 13.21
N SER A 38 -11.06 3.07 13.65
CA SER A 38 -11.96 4.00 12.98
C SER A 38 -11.78 5.41 13.56
N SER A 39 -10.74 6.07 13.10
CA SER A 39 -10.45 7.43 13.55
C SER A 39 -9.56 8.14 12.54
N SER A 40 -8.40 7.56 12.30
CA SER A 40 -7.45 8.13 11.37
C SER A 40 -6.29 7.15 11.14
N GLU A 41 -6.54 6.15 10.31
CA GLU A 41 -5.54 5.16 10.00
C GLU A 41 -5.45 4.93 8.49
N GLY A 42 -4.30 4.44 8.06
CA GLY A 42 -4.08 4.18 6.65
C GLY A 42 -2.78 3.40 6.44
N ILE A 43 -2.68 2.79 5.26
CA ILE A 43 -1.49 2.02 4.92
C ILE A 43 -0.72 2.73 3.81
N PHE A 44 0.53 3.05 4.12
CA PHE A 44 1.38 3.74 3.16
C PHE A 44 2.77 3.10 3.12
N VAL A 45 3.51 3.45 2.08
CA VAL A 45 4.85 2.92 1.91
C VAL A 45 5.87 4.01 2.25
N SER A 46 6.71 3.71 3.23
CA SER A 46 7.73 4.65 3.66
C SER A 46 9.12 4.09 3.36
N LYS A 47 9.12 2.97 2.66
CA LYS A 47 10.37 2.32 2.30
C LYS A 47 10.12 1.30 1.18
N ILE A 48 11.11 1.16 0.31
CA ILE A 48 11.01 0.23 -0.80
C ILE A 48 12.40 -0.29 -1.15
N VAL A 49 12.49 -1.61 -1.28
CA VAL A 49 13.75 -2.25 -1.62
C VAL A 49 13.99 -2.10 -3.13
N ASP A 50 15.08 -1.41 -3.46
CA ASP A 50 15.44 -1.21 -4.85
C ASP A 50 15.45 -2.55 -5.57
N SER A 51 16.45 -3.36 -5.23
CA SER A 51 16.59 -4.67 -5.84
C SER A 51 15.33 -5.50 -5.59
N GLY A 52 14.52 -5.04 -4.64
CA GLY A 52 13.29 -5.73 -4.29
C GLY A 52 12.38 -5.86 -5.51
N PRO A 53 11.51 -6.91 -5.46
CA PRO A 53 10.59 -7.16 -6.56
C PRO A 53 9.44 -6.15 -6.54
N ALA A 54 9.47 -5.29 -5.54
CA ALA A 54 8.43 -4.27 -5.40
C ALA A 54 8.86 -3.01 -6.14
N ALA A 55 10.17 -2.77 -6.15
CA ALA A 55 10.71 -1.61 -6.82
C ALA A 55 11.08 -1.97 -8.26
N LYS A 56 11.48 -3.23 -8.44
CA LYS A 56 11.85 -3.72 -9.75
C LYS A 56 10.66 -3.60 -10.70
N GLU A 57 9.78 -4.60 -10.64
CA GLU A 57 8.60 -4.61 -11.47
C GLU A 57 7.37 -4.19 -10.66
N GLY A 58 7.46 -4.37 -9.36
CA GLY A 58 6.37 -4.02 -8.47
C GLY A 58 5.64 -2.77 -8.97
N GLY A 59 6.40 -1.70 -9.14
CA GLY A 59 5.84 -0.45 -9.61
C GLY A 59 5.50 0.48 -8.44
N LEU A 60 5.78 -0.01 -7.24
CA LEU A 60 5.52 0.76 -6.04
C LEU A 60 6.43 1.99 -6.01
N GLN A 61 6.11 2.90 -5.11
CA GLN A 61 6.90 4.12 -4.98
C GLN A 61 6.68 4.74 -3.59
N ILE A 62 7.78 4.99 -2.91
CA ILE A 62 7.72 5.58 -1.58
C ILE A 62 6.60 6.62 -1.54
N HIS A 63 6.06 6.82 -0.34
CA HIS A 63 4.99 7.79 -0.16
C HIS A 63 3.76 7.34 -0.96
N ASP A 64 3.38 6.09 -0.76
CA ASP A 64 2.24 5.54 -1.45
C ASP A 64 1.12 5.23 -0.44
N ARG A 65 -0.05 4.95 -0.96
CA ARG A 65 -1.20 4.63 -0.12
C ARG A 65 -1.90 3.37 -0.63
N ILE A 66 -1.37 2.23 -0.21
CA ILE A 66 -1.94 0.95 -0.61
C ILE A 66 -3.45 0.96 -0.35
N ILE A 67 -4.19 0.66 -1.40
CA ILE A 67 -5.64 0.63 -1.30
C ILE A 67 -6.11 -0.81 -1.11
N GLU A 68 -5.53 -1.69 -1.92
CA GLU A 68 -5.88 -3.10 -1.86
C GLU A 68 -4.68 -3.96 -2.27
N VAL A 69 -4.67 -5.19 -1.77
CA VAL A 69 -3.59 -6.11 -2.07
C VAL A 69 -4.18 -7.50 -2.32
N ASN A 70 -4.06 -7.95 -3.56
CA ASN A 70 -4.57 -9.25 -3.95
C ASN A 70 -6.09 -9.20 -4.00
N GLY A 71 -6.68 -8.69 -2.92
CA GLY A 71 -8.12 -8.58 -2.84
C GLY A 71 -8.57 -8.35 -1.39
N ARG A 72 -7.66 -7.80 -0.60
CA ARG A 72 -7.94 -7.52 0.79
C ARG A 72 -7.90 -6.01 1.05
N ASP A 73 -9.01 -5.51 1.58
CA ASP A 73 -9.10 -4.09 1.88
C ASP A 73 -8.05 -3.71 2.92
N LEU A 74 -7.10 -2.90 2.48
CA LEU A 74 -6.02 -2.46 3.35
C LEU A 74 -6.11 -0.95 3.54
N SER A 75 -7.12 -0.36 2.91
CA SER A 75 -7.33 1.08 3.00
C SER A 75 -7.63 1.48 4.43
N ARG A 76 -8.44 0.65 5.09
CA ARG A 76 -8.82 0.90 6.46
C ARG A 76 -8.22 -0.16 7.39
N ALA A 77 -7.16 -0.80 6.90
CA ALA A 77 -6.49 -1.83 7.66
C ALA A 77 -5.30 -1.23 8.40
N THR A 78 -4.64 -2.07 9.18
CA THR A 78 -3.48 -1.63 9.95
C THR A 78 -2.22 -2.35 9.48
N HIS A 79 -1.08 -1.82 9.90
CA HIS A 79 0.19 -2.40 9.53
C HIS A 79 0.18 -3.91 9.80
N ASP A 80 -0.46 -4.27 10.90
CA ASP A 80 -0.57 -5.67 11.29
C ASP A 80 -1.30 -6.45 10.18
N GLN A 81 -2.46 -5.94 9.82
CA GLN A 81 -3.26 -6.56 8.78
C GLN A 81 -2.56 -6.45 7.42
N ALA A 82 -2.11 -5.23 7.13
CA ALA A 82 -1.42 -4.99 5.88
C ALA A 82 -0.32 -6.02 5.68
N VAL A 83 0.46 -6.22 6.73
CA VAL A 83 1.55 -7.18 6.68
C VAL A 83 0.99 -8.57 6.41
N GLU A 84 0.05 -8.98 7.26
CA GLU A 84 -0.58 -10.28 7.12
C GLU A 84 -1.07 -10.48 5.69
N ALA A 85 -1.63 -9.41 5.13
CA ALA A 85 -2.14 -9.45 3.78
C ALA A 85 -1.02 -9.86 2.82
N PHE A 86 0.05 -9.09 2.86
CA PHE A 86 1.20 -9.36 2.01
C PHE A 86 1.87 -10.69 2.39
N LYS A 87 1.69 -11.06 3.65
CA LYS A 87 2.26 -12.30 4.14
C LYS A 87 1.48 -13.48 3.58
N THR A 88 0.17 -13.30 3.51
CA THR A 88 -0.70 -14.34 3.00
C THR A 88 -1.09 -14.05 1.55
N ALA A 89 -0.47 -13.02 1.00
CA ALA A 89 -0.73 -12.63 -0.38
C ALA A 89 -0.11 -13.65 -1.32
N LYS A 90 -0.79 -13.87 -2.44
CA LYS A 90 -0.31 -14.81 -3.43
C LYS A 90 0.02 -14.07 -4.73
N GLU A 91 0.97 -14.63 -5.46
CA GLU A 91 1.39 -14.02 -6.71
C GLU A 91 0.57 -14.59 -7.88
N PRO A 92 0.29 -13.71 -8.87
CA PRO A 92 0.73 -12.32 -8.79
C PRO A 92 -0.10 -11.53 -7.78
N ILE A 93 0.60 -10.77 -6.96
CA ILE A 93 -0.06 -9.96 -5.95
C ILE A 93 -0.48 -8.63 -6.57
N VAL A 94 -1.78 -8.46 -6.73
CA VAL A 94 -2.33 -7.24 -7.31
C VAL A 94 -2.52 -6.21 -6.20
N VAL A 95 -1.69 -5.17 -6.26
CA VAL A 95 -1.75 -4.10 -5.27
C VAL A 95 -2.15 -2.80 -5.96
N GLN A 96 -2.82 -1.95 -5.20
CA GLN A 96 -3.26 -0.67 -5.72
C GLN A 96 -2.88 0.47 -4.77
N VAL A 97 -2.39 1.55 -5.34
CA VAL A 97 -1.98 2.70 -4.56
C VAL A 97 -2.60 3.97 -5.15
N LEU A 98 -2.62 5.02 -4.34
CA LEU A 98 -3.18 6.28 -4.77
C LEU A 98 -2.06 7.33 -4.84
N ARG A 99 -1.66 7.64 -6.07
CA ARG A 99 -0.60 8.61 -6.28
C ARG A 99 -1.04 9.64 -7.33
N ARG A 100 -0.69 10.89 -7.07
CA ARG A 100 -1.03 11.97 -7.97
C ARG A 100 -0.64 11.60 -9.41
N THR A 101 -1.06 12.45 -10.35
CA THR A 101 -0.76 12.22 -11.74
C THR A 101 0.50 13.00 -12.15
N SER A 102 1.32 12.35 -12.96
CA SER A 102 2.55 12.97 -13.43
C SER A 102 3.15 12.14 -14.57
N GLY A 103 3.92 12.83 -15.40
CA GLY A 103 4.56 12.17 -16.54
C GLY A 103 4.83 13.16 -17.66
N PRO A 104 6.12 13.57 -17.76
CA PRO A 104 6.53 14.52 -18.80
C PRO A 104 6.59 13.84 -20.17
N SER A 105 7.19 12.66 -20.18
CA SER A 105 7.31 11.91 -21.42
C SER A 105 7.16 10.40 -21.14
N SER A 106 8.11 9.87 -20.38
CA SER A 106 8.09 8.46 -20.03
C SER A 106 6.77 8.12 -19.33
N GLY A 107 6.08 7.13 -19.89
CA GLY A 107 4.82 6.70 -19.33
C GLY A 107 4.93 6.46 -17.82
N GLY A 1 -6.23 19.07 1.01
CA GLY A 1 -5.02 19.87 0.94
C GLY A 1 -5.00 20.70 -0.34
N SER A 2 -3.82 21.22 -0.65
CA SER A 2 -3.65 22.04 -1.84
C SER A 2 -3.28 21.15 -3.03
N SER A 3 -3.96 21.39 -4.14
CA SER A 3 -3.72 20.62 -5.35
C SER A 3 -3.75 19.12 -5.03
N GLY A 4 -4.96 18.60 -4.94
CA GLY A 4 -5.13 17.18 -4.64
C GLY A 4 -6.62 16.84 -4.45
N SER A 5 -7.38 17.06 -5.51
CA SER A 5 -8.81 16.78 -5.48
C SER A 5 -9.12 15.53 -6.28
N SER A 6 -9.15 14.40 -5.60
CA SER A 6 -9.43 13.13 -6.24
C SER A 6 -8.26 12.72 -7.11
N GLY A 7 -7.27 12.09 -6.49
CA GLY A 7 -6.09 11.64 -7.20
C GLY A 7 -6.44 10.52 -8.19
N LYS A 8 -5.55 9.56 -8.28
CA LYS A 8 -5.74 8.43 -9.18
C LYS A 8 -5.28 7.14 -8.50
N SER A 9 -5.86 6.04 -8.95
CA SER A 9 -5.52 4.74 -8.39
C SER A 9 -4.83 3.87 -9.45
N LEU A 10 -3.59 3.54 -9.19
CA LEU A 10 -2.82 2.72 -10.10
C LEU A 10 -2.69 1.31 -9.53
N THR A 11 -2.52 0.34 -10.44
CA THR A 11 -2.38 -1.04 -10.03
C THR A 11 -0.92 -1.49 -10.17
N LEU A 12 -0.49 -2.28 -9.20
CA LEU A 12 0.87 -2.78 -9.20
C LEU A 12 0.87 -4.24 -8.71
N VAL A 13 1.58 -5.07 -9.46
CA VAL A 13 1.68 -6.48 -9.12
C VAL A 13 3.00 -6.74 -8.38
N LEU A 14 2.85 -7.17 -7.13
CA LEU A 14 4.00 -7.45 -6.29
C LEU A 14 4.18 -8.96 -6.17
N HIS A 15 5.41 -9.38 -5.91
CA HIS A 15 5.71 -10.79 -5.76
C HIS A 15 6.32 -11.04 -4.38
N ARG A 16 6.56 -12.31 -4.10
CA ARG A 16 7.14 -12.69 -2.82
C ARG A 16 8.36 -13.57 -3.04
N ASP A 17 9.50 -12.91 -3.18
CA ASP A 17 10.76 -13.62 -3.39
C ASP A 17 11.12 -14.40 -2.13
N SER A 18 10.36 -14.14 -1.07
CA SER A 18 10.59 -14.82 0.20
C SER A 18 9.96 -14.01 1.33
N GLY A 19 8.65 -13.85 1.25
CA GLY A 19 7.93 -13.10 2.26
C GLY A 19 8.64 -11.79 2.60
N SER A 20 9.00 -11.06 1.55
CA SER A 20 9.69 -9.80 1.72
C SER A 20 8.97 -8.70 0.94
N LEU A 21 8.46 -9.08 -0.23
CA LEU A 21 7.74 -8.14 -1.07
C LEU A 21 8.72 -7.12 -1.65
N GLY A 22 9.52 -6.54 -0.77
CA GLY A 22 10.50 -5.55 -1.18
C GLY A 22 10.02 -4.13 -0.89
N PHE A 23 9.60 -3.93 0.36
CA PHE A 23 9.10 -2.63 0.79
C PHE A 23 8.64 -2.67 2.24
N ASN A 24 8.32 -1.49 2.76
CA ASN A 24 7.86 -1.38 4.13
C ASN A 24 6.61 -0.51 4.18
N ILE A 25 5.86 -0.66 5.26
CA ILE A 25 4.63 0.10 5.45
C ILE A 25 4.69 0.83 6.79
N ILE A 26 3.86 1.86 6.89
CA ILE A 26 3.80 2.64 8.11
C ILE A 26 2.34 2.90 8.48
N GLY A 27 2.12 3.21 9.76
CA GLY A 27 0.78 3.48 10.25
C GLY A 27 0.11 2.18 10.70
N GLY A 28 -0.06 2.06 12.01
CA GLY A 28 -0.70 0.89 12.58
C GLY A 28 -0.58 0.89 14.11
N ARG A 29 -1.74 0.88 14.75
CA ARG A 29 -1.79 0.88 16.21
C ARG A 29 -2.60 -0.31 16.71
N PRO A 30 -2.30 -0.72 17.97
CA PRO A 30 -2.98 -1.85 18.58
C PRO A 30 -4.39 -1.45 19.03
N SER A 31 -5.29 -1.39 18.06
CA SER A 31 -6.67 -1.02 18.34
C SER A 31 -7.47 -2.26 18.76
N VAL A 32 -8.71 -2.02 19.14
CA VAL A 32 -9.59 -3.10 19.57
C VAL A 32 -10.93 -2.96 18.86
N ASP A 33 -11.58 -1.82 19.10
CA ASP A 33 -12.87 -1.56 18.50
C ASP A 33 -12.78 -1.76 16.99
N ASN A 34 -13.91 -2.12 16.40
CA ASN A 34 -13.97 -2.36 14.97
C ASN A 34 -15.22 -1.69 14.39
N HIS A 35 -15.27 -1.62 13.08
CA HIS A 35 -16.40 -1.01 12.39
C HIS A 35 -16.60 0.42 12.91
N ASP A 36 -15.75 1.31 12.41
CA ASP A 36 -15.82 2.71 12.80
C ASP A 36 -15.03 3.55 11.80
N GLY A 37 -15.69 4.58 11.29
CA GLY A 37 -15.07 5.47 10.33
C GLY A 37 -14.02 6.37 11.00
N SER A 38 -14.52 7.24 11.87
CA SER A 38 -13.64 8.16 12.58
C SER A 38 -12.46 7.40 13.17
N SER A 39 -11.28 7.96 12.98
CA SER A 39 -10.06 7.36 13.48
C SER A 39 -9.89 5.97 12.87
N SER A 40 -9.03 5.90 11.86
CA SER A 40 -8.77 4.64 11.18
C SER A 40 -7.33 4.62 10.66
N GLU A 41 -6.54 3.71 11.22
CA GLU A 41 -5.15 3.58 10.82
C GLU A 41 -5.02 3.72 9.30
N GLY A 42 -3.81 4.04 8.87
CA GLY A 42 -3.55 4.21 7.45
C GLY A 42 -2.27 3.45 7.05
N ILE A 43 -2.36 2.79 5.90
CA ILE A 43 -1.24 2.02 5.39
C ILE A 43 -0.53 2.84 4.30
N PHE A 44 0.74 3.13 4.54
CA PHE A 44 1.53 3.89 3.60
C PHE A 44 2.94 3.31 3.47
N VAL A 45 3.51 3.48 2.28
CA VAL A 45 4.85 2.98 2.02
C VAL A 45 5.87 4.07 2.32
N SER A 46 6.82 3.71 3.17
CA SER A 46 7.87 4.65 3.56
C SER A 46 9.22 4.18 3.03
N LYS A 47 9.32 2.88 2.83
CA LYS A 47 10.55 2.28 2.33
C LYS A 47 10.22 1.41 1.11
N ILE A 48 11.21 1.29 0.24
CA ILE A 48 11.05 0.48 -0.97
C ILE A 48 12.42 0.02 -1.45
N VAL A 49 12.72 -1.24 -1.17
CA VAL A 49 13.99 -1.81 -1.58
C VAL A 49 14.07 -1.83 -3.11
N ASP A 50 15.30 -1.70 -3.60
CA ASP A 50 15.53 -1.69 -5.03
C ASP A 50 15.46 -3.13 -5.56
N SER A 51 16.43 -3.94 -5.14
CA SER A 51 16.48 -5.32 -5.57
C SER A 51 15.08 -5.94 -5.49
N GLY A 52 14.43 -5.72 -4.36
CA GLY A 52 13.10 -6.26 -4.14
C GLY A 52 12.29 -6.25 -5.45
N PRO A 53 11.39 -7.26 -5.56
CA PRO A 53 10.56 -7.39 -6.75
C PRO A 53 9.44 -6.35 -6.74
N ALA A 54 9.34 -5.64 -5.62
CA ALA A 54 8.32 -4.61 -5.46
C ALA A 54 8.77 -3.33 -6.17
N ALA A 55 10.08 -3.14 -6.18
CA ALA A 55 10.66 -1.96 -6.81
C ALA A 55 11.02 -2.30 -8.26
N LYS A 56 11.30 -3.57 -8.48
CA LYS A 56 11.67 -4.04 -9.82
C LYS A 56 10.46 -3.90 -10.75
N GLU A 57 9.57 -4.88 -10.66
CA GLU A 57 8.37 -4.87 -11.49
C GLU A 57 7.16 -4.39 -10.68
N GLY A 58 7.26 -4.59 -9.37
CA GLY A 58 6.19 -4.18 -8.48
C GLY A 58 5.52 -2.90 -8.97
N GLY A 59 6.34 -1.87 -9.18
CA GLY A 59 5.84 -0.60 -9.65
C GLY A 59 5.45 0.31 -8.47
N LEU A 60 5.71 -0.19 -7.27
CA LEU A 60 5.39 0.55 -6.07
C LEU A 60 6.25 1.81 -6.00
N GLN A 61 5.78 2.78 -5.23
CA GLN A 61 6.50 4.03 -5.07
C GLN A 61 6.29 4.59 -3.67
N ILE A 62 7.41 4.81 -2.98
CA ILE A 62 7.37 5.35 -1.63
C ILE A 62 6.28 6.42 -1.55
N HIS A 63 5.77 6.61 -0.34
CA HIS A 63 4.73 7.61 -0.11
C HIS A 63 3.48 7.24 -0.91
N ASP A 64 3.21 5.94 -0.95
CA ASP A 64 2.05 5.44 -1.68
C ASP A 64 1.10 4.76 -0.69
N ARG A 65 -0.15 5.22 -0.72
CA ARG A 65 -1.17 4.66 0.16
C ARG A 65 -1.86 3.48 -0.51
N ILE A 66 -1.49 2.29 -0.07
CA ILE A 66 -2.07 1.08 -0.63
C ILE A 66 -3.59 1.12 -0.45
N ILE A 67 -4.29 0.61 -1.46
CA ILE A 67 -5.74 0.58 -1.44
C ILE A 67 -6.21 -0.86 -1.28
N GLU A 68 -5.65 -1.73 -2.11
CA GLU A 68 -6.02 -3.14 -2.07
C GLU A 68 -4.80 -4.00 -2.41
N VAL A 69 -4.81 -5.22 -1.88
CA VAL A 69 -3.72 -6.15 -2.11
C VAL A 69 -4.29 -7.56 -2.31
N ASN A 70 -4.06 -8.10 -3.50
CA ASN A 70 -4.54 -9.42 -3.83
C ASN A 70 -6.06 -9.47 -3.65
N GLY A 71 -6.65 -8.29 -3.62
CA GLY A 71 -8.09 -8.18 -3.45
C GLY A 71 -8.45 -7.83 -2.00
N ARG A 72 -7.42 -7.76 -1.17
CA ARG A 72 -7.61 -7.44 0.23
C ARG A 72 -7.44 -5.94 0.46
N ASP A 73 -8.45 -5.35 1.09
CA ASP A 73 -8.42 -3.92 1.37
C ASP A 73 -7.56 -3.67 2.61
N LEU A 74 -6.72 -2.66 2.51
CA LEU A 74 -5.84 -2.30 3.62
C LEU A 74 -5.90 -0.79 3.84
N SER A 75 -6.84 -0.16 3.15
CA SER A 75 -7.00 1.28 3.28
C SER A 75 -7.34 1.66 4.73
N ARG A 76 -8.17 0.83 5.34
CA ARG A 76 -8.57 1.06 6.72
C ARG A 76 -8.01 -0.04 7.62
N ALA A 77 -6.97 -0.69 7.13
CA ALA A 77 -6.33 -1.76 7.87
C ALA A 77 -5.12 -1.20 8.62
N THR A 78 -4.47 -2.08 9.39
CA THR A 78 -3.31 -1.68 10.16
C THR A 78 -2.07 -2.42 9.65
N HIS A 79 -0.91 -1.90 10.05
CA HIS A 79 0.35 -2.50 9.65
C HIS A 79 0.31 -4.01 9.90
N ASP A 80 -0.37 -4.38 10.99
CA ASP A 80 -0.48 -5.77 11.35
C ASP A 80 -1.26 -6.52 10.26
N GLN A 81 -2.42 -5.97 9.93
CA GLN A 81 -3.25 -6.58 8.91
C GLN A 81 -2.57 -6.49 7.54
N ALA A 82 -2.08 -5.31 7.23
CA ALA A 82 -1.41 -5.07 5.96
C ALA A 82 -0.33 -6.14 5.77
N VAL A 83 0.56 -6.25 6.75
CA VAL A 83 1.63 -7.22 6.70
C VAL A 83 1.04 -8.60 6.42
N GLU A 84 0.11 -8.99 7.28
CA GLU A 84 -0.54 -10.29 7.15
C GLU A 84 -1.05 -10.48 5.72
N ALA A 85 -1.72 -9.44 5.22
CA ALA A 85 -2.27 -9.48 3.89
C ALA A 85 -1.17 -9.84 2.89
N PHE A 86 -0.08 -9.09 2.96
CA PHE A 86 1.05 -9.32 2.08
C PHE A 86 1.72 -10.67 2.39
N LYS A 87 1.57 -11.09 3.64
CA LYS A 87 2.15 -12.35 4.07
C LYS A 87 1.32 -13.51 3.53
N THR A 88 0.01 -13.33 3.60
CA THR A 88 -0.91 -14.35 3.12
C THR A 88 -1.20 -14.16 1.63
N ALA A 89 -0.79 -12.99 1.13
CA ALA A 89 -1.00 -12.67 -0.27
C ALA A 89 -0.33 -13.73 -1.14
N LYS A 90 -0.90 -13.93 -2.33
CA LYS A 90 -0.36 -14.91 -3.26
C LYS A 90 0.06 -14.20 -4.54
N GLU A 91 1.02 -14.80 -5.22
CA GLU A 91 1.54 -14.24 -6.46
C GLU A 91 0.78 -14.82 -7.66
N PRO A 92 0.48 -13.93 -8.64
CA PRO A 92 0.88 -12.54 -8.53
C PRO A 92 -0.02 -11.78 -7.54
N ILE A 93 0.61 -10.87 -6.81
CA ILE A 93 -0.11 -10.08 -5.83
C ILE A 93 -0.52 -8.74 -6.45
N VAL A 94 -1.82 -8.60 -6.64
CA VAL A 94 -2.36 -7.38 -7.23
C VAL A 94 -2.52 -6.32 -6.14
N VAL A 95 -1.72 -5.27 -6.25
CA VAL A 95 -1.77 -4.19 -5.28
C VAL A 95 -2.15 -2.89 -5.99
N GLN A 96 -2.81 -2.02 -5.25
CA GLN A 96 -3.24 -0.74 -5.79
C GLN A 96 -2.90 0.39 -4.82
N VAL A 97 -2.40 1.47 -5.38
CA VAL A 97 -2.02 2.63 -4.59
C VAL A 97 -2.68 3.89 -5.16
N LEU A 98 -2.67 4.94 -4.37
CA LEU A 98 -3.26 6.20 -4.79
C LEU A 98 -2.15 7.19 -5.16
N ARG A 99 -1.93 7.32 -6.46
CA ARG A 99 -0.90 8.23 -6.95
C ARG A 99 -1.53 9.55 -7.40
N ARG A 100 -0.86 10.63 -7.06
CA ARG A 100 -1.34 11.95 -7.42
C ARG A 100 -1.21 12.17 -8.92
N THR A 101 0.02 12.01 -9.41
CA THR A 101 0.28 12.20 -10.82
C THR A 101 1.66 11.62 -11.18
N SER A 102 1.85 11.37 -12.46
CA SER A 102 3.11 10.83 -12.94
C SER A 102 3.35 9.44 -12.34
N GLY A 103 4.21 8.69 -13.00
CA GLY A 103 4.53 7.34 -12.54
C GLY A 103 5.10 6.50 -13.69
N PRO A 104 6.37 6.82 -14.06
CA PRO A 104 7.03 6.09 -15.13
C PRO A 104 7.48 4.70 -14.66
N SER A 105 8.28 4.70 -13.61
CA SER A 105 8.79 3.46 -13.05
C SER A 105 9.76 2.80 -14.03
N SER A 106 11.03 3.09 -13.84
CA SER A 106 12.07 2.54 -14.70
C SER A 106 12.79 1.40 -13.99
N GLY A 107 13.49 0.60 -14.76
CA GLY A 107 14.24 -0.53 -14.22
C GLY A 107 14.01 -1.78 -15.07
N GLY A 1 -10.49 27.00 -5.69
CA GLY A 1 -11.68 26.85 -6.52
C GLY A 1 -11.95 25.37 -6.82
N SER A 2 -11.44 24.93 -7.96
CA SER A 2 -11.63 23.56 -8.39
C SER A 2 -10.45 22.70 -7.91
N SER A 3 -10.52 22.30 -6.66
CA SER A 3 -9.47 21.48 -6.08
C SER A 3 -10.00 20.77 -4.82
N GLY A 4 -9.23 19.80 -4.37
CA GLY A 4 -9.59 19.03 -3.19
C GLY A 4 -8.91 17.66 -3.18
N SER A 5 -9.22 16.89 -2.16
CA SER A 5 -8.65 15.56 -2.02
C SER A 5 -9.14 14.66 -3.16
N SER A 6 -8.26 14.47 -4.14
CA SER A 6 -8.59 13.63 -5.28
C SER A 6 -7.30 13.16 -5.96
N GLY A 7 -7.43 12.05 -6.68
CA GLY A 7 -6.29 11.48 -7.38
C GLY A 7 -6.72 10.30 -8.25
N LYS A 8 -5.75 9.43 -8.52
CA LYS A 8 -6.01 8.26 -9.33
C LYS A 8 -5.43 7.03 -8.64
N SER A 9 -6.00 5.88 -8.97
CA SER A 9 -5.56 4.62 -8.39
C SER A 9 -4.94 3.74 -9.46
N LEU A 10 -3.67 3.40 -9.26
CA LEU A 10 -2.94 2.56 -10.20
C LEU A 10 -2.78 1.16 -9.60
N THR A 11 -2.57 0.20 -10.48
CA THR A 11 -2.39 -1.18 -10.06
C THR A 11 -0.93 -1.60 -10.19
N LEU A 12 -0.47 -2.36 -9.21
CA LEU A 12 0.91 -2.83 -9.20
C LEU A 12 0.95 -4.28 -8.73
N VAL A 13 1.71 -5.10 -9.45
CA VAL A 13 1.84 -6.50 -9.11
C VAL A 13 3.15 -6.71 -8.35
N LEU A 14 3.01 -7.16 -7.12
CA LEU A 14 4.18 -7.41 -6.27
C LEU A 14 4.34 -8.91 -6.08
N HIS A 15 5.57 -9.31 -5.80
CA HIS A 15 5.88 -10.72 -5.60
C HIS A 15 6.60 -10.89 -4.25
N ARG A 16 6.67 -12.14 -3.82
CA ARG A 16 7.31 -12.46 -2.56
C ARG A 16 8.55 -13.33 -2.80
N ASP A 17 9.69 -12.66 -2.98
CA ASP A 17 10.93 -13.36 -3.21
C ASP A 17 11.31 -14.17 -1.98
N SER A 18 10.68 -13.81 -0.87
CA SER A 18 10.94 -14.48 0.39
C SER A 18 10.28 -13.73 1.54
N GLY A 19 8.97 -13.53 1.40
CA GLY A 19 8.22 -12.81 2.42
C GLY A 19 8.85 -11.46 2.73
N SER A 20 9.29 -10.79 1.67
CA SER A 20 9.91 -9.49 1.81
C SER A 20 9.14 -8.45 0.99
N LEU A 21 8.68 -8.88 -0.18
CA LEU A 21 7.94 -8.01 -1.06
C LEU A 21 8.90 -6.99 -1.68
N GLY A 22 9.72 -6.40 -0.83
CA GLY A 22 10.68 -5.41 -1.27
C GLY A 22 10.21 -3.99 -0.93
N PHE A 23 9.71 -3.84 0.28
CA PHE A 23 9.22 -2.55 0.75
C PHE A 23 8.77 -2.63 2.21
N ASN A 24 8.37 -1.48 2.73
CA ASN A 24 7.90 -1.40 4.11
C ASN A 24 6.62 -0.59 4.16
N ILE A 25 5.82 -0.86 5.19
CA ILE A 25 4.57 -0.15 5.38
C ILE A 25 4.55 0.51 6.75
N ILE A 26 3.76 1.58 6.86
CA ILE A 26 3.65 2.29 8.11
C ILE A 26 2.17 2.55 8.41
N GLY A 27 1.91 2.92 9.66
CA GLY A 27 0.55 3.20 10.08
C GLY A 27 -0.13 1.93 10.60
N GLY A 28 -0.17 1.81 11.92
CA GLY A 28 -0.78 0.66 12.55
C GLY A 28 -0.70 0.77 14.08
N ARG A 29 -1.84 0.52 14.72
CA ARG A 29 -1.90 0.58 16.17
C ARG A 29 -2.53 -0.70 16.72
N PRO A 30 -2.19 -0.99 18.01
CA PRO A 30 -2.72 -2.18 18.67
C PRO A 30 -4.18 -2.00 19.06
N SER A 31 -5.01 -2.90 18.55
CA SER A 31 -6.43 -2.85 18.83
C SER A 31 -6.85 -4.09 19.62
N VAL A 32 -8.04 -4.01 20.21
CA VAL A 32 -8.56 -5.11 20.99
C VAL A 32 -10.09 -5.17 20.81
N ASP A 33 -10.73 -4.08 21.16
CA ASP A 33 -12.18 -4.00 21.05
C ASP A 33 -12.59 -4.25 19.59
N ASN A 34 -13.52 -5.19 19.43
CA ASN A 34 -14.00 -5.54 18.11
C ASN A 34 -14.99 -4.48 17.63
N HIS A 35 -14.48 -3.53 16.85
CA HIS A 35 -15.30 -2.46 16.33
C HIS A 35 -14.48 -1.62 15.36
N ASP A 36 -14.95 -1.57 14.12
CA ASP A 36 -14.28 -0.80 13.08
C ASP A 36 -14.63 0.68 13.25
N GLY A 37 -15.93 0.96 13.24
CA GLY A 37 -16.41 2.32 13.37
C GLY A 37 -15.69 3.25 12.40
N SER A 38 -15.08 4.29 12.96
CA SER A 38 -14.36 5.25 12.16
C SER A 38 -13.02 4.68 11.72
N SER A 39 -12.56 5.13 10.56
CA SER A 39 -11.29 4.66 10.02
C SER A 39 -10.15 5.03 10.97
N SER A 40 -9.42 4.01 11.39
CA SER A 40 -8.31 4.19 12.29
C SER A 40 -7.02 3.68 11.65
N GLU A 41 -5.98 4.51 11.75
CA GLU A 41 -4.69 4.16 11.18
C GLU A 41 -4.81 3.94 9.67
N GLY A 42 -3.66 3.95 9.01
CA GLY A 42 -3.62 3.74 7.57
C GLY A 42 -2.37 2.97 7.15
N ILE A 43 -2.31 2.67 5.87
CA ILE A 43 -1.17 1.94 5.32
C ILE A 43 -0.48 2.78 4.26
N PHE A 44 0.80 3.03 4.48
CA PHE A 44 1.58 3.81 3.55
C PHE A 44 2.97 3.20 3.34
N VAL A 45 3.54 3.47 2.17
CA VAL A 45 4.85 2.95 1.83
C VAL A 45 5.91 3.99 2.21
N SER A 46 6.72 3.62 3.20
CA SER A 46 7.78 4.51 3.65
C SER A 46 9.12 4.11 3.02
N LYS A 47 9.33 2.79 2.96
CA LYS A 47 10.55 2.27 2.38
C LYS A 47 10.20 1.39 1.18
N ILE A 48 11.17 1.26 0.28
CA ILE A 48 10.98 0.46 -0.92
C ILE A 48 12.33 -0.08 -1.38
N VAL A 49 12.52 -1.37 -1.21
CA VAL A 49 13.75 -2.03 -1.60
C VAL A 49 13.91 -1.93 -3.11
N ASP A 50 15.07 -1.44 -3.53
CA ASP A 50 15.36 -1.30 -4.95
C ASP A 50 15.35 -2.68 -5.61
N SER A 51 16.37 -3.47 -5.28
CA SER A 51 16.49 -4.80 -5.83
C SER A 51 15.21 -5.59 -5.57
N GLY A 52 14.44 -5.12 -4.61
CA GLY A 52 13.19 -5.77 -4.25
C GLY A 52 12.28 -5.90 -5.47
N PRO A 53 11.40 -6.94 -5.41
CA PRO A 53 10.47 -7.19 -6.50
C PRO A 53 9.32 -6.18 -6.48
N ALA A 54 9.34 -5.32 -5.47
CA ALA A 54 8.31 -4.31 -5.33
C ALA A 54 8.76 -3.04 -6.06
N ALA A 55 10.06 -2.79 -6.03
CA ALA A 55 10.61 -1.62 -6.69
C ALA A 55 11.03 -1.99 -8.11
N LYS A 56 11.34 -3.26 -8.29
CA LYS A 56 11.76 -3.75 -9.60
C LYS A 56 10.58 -3.66 -10.56
N GLU A 57 9.72 -4.67 -10.49
CA GLU A 57 8.55 -4.72 -11.35
C GLU A 57 7.31 -4.27 -10.58
N GLY A 58 7.37 -4.42 -9.27
CA GLY A 58 6.26 -4.04 -8.42
C GLY A 58 5.56 -2.80 -8.96
N GLY A 59 6.35 -1.75 -9.15
CA GLY A 59 5.81 -0.50 -9.66
C GLY A 59 5.39 0.43 -8.52
N LEU A 60 5.69 -0.01 -7.30
CA LEU A 60 5.35 0.76 -6.13
C LEU A 60 6.18 2.05 -6.11
N GLN A 61 5.85 2.92 -5.16
CA GLN A 61 6.55 4.18 -5.02
C GLN A 61 6.40 4.73 -3.60
N ILE A 62 7.51 5.12 -3.02
CA ILE A 62 7.51 5.66 -1.67
C ILE A 62 6.41 6.71 -1.55
N HIS A 63 5.97 6.93 -0.32
CA HIS A 63 4.93 7.90 -0.06
C HIS A 63 3.68 7.55 -0.86
N ASP A 64 3.31 6.28 -0.78
CA ASP A 64 2.14 5.79 -1.49
C ASP A 64 1.20 5.10 -0.50
N ARG A 65 -0.09 5.35 -0.69
CA ARG A 65 -1.10 4.76 0.17
C ARG A 65 -1.75 3.56 -0.51
N ILE A 66 -1.41 2.38 -0.03
CA ILE A 66 -1.96 1.15 -0.58
C ILE A 66 -3.48 1.16 -0.44
N ILE A 67 -4.15 0.84 -1.54
CA ILE A 67 -5.59 0.80 -1.55
C ILE A 67 -6.08 -0.63 -1.30
N GLU A 68 -5.46 -1.55 -2.02
CA GLU A 68 -5.81 -2.96 -1.89
C GLU A 68 -4.64 -3.84 -2.30
N VAL A 69 -4.62 -5.06 -1.76
CA VAL A 69 -3.56 -6.00 -2.06
C VAL A 69 -4.17 -7.40 -2.22
N ASN A 70 -4.10 -7.91 -3.44
CA ASN A 70 -4.62 -9.23 -3.74
C ASN A 70 -6.15 -9.16 -3.76
N GLY A 71 -6.72 -8.59 -2.71
CA GLY A 71 -8.15 -8.46 -2.60
C GLY A 71 -8.57 -8.16 -1.16
N ARG A 72 -7.63 -7.60 -0.41
CA ARG A 72 -7.89 -7.26 0.98
C ARG A 72 -7.78 -5.76 1.19
N ASP A 73 -8.85 -5.18 1.72
CA ASP A 73 -8.90 -3.76 1.97
C ASP A 73 -7.81 -3.39 2.99
N LEU A 74 -6.80 -2.68 2.51
CA LEU A 74 -5.71 -2.26 3.36
C LEU A 74 -5.72 -0.73 3.49
N SER A 75 -6.78 -0.13 2.97
CA SER A 75 -6.92 1.30 3.02
C SER A 75 -7.10 1.77 4.47
N ARG A 76 -7.99 1.08 5.18
CA ARG A 76 -8.27 1.41 6.56
C ARG A 76 -7.79 0.27 7.47
N ALA A 77 -6.88 -0.53 6.95
CA ALA A 77 -6.35 -1.65 7.70
C ALA A 77 -5.17 -1.18 8.55
N THR A 78 -4.61 -2.11 9.29
CA THR A 78 -3.47 -1.81 10.15
C THR A 78 -2.22 -2.54 9.65
N HIS A 79 -1.07 -2.07 10.12
CA HIS A 79 0.20 -2.66 9.74
C HIS A 79 0.13 -4.18 9.93
N ASP A 80 -0.66 -4.59 10.91
CA ASP A 80 -0.81 -6.00 11.20
C ASP A 80 -1.54 -6.69 10.04
N GLN A 81 -2.68 -6.10 9.68
CA GLN A 81 -3.48 -6.65 8.60
C GLN A 81 -2.72 -6.54 7.27
N ALA A 82 -2.20 -5.36 7.02
CA ALA A 82 -1.44 -5.11 5.79
C ALA A 82 -0.33 -6.15 5.68
N VAL A 83 0.50 -6.21 6.71
CA VAL A 83 1.61 -7.13 6.73
C VAL A 83 1.09 -8.55 6.45
N GLU A 84 0.10 -8.95 7.23
CA GLU A 84 -0.49 -10.26 7.08
C GLU A 84 -1.00 -10.45 5.64
N ALA A 85 -1.60 -9.39 5.13
CA ALA A 85 -2.13 -9.43 3.77
C ALA A 85 -1.00 -9.75 2.80
N PHE A 86 0.06 -8.97 2.90
CA PHE A 86 1.21 -9.16 2.03
C PHE A 86 1.90 -10.49 2.32
N LYS A 87 1.72 -10.97 3.54
CA LYS A 87 2.31 -12.23 3.95
C LYS A 87 1.50 -13.39 3.38
N THR A 88 0.20 -13.32 3.59
CA THR A 88 -0.70 -14.35 3.10
C THR A 88 -1.01 -14.12 1.62
N ALA A 89 -0.65 -12.93 1.15
CA ALA A 89 -0.89 -12.58 -0.25
C ALA A 89 -0.21 -13.61 -1.15
N LYS A 90 -0.91 -13.95 -2.22
CA LYS A 90 -0.39 -14.92 -3.17
C LYS A 90 0.03 -14.19 -4.45
N GLU A 91 0.99 -14.80 -5.15
CA GLU A 91 1.49 -14.23 -6.38
C GLU A 91 0.73 -14.80 -7.58
N PRO A 92 0.46 -13.90 -8.57
CA PRO A 92 0.87 -12.51 -8.45
C PRO A 92 -0.01 -11.75 -7.47
N ILE A 93 0.61 -10.82 -6.76
CA ILE A 93 -0.11 -10.01 -5.78
C ILE A 93 -0.52 -8.69 -6.42
N VAL A 94 -1.82 -8.54 -6.61
CA VAL A 94 -2.35 -7.32 -7.21
C VAL A 94 -2.51 -6.25 -6.12
N VAL A 95 -1.67 -5.23 -6.23
CA VAL A 95 -1.71 -4.14 -5.27
C VAL A 95 -2.11 -2.85 -5.99
N GLN A 96 -2.75 -1.97 -5.24
CA GLN A 96 -3.19 -0.70 -5.79
C GLN A 96 -2.79 0.45 -4.86
N VAL A 97 -2.35 1.54 -5.47
CA VAL A 97 -1.94 2.71 -4.72
C VAL A 97 -2.63 3.95 -5.29
N LEU A 98 -2.61 5.02 -4.51
CA LEU A 98 -3.22 6.27 -4.92
C LEU A 98 -2.13 7.32 -5.14
N ARG A 99 -1.93 7.66 -6.41
CA ARG A 99 -0.93 8.65 -6.77
C ARG A 99 -1.60 9.94 -7.23
N ARG A 100 -1.11 11.04 -6.68
CA ARG A 100 -1.65 12.35 -7.03
C ARG A 100 -0.90 12.93 -8.23
N THR A 101 -1.30 14.14 -8.60
CA THR A 101 -0.68 14.82 -9.73
C THR A 101 0.31 15.88 -9.23
N SER A 102 1.28 15.42 -8.45
CA SER A 102 2.29 16.31 -7.92
C SER A 102 3.58 15.53 -7.64
N GLY A 103 4.68 16.28 -7.56
CA GLY A 103 5.97 15.66 -7.30
C GLY A 103 6.99 16.09 -8.36
N PRO A 104 8.27 15.67 -8.11
CA PRO A 104 9.34 16.01 -9.03
C PRO A 104 9.26 15.16 -10.30
N SER A 105 9.18 13.85 -10.10
CA SER A 105 9.10 12.92 -11.21
C SER A 105 8.03 13.39 -12.20
N SER A 106 8.24 13.03 -13.46
CA SER A 106 7.31 13.41 -14.51
C SER A 106 7.33 14.92 -14.72
N GLY A 107 8.00 15.33 -15.80
CA GLY A 107 8.10 16.74 -16.12
C GLY A 107 7.18 17.11 -17.29
N GLY A 1 -24.48 14.91 -4.53
CA GLY A 1 -23.41 13.96 -4.26
C GLY A 1 -22.60 14.38 -3.04
N SER A 2 -21.58 13.59 -2.75
CA SER A 2 -20.71 13.86 -1.61
C SER A 2 -19.25 13.76 -2.02
N SER A 3 -18.41 14.44 -1.26
CA SER A 3 -16.98 14.45 -1.53
C SER A 3 -16.73 14.98 -2.95
N GLY A 4 -15.45 15.25 -3.22
CA GLY A 4 -15.06 15.77 -4.52
C GLY A 4 -13.55 15.93 -4.61
N SER A 5 -13.06 15.96 -5.84
CA SER A 5 -11.63 16.11 -6.08
C SER A 5 -10.87 14.95 -5.44
N SER A 6 -10.24 14.15 -6.30
CA SER A 6 -9.48 13.01 -5.83
C SER A 6 -8.37 12.68 -6.83
N GLY A 7 -7.38 11.93 -6.34
CA GLY A 7 -6.26 11.54 -7.18
C GLY A 7 -6.63 10.38 -8.09
N LYS A 8 -5.63 9.58 -8.41
CA LYS A 8 -5.84 8.42 -9.27
C LYS A 8 -5.35 7.16 -8.56
N SER A 9 -5.90 6.03 -8.97
CA SER A 9 -5.54 4.76 -8.38
C SER A 9 -4.84 3.88 -9.43
N LEU A 10 -3.57 3.58 -9.15
CA LEU A 10 -2.79 2.75 -10.06
C LEU A 10 -2.63 1.36 -9.46
N THR A 11 -2.52 0.38 -10.34
CA THR A 11 -2.35 -1.00 -9.91
C THR A 11 -0.89 -1.43 -10.03
N LEU A 12 -0.46 -2.20 -9.04
CA LEU A 12 0.91 -2.69 -9.02
C LEU A 12 0.91 -4.16 -8.62
N VAL A 13 1.71 -4.93 -9.34
CA VAL A 13 1.82 -6.36 -9.08
C VAL A 13 3.08 -6.63 -8.26
N LEU A 14 2.87 -7.12 -7.05
CA LEU A 14 3.98 -7.43 -6.17
C LEU A 14 4.27 -8.93 -6.21
N HIS A 15 5.51 -9.27 -5.91
CA HIS A 15 5.93 -10.65 -5.91
C HIS A 15 6.82 -10.94 -4.69
N ARG A 16 7.28 -12.17 -4.61
CA ARG A 16 8.13 -12.57 -3.50
C ARG A 16 9.34 -13.36 -4.02
N ASP A 17 10.48 -12.68 -4.03
CA ASP A 17 11.71 -13.30 -4.50
C ASP A 17 12.22 -14.27 -3.43
N SER A 18 11.98 -13.91 -2.18
CA SER A 18 12.41 -14.75 -1.06
C SER A 18 11.75 -14.27 0.23
N GLY A 19 10.43 -14.46 0.29
CA GLY A 19 9.68 -14.07 1.46
C GLY A 19 10.00 -12.62 1.85
N SER A 20 10.24 -11.80 0.84
CA SER A 20 10.57 -10.40 1.06
C SER A 20 10.01 -9.55 -0.08
N LEU A 21 8.78 -9.10 0.11
CA LEU A 21 8.13 -8.27 -0.88
C LEU A 21 9.11 -7.24 -1.41
N GLY A 22 9.92 -6.71 -0.50
CA GLY A 22 10.90 -5.71 -0.85
C GLY A 22 10.38 -4.30 -0.59
N PHE A 23 9.80 -4.13 0.59
CA PHE A 23 9.26 -2.84 0.99
C PHE A 23 8.67 -2.90 2.39
N ASN A 24 8.25 -1.74 2.87
CA ASN A 24 7.67 -1.64 4.20
C ASN A 24 6.38 -0.81 4.13
N ILE A 25 5.66 -0.80 5.24
CA ILE A 25 4.42 -0.05 5.33
C ILE A 25 4.39 0.74 6.63
N ILE A 26 3.61 1.81 6.62
CA ILE A 26 3.47 2.65 7.79
C ILE A 26 1.99 2.88 8.09
N GLY A 27 1.74 3.34 9.30
CA GLY A 27 0.37 3.60 9.72
C GLY A 27 -0.25 2.37 10.39
N GLY A 28 -1.05 2.63 11.42
CA GLY A 28 -1.70 1.56 12.16
C GLY A 28 -1.54 1.75 13.66
N ARG A 29 -1.97 0.74 14.41
CA ARG A 29 -1.88 0.78 15.86
C ARG A 29 -2.54 -0.46 16.46
N PRO A 30 -1.95 -0.93 17.58
CA PRO A 30 -2.46 -2.10 18.28
C PRO A 30 -3.74 -1.76 19.05
N SER A 31 -4.72 -2.65 18.93
CA SER A 31 -5.99 -2.46 19.62
C SER A 31 -6.66 -3.81 19.87
N VAL A 32 -7.16 -4.38 18.79
CA VAL A 32 -7.83 -5.68 18.88
C VAL A 32 -8.80 -5.66 20.06
N ASP A 33 -9.70 -4.68 20.04
CA ASP A 33 -10.68 -4.54 21.10
C ASP A 33 -11.22 -5.92 21.48
N ASN A 34 -11.94 -6.52 20.55
CA ASN A 34 -12.51 -7.84 20.77
C ASN A 34 -13.00 -8.41 19.44
N HIS A 35 -12.17 -9.24 18.84
CA HIS A 35 -12.51 -9.85 17.57
C HIS A 35 -12.89 -8.76 16.56
N ASP A 36 -13.20 -9.21 15.34
CA ASP A 36 -13.58 -8.29 14.28
C ASP A 36 -12.44 -7.29 14.04
N GLY A 37 -12.45 -6.72 12.85
CA GLY A 37 -11.43 -5.75 12.48
C GLY A 37 -12.03 -4.36 12.30
N SER A 38 -11.73 -3.48 13.25
CA SER A 38 -12.23 -2.13 13.21
C SER A 38 -11.76 -1.43 11.93
N SER A 39 -12.32 -0.26 11.68
CA SER A 39 -11.96 0.51 10.51
C SER A 39 -11.27 1.81 10.93
N SER A 40 -10.12 2.06 10.32
CA SER A 40 -9.36 3.25 10.63
C SER A 40 -7.90 3.07 10.21
N GLU A 41 -7.11 4.11 10.44
CA GLU A 41 -5.70 4.07 10.10
C GLU A 41 -5.53 3.97 8.58
N GLY A 42 -4.32 4.27 8.13
CA GLY A 42 -4.01 4.21 6.71
C GLY A 42 -2.75 3.38 6.45
N ILE A 43 -2.68 2.83 5.25
CA ILE A 43 -1.54 2.02 4.87
C ILE A 43 -0.77 2.72 3.75
N PHE A 44 0.49 3.00 4.03
CA PHE A 44 1.35 3.68 3.07
C PHE A 44 2.72 3.02 3.00
N VAL A 45 3.48 3.41 1.99
CA VAL A 45 4.82 2.87 1.80
C VAL A 45 5.86 3.94 2.17
N SER A 46 6.76 3.54 3.05
CA SER A 46 7.81 4.46 3.50
C SER A 46 9.18 3.86 3.21
N LYS A 47 9.16 2.61 2.75
CA LYS A 47 10.40 1.92 2.42
C LYS A 47 10.17 1.01 1.21
N ILE A 48 11.13 1.03 0.30
CA ILE A 48 11.04 0.22 -0.91
C ILE A 48 12.45 -0.25 -1.30
N VAL A 49 12.66 -1.55 -1.19
CA VAL A 49 13.95 -2.13 -1.53
C VAL A 49 14.12 -2.10 -3.06
N ASP A 50 15.37 -1.99 -3.47
CA ASP A 50 15.69 -1.97 -4.89
C ASP A 50 15.51 -3.37 -5.48
N SER A 51 16.61 -4.10 -5.49
CA SER A 51 16.60 -5.46 -6.02
C SER A 51 15.20 -6.05 -5.92
N GLY A 52 14.63 -5.94 -4.73
CA GLY A 52 13.29 -6.46 -4.49
C GLY A 52 12.43 -6.33 -5.74
N PRO A 53 11.54 -7.35 -5.93
CA PRO A 53 10.65 -7.36 -7.08
C PRO A 53 9.51 -6.35 -6.89
N ALA A 54 9.50 -5.73 -5.73
CA ALA A 54 8.47 -4.76 -5.41
C ALA A 54 8.87 -3.40 -5.97
N ALA A 55 10.17 -3.25 -6.20
CA ALA A 55 10.70 -2.01 -6.75
C ALA A 55 10.77 -2.10 -8.27
N LYS A 56 11.54 -3.07 -8.74
CA LYS A 56 11.70 -3.27 -10.17
C LYS A 56 10.31 -3.38 -10.81
N GLU A 57 9.76 -4.59 -10.74
CA GLU A 57 8.44 -4.84 -11.32
C GLU A 57 7.35 -4.22 -10.44
N GLY A 58 7.34 -4.64 -9.18
CA GLY A 58 6.35 -4.14 -8.24
C GLY A 58 5.64 -2.91 -8.79
N GLY A 59 6.40 -1.84 -8.95
CA GLY A 59 5.86 -0.61 -9.47
C GLY A 59 5.51 0.36 -8.33
N LEU A 60 5.73 -0.11 -7.11
CA LEU A 60 5.45 0.70 -5.93
C LEU A 60 6.37 1.92 -5.93
N GLN A 61 6.05 2.85 -5.04
CA GLN A 61 6.83 4.07 -4.93
C GLN A 61 6.76 4.61 -3.50
N ILE A 62 7.92 4.97 -2.97
CA ILE A 62 8.00 5.50 -1.62
C ILE A 62 6.93 6.58 -1.44
N HIS A 63 6.26 6.52 -0.29
CA HIS A 63 5.21 7.48 0.01
C HIS A 63 3.97 7.17 -0.83
N ASP A 64 3.46 5.97 -0.64
CA ASP A 64 2.28 5.54 -1.38
C ASP A 64 1.14 5.26 -0.38
N ARG A 65 -0.03 4.99 -0.94
CA ARG A 65 -1.20 4.69 -0.11
C ARG A 65 -1.92 3.45 -0.64
N ILE A 66 -1.42 2.29 -0.25
CA ILE A 66 -2.01 1.04 -0.68
C ILE A 66 -3.51 1.05 -0.38
N ILE A 67 -4.29 0.70 -1.39
CA ILE A 67 -5.73 0.68 -1.25
C ILE A 67 -6.20 -0.77 -1.13
N GLU A 68 -5.61 -1.62 -1.95
CA GLU A 68 -5.95 -3.04 -1.95
C GLU A 68 -4.72 -3.88 -2.29
N VAL A 69 -4.71 -5.10 -1.75
CA VAL A 69 -3.61 -6.02 -1.98
C VAL A 69 -4.15 -7.42 -2.20
N ASN A 70 -3.94 -7.93 -3.40
CA ASN A 70 -4.41 -9.26 -3.75
C ASN A 70 -5.93 -9.30 -3.66
N GLY A 71 -6.52 -8.12 -3.59
CA GLY A 71 -7.96 -8.00 -3.50
C GLY A 71 -8.41 -7.75 -2.06
N ARG A 72 -7.43 -7.65 -1.18
CA ARG A 72 -7.70 -7.42 0.23
C ARG A 72 -7.66 -5.92 0.53
N ASP A 73 -8.76 -5.44 1.09
CA ASP A 73 -8.86 -4.02 1.43
C ASP A 73 -7.99 -3.74 2.66
N LEU A 74 -7.07 -2.81 2.47
CA LEU A 74 -6.17 -2.43 3.56
C LEU A 74 -6.22 -0.91 3.75
N SER A 75 -7.11 -0.28 3.01
CA SER A 75 -7.28 1.16 3.10
C SER A 75 -7.54 1.58 4.54
N ARG A 76 -8.34 0.76 5.22
CA ARG A 76 -8.68 1.03 6.61
C ARG A 76 -8.05 -0.02 7.52
N ALA A 77 -7.04 -0.69 7.00
CA ALA A 77 -6.35 -1.72 7.75
C ALA A 77 -5.12 -1.12 8.46
N THR A 78 -4.44 -1.95 9.22
CA THR A 78 -3.26 -1.52 9.93
C THR A 78 -2.03 -2.29 9.46
N HIS A 79 -0.87 -1.82 9.91
CA HIS A 79 0.39 -2.45 9.53
C HIS A 79 0.30 -3.96 9.80
N ASP A 80 -0.27 -4.29 10.95
CA ASP A 80 -0.41 -5.68 11.33
C ASP A 80 -1.18 -6.43 10.24
N GLN A 81 -2.33 -5.87 9.89
CA GLN A 81 -3.17 -6.48 8.86
C GLN A 81 -2.47 -6.43 7.51
N ALA A 82 -2.00 -5.24 7.16
CA ALA A 82 -1.31 -5.05 5.90
C ALA A 82 -0.24 -6.13 5.74
N VAL A 83 0.62 -6.22 6.75
CA VAL A 83 1.69 -7.20 6.74
C VAL A 83 1.10 -8.58 6.45
N GLU A 84 0.16 -8.98 7.30
CA GLU A 84 -0.48 -10.27 7.15
C GLU A 84 -0.99 -10.45 5.73
N ALA A 85 -1.57 -9.39 5.19
CA ALA A 85 -2.09 -9.42 3.84
C ALA A 85 -0.97 -9.83 2.87
N PHE A 86 0.13 -9.09 2.93
CA PHE A 86 1.27 -9.36 2.07
C PHE A 86 1.94 -10.68 2.46
N LYS A 87 1.77 -11.04 3.72
CA LYS A 87 2.35 -12.28 4.23
C LYS A 87 1.56 -13.47 3.69
N THR A 88 0.25 -13.29 3.59
CA THR A 88 -0.62 -14.33 3.09
C THR A 88 -0.98 -14.07 1.63
N ALA A 89 -0.45 -12.97 1.10
CA ALA A 89 -0.71 -12.60 -0.27
C ALA A 89 -0.06 -13.62 -1.20
N LYS A 90 -0.74 -13.87 -2.32
CA LYS A 90 -0.24 -14.83 -3.29
C LYS A 90 0.15 -14.09 -4.58
N GLU A 91 1.12 -14.66 -5.28
CA GLU A 91 1.59 -14.06 -6.53
C GLU A 91 0.82 -14.63 -7.71
N PRO A 92 0.52 -13.74 -8.69
CA PRO A 92 0.91 -12.34 -8.57
C PRO A 92 0.03 -11.60 -7.56
N ILE A 93 0.66 -10.71 -6.83
CA ILE A 93 -0.06 -9.92 -5.82
C ILE A 93 -0.49 -8.59 -6.45
N VAL A 94 -1.80 -8.46 -6.61
CA VAL A 94 -2.36 -7.25 -7.19
C VAL A 94 -2.52 -6.19 -6.10
N VAL A 95 -1.71 -5.15 -6.20
CA VAL A 95 -1.75 -4.07 -5.22
C VAL A 95 -2.18 -2.78 -5.93
N GLN A 96 -2.81 -1.92 -5.15
CA GLN A 96 -3.29 -0.64 -5.68
C GLN A 96 -2.93 0.49 -4.72
N VAL A 97 -2.48 1.59 -5.31
CA VAL A 97 -2.10 2.76 -4.52
C VAL A 97 -2.77 4.00 -5.11
N LEU A 98 -2.77 5.06 -4.31
CA LEU A 98 -3.37 6.31 -4.73
C LEU A 98 -2.27 7.33 -5.05
N ARG A 99 -2.06 7.55 -6.34
CA ARG A 99 -1.04 8.47 -6.78
C ARG A 99 -1.69 9.79 -7.24
N ARG A 100 -1.04 10.88 -6.88
CA ARG A 100 -1.54 12.21 -7.24
C ARG A 100 -1.89 12.24 -8.73
N THR A 101 -2.61 13.30 -9.11
CA THR A 101 -3.02 13.47 -10.49
C THR A 101 -1.80 13.44 -11.42
N SER A 102 -2.08 13.52 -12.71
CA SER A 102 -1.02 13.50 -13.71
C SER A 102 -0.51 14.92 -13.94
N GLY A 103 0.80 15.05 -14.00
CA GLY A 103 1.43 16.34 -14.23
C GLY A 103 2.57 16.24 -15.24
N PRO A 104 3.03 17.43 -15.71
CA PRO A 104 4.11 17.48 -16.68
C PRO A 104 5.46 17.17 -16.03
N SER A 105 5.80 15.89 -16.02
CA SER A 105 7.05 15.44 -15.43
C SER A 105 7.17 13.93 -15.52
N SER A 106 8.41 13.47 -15.54
CA SER A 106 8.68 12.04 -15.63
C SER A 106 8.48 11.39 -14.26
N GLY A 107 7.71 10.31 -14.25
CA GLY A 107 7.44 9.59 -13.03
C GLY A 107 7.87 8.13 -13.14
N GLY A 1 -15.02 9.92 6.97
CA GLY A 1 -15.43 10.80 5.88
C GLY A 1 -15.03 12.25 6.17
N SER A 2 -13.76 12.53 5.95
CA SER A 2 -13.24 13.87 6.17
C SER A 2 -12.78 14.49 4.85
N SER A 3 -13.54 15.47 4.39
CA SER A 3 -13.23 16.15 3.14
C SER A 3 -13.24 15.14 1.98
N GLY A 4 -13.46 15.66 0.79
CA GLY A 4 -13.50 14.83 -0.40
C GLY A 4 -12.30 15.12 -1.31
N SER A 5 -11.51 14.09 -1.55
CA SER A 5 -10.33 14.23 -2.40
C SER A 5 -10.43 13.25 -3.58
N SER A 6 -10.33 13.82 -4.77
CA SER A 6 -10.40 13.02 -5.99
C SER A 6 -9.00 12.78 -6.55
N GLY A 7 -8.45 11.63 -6.23
CA GLY A 7 -7.12 11.27 -6.69
C GLY A 7 -7.19 10.21 -7.79
N LYS A 8 -6.07 9.51 -7.96
CA LYS A 8 -6.00 8.47 -8.97
C LYS A 8 -5.54 7.17 -8.31
N SER A 9 -5.93 6.06 -8.92
CA SER A 9 -5.57 4.74 -8.41
C SER A 9 -4.91 3.92 -9.51
N LEU A 10 -3.77 3.35 -9.18
CA LEU A 10 -3.02 2.53 -10.13
C LEU A 10 -2.84 1.13 -9.55
N THR A 11 -2.67 0.17 -10.45
CA THR A 11 -2.48 -1.21 -10.03
C THR A 11 -1.02 -1.64 -10.26
N LEU A 12 -0.51 -2.41 -9.31
CA LEU A 12 0.86 -2.88 -9.39
C LEU A 12 0.92 -4.32 -8.88
N VAL A 13 1.84 -5.08 -9.45
CA VAL A 13 2.02 -6.47 -9.06
C VAL A 13 3.24 -6.59 -8.15
N LEU A 14 2.97 -7.01 -6.91
CA LEU A 14 4.03 -7.17 -5.94
C LEU A 14 4.36 -8.66 -5.79
N HIS A 15 5.59 -8.92 -5.37
CA HIS A 15 6.03 -10.29 -5.18
C HIS A 15 6.92 -10.38 -3.93
N ARG A 16 7.13 -11.60 -3.48
CA ARG A 16 7.95 -11.83 -2.30
C ARG A 16 9.00 -12.91 -2.58
N ASP A 17 10.23 -12.47 -2.75
CA ASP A 17 11.32 -13.39 -3.02
C ASP A 17 11.35 -14.47 -1.95
N SER A 18 11.47 -14.03 -0.71
CA SER A 18 11.51 -14.95 0.42
C SER A 18 10.67 -14.41 1.57
N GLY A 19 9.39 -14.74 1.52
CA GLY A 19 8.46 -14.29 2.54
C GLY A 19 8.74 -12.84 2.96
N SER A 20 9.09 -12.04 1.96
CA SER A 20 9.40 -10.64 2.20
C SER A 20 9.09 -9.81 0.95
N LEU A 21 8.16 -8.89 1.12
CA LEU A 21 7.76 -8.03 0.01
C LEU A 21 8.90 -7.07 -0.31
N GLY A 22 9.92 -7.09 0.54
CA GLY A 22 11.07 -6.23 0.34
C GLY A 22 10.82 -4.83 0.93
N PHE A 23 9.74 -4.22 0.46
CA PHE A 23 9.38 -2.89 0.93
C PHE A 23 8.79 -2.95 2.34
N ASN A 24 8.41 -1.78 2.83
CA ASN A 24 7.82 -1.68 4.16
C ASN A 24 6.62 -0.74 4.11
N ILE A 25 5.78 -0.86 5.14
CA ILE A 25 4.59 -0.03 5.22
C ILE A 25 4.55 0.64 6.60
N ILE A 26 3.77 1.71 6.67
CA ILE A 26 3.64 2.46 7.90
C ILE A 26 2.15 2.59 8.26
N GLY A 27 1.90 2.98 9.50
CA GLY A 27 0.54 3.14 9.97
C GLY A 27 0.26 2.23 11.17
N GLY A 28 -1.03 2.02 11.42
CA GLY A 28 -1.44 1.17 12.53
C GLY A 28 -0.84 1.67 13.84
N ARG A 29 -1.40 1.17 14.94
CA ARG A 29 -0.94 1.55 16.26
C ARG A 29 -0.76 0.31 17.14
N PRO A 30 0.45 0.21 17.75
CA PRO A 30 0.76 -0.92 18.62
C PRO A 30 0.05 -0.79 19.96
N SER A 31 -1.28 -0.81 19.90
CA SER A 31 -2.09 -0.70 21.10
C SER A 31 -3.29 -1.64 21.02
N VAL A 32 -3.64 -2.19 22.17
CA VAL A 32 -4.77 -3.12 22.24
C VAL A 32 -5.71 -2.67 23.36
N ASP A 33 -6.19 -1.45 23.23
CA ASP A 33 -7.11 -0.90 24.22
C ASP A 33 -8.50 -1.49 24.01
N ASN A 34 -9.06 -1.19 22.84
CA ASN A 34 -10.39 -1.68 22.51
C ASN A 34 -10.69 -1.34 21.04
N HIS A 35 -10.66 -0.05 20.74
CA HIS A 35 -10.93 0.41 19.40
C HIS A 35 -10.77 1.93 19.33
N ASP A 36 -10.75 2.44 18.12
CA ASP A 36 -10.61 3.87 17.91
C ASP A 36 -9.21 4.31 18.35
N GLY A 37 -8.76 5.41 17.75
CA GLY A 37 -7.44 5.94 18.07
C GLY A 37 -7.35 7.42 17.71
N SER A 38 -6.43 7.73 16.82
CA SER A 38 -6.23 9.09 16.38
C SER A 38 -5.45 9.12 15.06
N SER A 39 -4.20 8.68 15.15
CA SER A 39 -3.34 8.64 13.97
C SER A 39 -2.73 7.25 13.82
N SER A 40 -3.52 6.35 13.24
CA SER A 40 -3.07 4.99 13.03
C SER A 40 -4.18 4.17 12.39
N GLU A 41 -4.05 3.95 11.09
CA GLU A 41 -5.04 3.18 10.36
C GLU A 41 -4.72 3.19 8.87
N GLY A 42 -4.15 4.31 8.43
CA GLY A 42 -3.78 4.46 7.02
C GLY A 42 -2.45 3.78 6.73
N ILE A 43 -2.48 2.88 5.75
CA ILE A 43 -1.29 2.15 5.36
C ILE A 43 -0.59 2.90 4.21
N PHE A 44 0.70 3.12 4.40
CA PHE A 44 1.49 3.82 3.39
C PHE A 44 2.89 3.22 3.28
N VAL A 45 3.53 3.48 2.15
CA VAL A 45 4.87 2.98 1.92
C VAL A 45 5.88 4.09 2.18
N SER A 46 6.75 3.84 3.15
CA SER A 46 7.78 4.80 3.51
C SER A 46 9.16 4.25 3.17
N LYS A 47 9.18 3.00 2.74
CA LYS A 47 10.43 2.35 2.37
C LYS A 47 10.21 1.47 1.15
N ILE A 48 11.24 1.37 0.33
CA ILE A 48 11.17 0.57 -0.88
C ILE A 48 12.58 0.13 -1.27
N VAL A 49 12.79 -1.19 -1.18
CA VAL A 49 14.08 -1.75 -1.53
C VAL A 49 14.28 -1.69 -3.04
N ASP A 50 15.50 -1.33 -3.42
CA ASP A 50 15.83 -1.22 -4.84
C ASP A 50 15.83 -2.62 -5.46
N SER A 51 16.97 -3.30 -5.32
CA SER A 51 17.10 -4.63 -5.87
C SER A 51 15.88 -5.48 -5.50
N GLY A 52 15.23 -5.08 -4.41
CA GLY A 52 14.05 -5.80 -3.95
C GLY A 52 13.03 -5.97 -5.07
N PRO A 53 12.15 -6.99 -4.91
CA PRO A 53 11.14 -7.28 -5.90
C PRO A 53 10.00 -6.25 -5.83
N ALA A 54 10.02 -5.47 -4.76
CA ALA A 54 9.00 -4.44 -4.58
C ALA A 54 9.27 -3.28 -5.54
N ALA A 55 10.55 -2.98 -5.72
CA ALA A 55 10.95 -1.91 -6.62
C ALA A 55 11.24 -2.49 -8.00
N LYS A 56 11.93 -3.61 -8.00
CA LYS A 56 12.29 -4.27 -9.25
C LYS A 56 11.06 -4.32 -10.17
N GLU A 57 10.22 -5.30 -9.94
CA GLU A 57 9.01 -5.46 -10.74
C GLU A 57 7.81 -4.94 -9.97
N GLY A 58 7.86 -5.07 -8.65
CA GLY A 58 6.77 -4.62 -7.80
C GLY A 58 6.00 -3.48 -8.45
N GLY A 59 6.69 -2.36 -8.62
CA GLY A 59 6.07 -1.19 -9.23
C GLY A 59 5.64 -0.17 -8.17
N LEU A 60 5.92 -0.52 -6.91
CA LEU A 60 5.57 0.35 -5.81
C LEU A 60 6.46 1.59 -5.83
N GLN A 61 6.09 2.56 -5.02
CA GLN A 61 6.85 3.80 -4.94
C GLN A 61 6.66 4.45 -3.56
N ILE A 62 7.79 4.77 -2.94
CA ILE A 62 7.77 5.38 -1.62
C ILE A 62 6.70 6.47 -1.60
N HIS A 63 6.15 6.69 -0.40
CA HIS A 63 5.12 7.70 -0.23
C HIS A 63 3.89 7.32 -1.08
N ASP A 64 3.47 6.08 -0.94
CA ASP A 64 2.32 5.59 -1.69
C ASP A 64 1.41 4.82 -0.75
N ARG A 65 0.15 5.23 -0.72
CA ARG A 65 -0.84 4.59 0.12
C ARG A 65 -1.45 3.37 -0.59
N ILE A 66 -1.38 2.24 0.08
CA ILE A 66 -1.92 1.00 -0.48
C ILE A 66 -3.45 1.01 -0.35
N ILE A 67 -4.11 0.67 -1.45
CA ILE A 67 -5.55 0.65 -1.47
C ILE A 67 -6.03 -0.80 -1.29
N GLU A 68 -5.54 -1.67 -2.17
CA GLU A 68 -5.91 -3.07 -2.12
C GLU A 68 -4.68 -3.95 -2.35
N VAL A 69 -4.75 -5.17 -1.84
CA VAL A 69 -3.66 -6.10 -1.99
C VAL A 69 -4.22 -7.51 -2.23
N ASN A 70 -3.93 -8.03 -3.42
CA ASN A 70 -4.40 -9.35 -3.79
C ASN A 70 -5.93 -9.40 -3.64
N GLY A 71 -6.53 -8.22 -3.61
CA GLY A 71 -7.97 -8.13 -3.48
C GLY A 71 -8.36 -7.75 -2.05
N ARG A 72 -7.35 -7.68 -1.20
CA ARG A 72 -7.58 -7.33 0.20
C ARG A 72 -7.43 -5.83 0.41
N ASP A 73 -8.40 -5.26 1.10
CA ASP A 73 -8.39 -3.83 1.37
C ASP A 73 -7.49 -3.55 2.57
N LEU A 74 -6.59 -2.60 2.38
CA LEU A 74 -5.67 -2.23 3.45
C LEU A 74 -5.79 -0.72 3.72
N SER A 75 -6.72 -0.10 3.01
CA SER A 75 -6.94 1.32 3.16
C SER A 75 -7.35 1.64 4.61
N ARG A 76 -8.17 0.75 5.16
CA ARG A 76 -8.63 0.93 6.52
C ARG A 76 -8.07 -0.17 7.42
N ALA A 77 -6.99 -0.77 6.96
CA ALA A 77 -6.34 -1.83 7.71
C ALA A 77 -5.13 -1.27 8.45
N THR A 78 -4.60 -2.08 9.36
CA THR A 78 -3.45 -1.67 10.15
C THR A 78 -2.17 -2.34 9.62
N HIS A 79 -1.05 -1.83 10.08
CA HIS A 79 0.23 -2.37 9.66
C HIS A 79 0.24 -3.89 9.84
N ASP A 80 -0.33 -4.32 10.96
CA ASP A 80 -0.39 -5.74 11.26
C ASP A 80 -1.17 -6.46 10.15
N GLN A 81 -2.36 -5.94 9.87
CA GLN A 81 -3.20 -6.52 8.84
C GLN A 81 -2.51 -6.42 7.48
N ALA A 82 -2.02 -5.24 7.17
CA ALA A 82 -1.34 -5.00 5.91
C ALA A 82 -0.25 -6.06 5.72
N VAL A 83 0.57 -6.21 6.75
CA VAL A 83 1.65 -7.18 6.71
C VAL A 83 1.07 -8.57 6.46
N GLU A 84 0.14 -8.96 7.32
CA GLU A 84 -0.49 -10.26 7.20
C GLU A 84 -1.06 -10.44 5.78
N ALA A 85 -1.75 -9.42 5.32
CA ALA A 85 -2.34 -9.45 3.99
C ALA A 85 -1.27 -9.84 2.97
N PHE A 86 -0.15 -9.14 3.04
CA PHE A 86 0.95 -9.39 2.13
C PHE A 86 1.59 -10.76 2.42
N LYS A 87 1.45 -11.19 3.66
CA LYS A 87 2.01 -12.47 4.08
C LYS A 87 1.16 -13.60 3.50
N THR A 88 -0.15 -13.42 3.58
CA THR A 88 -1.08 -14.42 3.07
C THR A 88 -1.36 -14.17 1.58
N ALA A 89 -0.73 -13.13 1.07
CA ALA A 89 -0.91 -12.78 -0.33
C ALA A 89 -0.18 -13.79 -1.21
N LYS A 90 -0.66 -13.92 -2.43
CA LYS A 90 -0.07 -14.86 -3.38
C LYS A 90 0.23 -14.14 -4.69
N GLU A 91 1.32 -14.55 -5.33
CA GLU A 91 1.72 -13.95 -6.59
C GLU A 91 0.97 -14.60 -7.75
N PRO A 92 0.61 -13.74 -8.75
CA PRO A 92 0.95 -12.32 -8.68
C PRO A 92 0.04 -11.59 -7.70
N ILE A 93 0.67 -10.76 -6.87
CA ILE A 93 -0.07 -10.00 -5.88
C ILE A 93 -0.54 -8.68 -6.50
N VAL A 94 -1.85 -8.56 -6.64
CA VAL A 94 -2.43 -7.36 -7.21
C VAL A 94 -2.55 -6.29 -6.13
N VAL A 95 -1.74 -5.25 -6.26
CA VAL A 95 -1.75 -4.16 -5.31
C VAL A 95 -2.10 -2.85 -6.04
N GLN A 96 -2.71 -1.95 -5.30
CA GLN A 96 -3.10 -0.67 -5.84
C GLN A 96 -2.72 0.47 -4.89
N VAL A 97 -2.40 1.61 -5.46
CA VAL A 97 -2.02 2.77 -4.68
C VAL A 97 -2.79 4.00 -5.17
N LEU A 98 -2.84 5.01 -4.32
CA LEU A 98 -3.54 6.24 -4.66
C LEU A 98 -2.52 7.33 -4.96
N ARG A 99 -2.47 7.74 -6.22
CA ARG A 99 -1.56 8.78 -6.63
C ARG A 99 -2.31 10.08 -6.91
N ARG A 100 -1.72 11.18 -6.47
CA ARG A 100 -2.33 12.48 -6.66
C ARG A 100 -2.58 12.73 -8.15
N THR A 101 -3.28 13.82 -8.42
CA THR A 101 -3.60 14.18 -9.80
C THR A 101 -2.32 14.28 -10.63
N SER A 102 -2.37 13.70 -11.81
CA SER A 102 -1.23 13.71 -12.72
C SER A 102 -1.37 14.87 -13.71
N GLY A 103 -0.25 15.17 -14.36
CA GLY A 103 -0.23 16.25 -15.34
C GLY A 103 1.04 16.19 -16.19
N PRO A 104 1.54 17.39 -16.57
CA PRO A 104 2.73 17.48 -17.39
C PRO A 104 3.98 17.19 -16.56
N SER A 105 4.83 16.33 -17.11
CA SER A 105 6.06 15.96 -16.43
C SER A 105 7.27 16.49 -17.21
N SER A 106 8.42 16.46 -16.55
CA SER A 106 9.64 16.94 -17.16
C SER A 106 10.85 16.57 -16.28
N GLY A 107 11.74 15.78 -16.85
CA GLY A 107 12.93 15.35 -16.14
C GLY A 107 12.60 15.02 -14.68
N GLY A 1 -21.33 13.05 -10.62
CA GLY A 1 -20.28 12.74 -9.67
C GLY A 1 -20.05 13.90 -8.69
N SER A 2 -20.45 13.68 -7.45
CA SER A 2 -20.29 14.69 -6.42
C SER A 2 -19.75 14.06 -5.15
N SER A 3 -18.95 14.84 -4.44
CA SER A 3 -18.36 14.37 -3.19
C SER A 3 -17.44 13.18 -3.47
N GLY A 4 -16.40 13.08 -2.67
CA GLY A 4 -15.43 11.99 -2.82
C GLY A 4 -14.05 12.53 -3.17
N SER A 5 -13.10 12.25 -2.29
CA SER A 5 -11.73 12.69 -2.50
C SER A 5 -11.34 12.51 -3.97
N SER A 6 -10.42 13.36 -4.42
CA SER A 6 -9.97 13.30 -5.79
C SER A 6 -8.54 12.72 -5.84
N GLY A 7 -8.24 12.09 -6.96
CA GLY A 7 -6.93 11.49 -7.15
C GLY A 7 -6.96 10.43 -8.25
N LYS A 8 -6.01 9.52 -8.18
CA LYS A 8 -5.92 8.45 -9.16
C LYS A 8 -5.51 7.15 -8.47
N SER A 9 -5.91 6.04 -9.07
CA SER A 9 -5.59 4.73 -8.53
C SER A 9 -4.92 3.86 -9.60
N LEU A 10 -3.72 3.42 -9.28
CA LEU A 10 -2.97 2.58 -10.20
C LEU A 10 -2.81 1.17 -9.60
N THR A 11 -2.63 0.21 -10.48
CA THR A 11 -2.47 -1.18 -10.05
C THR A 11 -1.01 -1.61 -10.21
N LEU A 12 -0.55 -2.37 -9.22
CA LEU A 12 0.83 -2.87 -9.24
C LEU A 12 0.86 -4.30 -8.74
N VAL A 13 1.69 -5.11 -9.37
CA VAL A 13 1.82 -6.50 -9.00
C VAL A 13 3.06 -6.67 -8.12
N LEU A 14 2.83 -7.09 -6.89
CA LEU A 14 3.90 -7.29 -5.94
C LEU A 14 4.21 -8.79 -5.84
N HIS A 15 5.44 -9.09 -5.46
CA HIS A 15 5.87 -10.47 -5.31
C HIS A 15 6.71 -10.62 -4.05
N ARG A 16 6.40 -11.67 -3.30
CA ARG A 16 7.11 -11.93 -2.06
C ARG A 16 8.20 -12.99 -2.29
N ASP A 17 9.35 -12.52 -2.78
CA ASP A 17 10.46 -13.41 -3.04
C ASP A 17 11.00 -13.97 -1.73
N SER A 18 10.41 -15.08 -1.31
CA SER A 18 10.81 -15.72 -0.07
C SER A 18 10.49 -14.81 1.12
N GLY A 19 9.20 -14.65 1.37
CA GLY A 19 8.76 -13.81 2.47
C GLY A 19 9.54 -12.50 2.53
N SER A 20 9.51 -11.79 1.40
CA SER A 20 10.21 -10.53 1.30
C SER A 20 9.73 -9.76 0.06
N LEU A 21 8.66 -9.00 0.25
CA LEU A 21 8.11 -8.22 -0.83
C LEU A 21 9.15 -7.20 -1.32
N GLY A 22 9.87 -6.64 -0.37
CA GLY A 22 10.89 -5.66 -0.68
C GLY A 22 10.40 -4.24 -0.41
N PHE A 23 9.72 -4.09 0.73
CA PHE A 23 9.19 -2.79 1.12
C PHE A 23 8.58 -2.84 2.52
N ASN A 24 8.18 -1.68 3.00
CA ASN A 24 7.58 -1.58 4.32
C ASN A 24 6.40 -0.61 4.26
N ILE A 25 5.64 -0.58 5.35
CA ILE A 25 4.48 0.29 5.44
C ILE A 25 4.51 1.03 6.78
N ILE A 26 3.76 2.11 6.84
CA ILE A 26 3.69 2.92 8.04
C ILE A 26 2.22 3.10 8.45
N GLY A 27 2.04 3.50 9.70
CA GLY A 27 0.69 3.71 10.22
C GLY A 27 0.34 2.65 11.26
N GLY A 28 -0.95 2.37 11.36
CA GLY A 28 -1.43 1.38 12.31
C GLY A 28 -1.33 1.90 13.74
N ARG A 29 -2.25 1.43 14.58
CA ARG A 29 -2.28 1.85 15.97
C ARG A 29 -2.57 0.64 16.87
N PRO A 30 -2.20 0.79 18.17
CA PRO A 30 -2.40 -0.27 19.14
C PRO A 30 -3.88 -0.36 19.54
N SER A 31 -4.39 -1.58 19.50
CA SER A 31 -5.78 -1.81 19.86
C SER A 31 -5.87 -2.71 21.10
N VAL A 32 -6.46 -2.16 22.15
CA VAL A 32 -6.60 -2.90 23.39
C VAL A 32 -8.07 -2.92 23.80
N ASP A 33 -8.87 -3.54 22.95
CA ASP A 33 -10.31 -3.64 23.20
C ASP A 33 -10.78 -5.06 22.86
N ASN A 34 -11.87 -5.45 23.48
CA ASN A 34 -12.44 -6.76 23.25
C ASN A 34 -13.17 -6.78 21.91
N HIS A 35 -13.42 -7.98 21.43
CA HIS A 35 -14.12 -8.14 20.15
C HIS A 35 -13.21 -7.67 19.01
N ASP A 36 -13.14 -6.35 18.86
CA ASP A 36 -12.32 -5.77 17.81
C ASP A 36 -12.08 -4.29 18.14
N GLY A 37 -10.82 -3.90 18.07
CA GLY A 37 -10.44 -2.53 18.34
C GLY A 37 -9.75 -1.89 17.13
N SER A 38 -10.51 -1.09 16.40
CA SER A 38 -9.98 -0.42 15.23
C SER A 38 -10.85 0.78 14.87
N SER A 39 -10.24 1.96 14.90
CA SER A 39 -10.94 3.19 14.59
C SER A 39 -10.77 3.53 13.11
N SER A 40 -9.52 3.74 12.73
CA SER A 40 -9.21 4.06 11.35
C SER A 40 -7.71 4.35 11.21
N GLU A 41 -7.06 3.53 10.39
CA GLU A 41 -5.63 3.68 10.16
C GLU A 41 -5.35 3.79 8.66
N GLY A 42 -4.16 4.28 8.35
CA GLY A 42 -3.75 4.44 6.97
C GLY A 42 -2.44 3.69 6.69
N ILE A 43 -2.44 2.94 5.59
CA ILE A 43 -1.26 2.19 5.21
C ILE A 43 -0.53 2.93 4.09
N PHE A 44 0.73 3.26 4.36
CA PHE A 44 1.55 3.96 3.39
C PHE A 44 2.97 3.38 3.35
N VAL A 45 3.56 3.45 2.18
CA VAL A 45 4.91 2.94 1.99
C VAL A 45 5.92 4.06 2.26
N SER A 46 6.85 3.76 3.15
CA SER A 46 7.88 4.73 3.51
C SER A 46 9.26 4.19 3.16
N LYS A 47 9.28 2.94 2.71
CA LYS A 47 10.53 2.29 2.34
C LYS A 47 10.26 1.30 1.20
N ILE A 48 11.27 1.14 0.36
CA ILE A 48 11.16 0.23 -0.78
C ILE A 48 12.54 -0.26 -1.17
N VAL A 49 12.75 -1.56 -1.02
CA VAL A 49 14.03 -2.17 -1.36
C VAL A 49 14.21 -2.16 -2.89
N ASP A 50 15.45 -2.07 -3.30
CA ASP A 50 15.77 -2.05 -4.72
C ASP A 50 15.65 -3.47 -5.28
N SER A 51 16.76 -4.19 -5.24
CA SER A 51 16.79 -5.56 -5.74
C SER A 51 15.38 -6.17 -5.67
N GLY A 52 14.78 -6.03 -4.50
CA GLY A 52 13.45 -6.57 -4.28
C GLY A 52 12.62 -6.51 -5.57
N PRO A 53 11.72 -7.52 -5.72
CA PRO A 53 10.86 -7.60 -6.90
C PRO A 53 9.74 -6.56 -6.82
N ALA A 54 9.64 -5.91 -5.67
CA ALA A 54 8.63 -4.90 -5.46
C ALA A 54 9.07 -3.60 -6.11
N ALA A 55 10.39 -3.40 -6.14
CA ALA A 55 10.95 -2.20 -6.74
C ALA A 55 11.32 -2.49 -8.20
N LYS A 56 11.73 -3.72 -8.45
CA LYS A 56 12.11 -4.14 -9.79
C LYS A 56 10.91 -3.99 -10.72
N GLU A 57 10.07 -5.00 -10.72
CA GLU A 57 8.88 -5.01 -11.56
C GLU A 57 7.64 -4.67 -10.73
N GLY A 58 7.78 -4.82 -9.41
CA GLY A 58 6.69 -4.54 -8.51
C GLY A 58 5.83 -3.39 -9.02
N GLY A 59 6.44 -2.21 -9.06
CA GLY A 59 5.74 -1.03 -9.53
C GLY A 59 5.46 -0.07 -8.37
N LEU A 60 5.67 -0.56 -7.16
CA LEU A 60 5.45 0.24 -5.97
C LEU A 60 6.39 1.44 -5.98
N GLN A 61 6.12 2.36 -5.07
CA GLN A 61 6.92 3.57 -4.97
C GLN A 61 6.68 4.26 -3.62
N ILE A 62 7.77 4.55 -2.94
CA ILE A 62 7.69 5.21 -1.64
C ILE A 62 6.59 6.27 -1.69
N HIS A 63 6.08 6.59 -0.51
CA HIS A 63 5.03 7.59 -0.39
C HIS A 63 3.83 7.17 -1.25
N ASP A 64 3.40 5.94 -1.06
CA ASP A 64 2.27 5.41 -1.80
C ASP A 64 1.32 4.69 -0.84
N ARG A 65 0.10 5.19 -0.79
CA ARG A 65 -0.91 4.61 0.08
C ARG A 65 -1.58 3.42 -0.61
N ILE A 66 -1.40 2.26 0.00
CA ILE A 66 -1.99 1.04 -0.55
C ILE A 66 -3.50 1.08 -0.37
N ILE A 67 -4.20 0.68 -1.42
CA ILE A 67 -5.65 0.67 -1.40
C ILE A 67 -6.15 -0.77 -1.24
N GLU A 68 -5.59 -1.64 -2.07
CA GLU A 68 -5.95 -3.05 -2.05
C GLU A 68 -4.73 -3.92 -2.34
N VAL A 69 -4.78 -5.13 -1.80
CA VAL A 69 -3.68 -6.07 -2.00
C VAL A 69 -4.25 -7.47 -2.19
N ASN A 70 -4.00 -8.02 -3.37
CA ASN A 70 -4.49 -9.35 -3.70
C ASN A 70 -6.01 -9.39 -3.54
N GLY A 71 -6.61 -8.21 -3.56
CA GLY A 71 -8.05 -8.10 -3.42
C GLY A 71 -8.43 -7.75 -1.98
N ARG A 72 -7.41 -7.62 -1.15
CA ARG A 72 -7.62 -7.30 0.26
C ARG A 72 -7.43 -5.79 0.48
N ASP A 73 -8.46 -5.18 1.07
CA ASP A 73 -8.41 -3.76 1.34
C ASP A 73 -7.49 -3.50 2.54
N LEU A 74 -6.59 -2.53 2.35
CA LEU A 74 -5.65 -2.17 3.39
C LEU A 74 -5.78 -0.69 3.72
N SER A 75 -6.71 -0.05 3.01
CA SER A 75 -6.95 1.37 3.22
C SER A 75 -7.37 1.64 4.67
N ARG A 76 -8.18 0.71 5.19
CA ARG A 76 -8.65 0.83 6.55
C ARG A 76 -8.07 -0.28 7.42
N ALA A 77 -6.95 -0.81 6.95
CA ALA A 77 -6.28 -1.88 7.68
C ALA A 77 -5.06 -1.31 8.41
N THR A 78 -4.51 -2.13 9.30
CA THR A 78 -3.35 -1.71 10.07
C THR A 78 -2.08 -2.36 9.52
N HIS A 79 -0.95 -1.98 10.10
CA HIS A 79 0.32 -2.51 9.68
C HIS A 79 0.33 -4.03 9.84
N ASP A 80 -0.28 -4.48 10.91
CA ASP A 80 -0.36 -5.91 11.20
C ASP A 80 -1.15 -6.61 10.08
N GLN A 81 -2.34 -6.07 9.83
CA GLN A 81 -3.20 -6.62 8.80
C GLN A 81 -2.52 -6.53 7.43
N ALA A 82 -2.06 -5.33 7.11
CA ALA A 82 -1.39 -5.10 5.84
C ALA A 82 -0.30 -6.15 5.65
N VAL A 83 0.58 -6.24 6.63
CA VAL A 83 1.67 -7.20 6.58
C VAL A 83 1.11 -8.59 6.32
N GLU A 84 0.18 -8.99 7.18
CA GLU A 84 -0.45 -10.30 7.05
C GLU A 84 -0.98 -10.50 5.63
N ALA A 85 -1.61 -9.45 5.11
CA ALA A 85 -2.17 -9.49 3.78
C ALA A 85 -1.07 -9.86 2.78
N PHE A 86 0.02 -9.10 2.83
CA PHE A 86 1.14 -9.34 1.95
C PHE A 86 1.80 -10.70 2.25
N LYS A 87 1.63 -11.13 3.49
CA LYS A 87 2.21 -12.39 3.93
C LYS A 87 1.37 -13.54 3.39
N THR A 88 0.07 -13.43 3.59
CA THR A 88 -0.86 -14.45 3.13
C THR A 88 -1.19 -14.24 1.65
N ALA A 89 -0.78 -13.09 1.14
CA ALA A 89 -1.02 -12.76 -0.25
C ALA A 89 -0.30 -13.77 -1.15
N LYS A 90 -0.83 -13.94 -2.34
CA LYS A 90 -0.26 -14.88 -3.30
C LYS A 90 0.03 -14.13 -4.61
N GLU A 91 1.06 -14.62 -5.30
CA GLU A 91 1.46 -14.01 -6.56
C GLU A 91 0.68 -14.63 -7.71
N PRO A 92 0.35 -13.78 -8.72
CA PRO A 92 0.72 -12.38 -8.66
C PRO A 92 -0.16 -11.62 -7.67
N ILE A 93 0.49 -10.83 -6.82
CA ILE A 93 -0.22 -10.05 -5.82
C ILE A 93 -0.67 -8.72 -6.45
N VAL A 94 -1.97 -8.60 -6.60
CA VAL A 94 -2.54 -7.38 -7.18
C VAL A 94 -2.65 -6.31 -6.10
N VAL A 95 -1.81 -5.29 -6.24
CA VAL A 95 -1.81 -4.19 -5.29
C VAL A 95 -2.17 -2.90 -6.00
N GLN A 96 -2.77 -1.99 -5.25
CA GLN A 96 -3.19 -0.70 -5.80
C GLN A 96 -2.80 0.43 -4.85
N VAL A 97 -2.36 1.54 -5.44
CA VAL A 97 -1.97 2.69 -4.66
C VAL A 97 -2.73 3.92 -5.15
N LEU A 98 -2.69 4.97 -4.33
CA LEU A 98 -3.37 6.21 -4.67
C LEU A 98 -2.34 7.31 -4.91
N ARG A 99 -2.34 7.82 -6.12
CA ARG A 99 -1.40 8.88 -6.50
C ARG A 99 -2.17 10.06 -7.11
N ARG A 100 -1.74 11.26 -6.71
CA ARG A 100 -2.37 12.47 -7.21
C ARG A 100 -2.59 12.38 -8.72
N THR A 101 -3.37 13.33 -9.22
CA THR A 101 -3.67 13.36 -10.65
C THR A 101 -2.40 13.59 -11.46
N SER A 102 -2.42 13.10 -12.68
CA SER A 102 -1.28 13.25 -13.57
C SER A 102 -1.72 13.85 -14.91
N GLY A 103 -0.76 14.45 -15.60
CA GLY A 103 -1.04 15.07 -16.89
C GLY A 103 0.11 15.97 -17.32
N PRO A 104 -0.06 16.58 -18.53
CA PRO A 104 0.96 17.46 -19.07
C PRO A 104 0.95 18.81 -18.35
N SER A 105 2.14 19.35 -18.17
CA SER A 105 2.28 20.64 -17.49
C SER A 105 3.61 21.30 -17.91
N SER A 106 3.49 22.52 -18.41
CA SER A 106 4.66 23.27 -18.84
C SER A 106 4.23 24.63 -19.41
N GLY A 107 5.18 25.55 -19.43
CA GLY A 107 4.91 26.88 -19.93
C GLY A 107 5.61 27.94 -19.08
#